data_5EGF
#
_entry.id   5EGF
#
_cell.length_a   216.602
_cell.length_b   100.284
_cell.length_c   128.230
_cell.angle_alpha   90.00
_cell.angle_beta   100.18
_cell.angle_gamma   90.00
#
_symmetry.space_group_name_H-M   'C 1 2 1'
#
loop_
_entity.id
_entity.type
_entity.pdbx_description
1 polymer TqaA
2 non-polymer 1,2-ETHANEDIOL
3 non-polymer (HYDROXYETHYLOXY)TRI(ETHYLOXY)OCTANE
4 water water
#
_entity_poly.entity_id   1
_entity_poly.type   'polypeptide(L)'
_entity_poly.pdbx_seq_one_letter_code
;HHHHHHAVAKDSTESKSWEPFSLSPIKDPQALHAALCSKNVIPVTSTLEDLLPATQAQHVFIKRGTFHSYNWTIKGRSLN
(MSE)DRLRETCQSLVDRHSILRTSFVEHEGHPIQLVLANLDVKVREVQCWPGEDP(MSE)EVCKALWDGKDWPTLNVLG
GSLPVRFTLVSCPGNEHVVLTIQISHSQWDGVSIPKLFSDFAAIYNQTPLPPTSDFAHYLYHRVSSAREDVQQDPTFQFW
RHYLDGAK(MSE)AVPFAPRALTLCAEPAAAAQSGQTLWTFKGIVPPTLPSGIT(MSE)ATLVKAATALFLSYHLGSRDV
VFGHTVNGRNLP(MSE)DNIESLLGCTLNFVPLRVTFPEDSTDWTV(MSE)DLLHHTQTQYTRALSHEHVELRDIFQHST
NWPAETPLSLIVQHQNIDLSFSLPLRGSSVSGDGEDDSSLDVQYSKFARFDPLDEVWIFTEPHADRLEVQVCANSRVLGQ
EQATELANNISAIITKFSTDPTARLLDITF
;
_entity_poly.pdbx_strand_id   A,B,C,D
#
loop_
_chem_comp.id
_chem_comp.type
_chem_comp.name
_chem_comp.formula
C8E non-polymer (HYDROXYETHYLOXY)TRI(ETHYLOXY)OCTANE 'C16 H34 O5'
EDO non-polymer 1,2-ETHANEDIOL 'C2 H6 O2'
#
# COMPACT_ATOMS: atom_id res chain seq x y z
N TRP A 18 -42.84 -29.52 29.87
CA TRP A 18 -42.87 -30.06 28.51
C TRP A 18 -44.11 -29.59 27.78
N GLU A 19 -44.92 -28.80 28.48
CA GLU A 19 -46.03 -28.09 27.90
C GLU A 19 -45.48 -26.86 27.16
N PRO A 20 -45.90 -26.65 25.90
CA PRO A 20 -45.40 -25.59 25.03
C PRO A 20 -45.48 -24.20 25.66
N PHE A 21 -44.56 -23.33 25.26
CA PHE A 21 -44.58 -21.91 25.64
C PHE A 21 -44.32 -21.69 27.12
N SER A 22 -43.90 -22.72 27.83
CA SER A 22 -43.63 -22.57 29.26
C SER A 22 -42.13 -22.45 29.55
N LEU A 23 -41.33 -22.27 28.49
CA LEU A 23 -39.93 -21.93 28.69
C LEU A 23 -39.66 -20.57 28.04
N SER A 24 -40.67 -19.98 27.40
CA SER A 24 -40.52 -18.62 26.84
C SER A 24 -40.21 -17.58 27.91
N PRO A 25 -39.18 -16.75 27.64
CA PRO A 25 -38.79 -15.60 28.45
C PRO A 25 -39.64 -14.39 28.08
N ILE A 26 -40.52 -14.59 27.10
CA ILE A 26 -41.46 -13.55 26.71
C ILE A 26 -42.89 -14.05 26.86
N LYS A 27 -43.78 -13.14 27.21
CA LYS A 27 -45.06 -13.52 27.78
C LYS A 27 -46.22 -13.52 26.77
N ASP A 28 -46.12 -12.65 25.75
CA ASP A 28 -47.06 -12.69 24.63
C ASP A 28 -46.33 -13.21 23.40
N PRO A 29 -46.10 -14.54 23.35
CA PRO A 29 -45.33 -15.16 22.28
C PRO A 29 -46.11 -15.15 20.98
N GLN A 30 -47.41 -15.35 21.06
CA GLN A 30 -48.27 -15.28 19.88
C GLN A 30 -48.25 -13.91 19.19
N ALA A 31 -47.88 -12.87 19.94
CA ALA A 31 -47.91 -11.51 19.42
C ALA A 31 -46.61 -11.15 18.69
N LEU A 32 -45.52 -11.81 19.09
CA LEU A 32 -44.25 -11.73 18.35
C LEU A 32 -44.43 -12.49 17.04
N HIS A 33 -45.17 -13.59 17.09
CA HIS A 33 -45.46 -14.30 15.87
C HIS A 33 -46.20 -13.33 14.96
N ALA A 34 -47.23 -12.72 15.50
CA ALA A 34 -48.14 -11.92 14.69
C ALA A 34 -47.37 -10.86 13.95
N ALA A 35 -46.32 -10.35 14.58
CA ALA A 35 -45.60 -9.19 14.05
C ALA A 35 -44.68 -9.56 12.91
N LEU A 36 -43.99 -10.70 13.03
CA LEU A 36 -43.17 -11.23 11.94
C LEU A 36 -44.03 -11.49 10.71
N CYS A 37 -45.23 -12.02 10.93
CA CYS A 37 -46.20 -12.20 9.85
C CYS A 37 -46.55 -10.87 9.19
N SER A 38 -46.94 -9.92 10.04
CA SER A 38 -47.22 -8.55 9.65
C SER A 38 -46.07 -7.97 8.81
N LYS A 39 -44.85 -8.33 9.18
CA LYS A 39 -43.69 -7.78 8.50
C LYS A 39 -43.27 -8.59 7.28
N ASN A 40 -44.03 -9.64 6.97
CA ASN A 40 -43.74 -10.53 5.85
C ASN A 40 -42.37 -11.18 6.02
N VAL A 41 -41.94 -11.35 7.28
CA VAL A 41 -40.69 -12.05 7.59
C VAL A 41 -40.84 -13.58 7.55
N ILE A 42 -42.02 -14.05 7.94
CA ILE A 42 -42.41 -15.46 7.78
C ILE A 42 -43.80 -15.53 7.18
N PRO A 43 -44.18 -16.71 6.66
CA PRO A 43 -45.51 -16.93 6.05
C PRO A 43 -46.67 -16.57 6.98
N VAL A 44 -47.67 -15.87 6.45
CA VAL A 44 -48.78 -15.38 7.29
C VAL A 44 -49.83 -16.45 7.57
N THR A 45 -49.70 -17.59 6.91
CA THR A 45 -50.61 -18.70 7.18
C THR A 45 -49.95 -19.66 8.16
N SER A 46 -48.80 -19.27 8.69
CA SER A 46 -48.05 -20.12 9.60
C SER A 46 -48.54 -19.99 11.05
N THR A 47 -48.42 -21.07 11.80
CA THR A 47 -48.83 -21.09 13.19
C THR A 47 -47.59 -21.10 14.07
N LEU A 48 -47.72 -20.64 15.31
CA LEU A 48 -46.62 -20.72 16.26
C LEU A 48 -46.86 -21.89 17.21
N GLU A 49 -46.15 -22.98 17.03
CA GLU A 49 -46.42 -24.15 17.87
C GLU A 49 -45.54 -24.24 19.15
N ASP A 50 -44.47 -23.46 19.20
CA ASP A 50 -43.73 -23.32 20.46
C ASP A 50 -42.84 -22.09 20.38
N LEU A 51 -42.20 -21.76 21.50
CA LEU A 51 -41.26 -20.66 21.57
C LEU A 51 -40.31 -20.90 22.74
N LEU A 52 -39.05 -21.16 22.44
CA LEU A 52 -38.09 -21.48 23.48
C LEU A 52 -36.86 -20.57 23.44
N PRO A 53 -36.11 -20.56 24.54
CA PRO A 53 -34.83 -19.86 24.52
C PRO A 53 -33.90 -20.45 23.46
N ALA A 54 -33.08 -19.61 22.84
CA ALA A 54 -32.03 -20.13 21.99
C ALA A 54 -30.83 -20.41 22.89
N THR A 55 -30.18 -21.55 22.69
CA THR A 55 -29.07 -21.94 23.54
C THR A 55 -27.77 -21.18 23.25
N GLN A 56 -26.86 -21.21 24.22
CA GLN A 56 -25.60 -20.51 24.08
C GLN A 56 -24.84 -20.99 22.85
N ALA A 57 -24.75 -22.31 22.72
CA ALA A 57 -24.05 -22.91 21.59
C ALA A 57 -24.71 -22.57 20.24
N GLN A 58 -26.03 -22.42 20.20
CA GLN A 58 -26.67 -21.99 18.97
C GLN A 58 -26.18 -20.59 18.62
N HIS A 59 -26.16 -19.72 19.61
CA HIS A 59 -25.79 -18.32 19.42
C HIS A 59 -24.34 -18.16 18.99
N VAL A 60 -23.45 -18.94 19.58
CA VAL A 60 -22.09 -19.03 19.13
C VAL A 60 -22.08 -19.09 17.60
N PHE A 61 -22.88 -20.01 17.03
CA PHE A 61 -22.85 -20.24 15.59
C PHE A 61 -23.47 -19.09 14.80
N ILE A 62 -24.62 -18.65 15.30
CA ILE A 62 -25.38 -17.62 14.63
C ILE A 62 -24.55 -16.36 14.59
N LYS A 63 -23.86 -16.06 15.69
CA LYS A 63 -23.04 -14.87 15.76
C LYS A 63 -21.82 -14.98 14.88
N ARG A 64 -21.41 -16.19 14.53
CA ARG A 64 -20.31 -16.35 13.59
C ARG A 64 -20.75 -16.53 12.11
N GLY A 65 -22.02 -16.22 11.86
CA GLY A 65 -22.60 -16.36 10.54
C GLY A 65 -22.43 -17.73 9.93
N THR A 66 -22.49 -18.78 10.75
CA THR A 66 -22.26 -20.14 10.27
C THR A 66 -23.44 -20.61 9.43
N PHE A 67 -23.19 -20.85 8.15
CA PHE A 67 -24.25 -21.05 7.22
C PHE A 67 -23.76 -21.99 6.16
N HIS A 68 -24.54 -23.04 5.93
CA HIS A 68 -24.19 -24.05 4.96
C HIS A 68 -25.18 -24.14 3.83
N SER A 69 -24.68 -24.65 2.72
CA SER A 69 -25.49 -24.95 1.58
C SER A 69 -25.00 -26.34 1.19
N TYR A 70 -25.81 -27.35 1.49
CA TYR A 70 -25.47 -28.72 1.14
C TYR A 70 -26.08 -28.98 -0.22
N ASN A 71 -25.23 -29.44 -1.14
CA ASN A 71 -25.60 -29.51 -2.54
C ASN A 71 -25.49 -30.93 -3.01
N TRP A 72 -26.47 -31.33 -3.81
CA TRP A 72 -26.53 -32.70 -4.27
C TRP A 72 -26.71 -32.62 -5.76
N THR A 73 -25.68 -33.07 -6.47
CA THR A 73 -25.73 -33.12 -7.92
C THR A 73 -26.31 -34.48 -8.34
N ILE A 74 -27.54 -34.42 -8.82
CA ILE A 74 -28.28 -35.62 -9.20
C ILE A 74 -28.29 -35.77 -10.72
N LYS A 75 -27.68 -36.84 -11.20
CA LYS A 75 -27.70 -37.17 -12.63
C LYS A 75 -28.34 -38.53 -12.86
N GLY A 76 -29.21 -38.61 -13.87
CA GLY A 76 -29.92 -39.85 -14.16
C GLY A 76 -31.27 -39.62 -14.83
N ARG A 77 -31.83 -40.69 -15.41
CA ARG A 77 -33.03 -40.59 -16.24
C ARG A 77 -34.32 -40.70 -15.42
N SER A 78 -34.20 -41.24 -14.21
CA SER A 78 -35.36 -41.60 -13.38
C SER A 78 -35.80 -40.56 -12.33
N LEU A 79 -35.19 -39.38 -12.31
CA LEU A 79 -35.50 -38.37 -11.29
C LEU A 79 -36.94 -37.85 -11.39
N ASN A 80 -37.64 -37.92 -10.26
CA ASN A 80 -39.02 -37.43 -10.15
C ASN A 80 -39.01 -36.10 -9.39
N MSE A 81 -39.21 -35.03 -10.16
CA MSE A 81 -39.07 -33.66 -9.71
C MSE A 81 -40.15 -33.25 -8.73
O MSE A 81 -39.85 -32.52 -7.77
CB MSE A 81 -39.11 -32.74 -10.92
CG MSE A 81 -37.94 -32.96 -11.87
SE MSE A 81 -36.32 -32.17 -11.13
CE MSE A 81 -37.08 -30.40 -10.80
N ASP A 82 -41.38 -33.65 -8.99
CA ASP A 82 -42.45 -33.36 -8.05
C ASP A 82 -42.27 -34.09 -6.73
N ARG A 83 -41.59 -35.23 -6.77
CA ARG A 83 -41.35 -35.99 -5.57
C ARG A 83 -40.19 -35.40 -4.80
N LEU A 84 -39.19 -34.91 -5.52
CA LEU A 84 -38.10 -34.14 -4.89
C LEU A 84 -38.71 -32.98 -4.13
N ARG A 85 -39.57 -32.23 -4.80
CA ARG A 85 -40.26 -31.10 -4.19
C ARG A 85 -41.03 -31.50 -2.94
N GLU A 86 -41.80 -32.58 -3.05
CA GLU A 86 -42.60 -33.08 -1.95
C GLU A 86 -41.74 -33.51 -0.75
N THR A 87 -40.65 -34.22 -1.02
CA THR A 87 -39.70 -34.64 -0.01
C THR A 87 -39.20 -33.49 0.88
N CYS A 88 -38.89 -32.35 0.24
CA CYS A 88 -38.48 -31.15 0.95
C CYS A 88 -39.54 -30.74 1.96
N GLN A 89 -40.79 -30.79 1.54
CA GLN A 89 -41.89 -30.41 2.42
C GLN A 89 -41.99 -31.33 3.62
N SER A 90 -41.81 -32.63 3.36
CA SER A 90 -41.98 -33.68 4.36
C SER A 90 -40.84 -33.69 5.35
N LEU A 91 -39.62 -33.47 4.83
CA LEU A 91 -38.44 -33.32 5.67
C LEU A 91 -38.69 -32.23 6.70
N VAL A 92 -39.28 -31.13 6.26
CA VAL A 92 -39.52 -29.99 7.13
C VAL A 92 -40.67 -30.28 8.10
N ASP A 93 -41.68 -31.04 7.65
CA ASP A 93 -42.79 -31.43 8.54
C ASP A 93 -42.30 -32.31 9.69
N ARG A 94 -41.35 -33.19 9.40
CA ARG A 94 -40.87 -34.12 10.40
C ARG A 94 -39.86 -33.55 11.41
N HIS A 95 -39.12 -32.51 11.01
CA HIS A 95 -38.09 -31.91 11.85
C HIS A 95 -38.34 -30.45 12.19
N SER A 96 -38.81 -30.22 13.41
CA SER A 96 -39.27 -28.90 13.79
C SER A 96 -38.13 -27.90 13.85
N ILE A 97 -36.89 -28.37 14.00
CA ILE A 97 -35.75 -27.44 13.95
C ILE A 97 -35.69 -26.78 12.55
N LEU A 98 -36.14 -27.52 11.54
CA LEU A 98 -36.20 -26.99 10.17
C LEU A 98 -37.31 -25.96 9.99
N ARG A 99 -38.27 -25.96 10.91
CA ARG A 99 -39.39 -25.02 10.88
C ARG A 99 -39.16 -23.86 11.83
N THR A 100 -37.92 -23.65 12.25
CA THR A 100 -37.62 -22.68 13.31
C THR A 100 -37.00 -21.36 12.87
N SER A 101 -37.61 -20.26 13.31
CA SER A 101 -37.08 -18.91 13.16
C SER A 101 -36.34 -18.42 14.42
N PHE A 102 -35.30 -17.63 14.20
CA PHE A 102 -34.44 -17.17 15.28
C PHE A 102 -34.50 -15.67 15.43
N VAL A 103 -34.80 -15.21 16.63
CA VAL A 103 -35.04 -13.79 16.80
C VAL A 103 -34.59 -13.33 18.18
N GLU A 104 -34.29 -12.06 18.30
CA GLU A 104 -34.00 -11.47 19.60
C GLU A 104 -35.18 -10.59 19.96
N HIS A 105 -35.70 -10.79 21.16
CA HIS A 105 -36.82 -9.99 21.61
C HIS A 105 -36.67 -9.71 23.10
N GLU A 106 -36.79 -8.44 23.46
CA GLU A 106 -36.71 -8.05 24.85
C GLU A 106 -35.37 -8.50 25.43
N GLY A 107 -34.32 -8.41 24.62
CA GLY A 107 -32.97 -8.77 25.05
C GLY A 107 -32.79 -10.27 25.20
N HIS A 108 -33.77 -11.00 24.69
CA HIS A 108 -33.73 -12.45 24.73
C HIS A 108 -33.49 -13.02 23.34
N PRO A 109 -32.40 -13.77 23.18
CA PRO A 109 -32.17 -14.64 22.02
C PRO A 109 -33.12 -15.84 22.11
N ILE A 110 -34.00 -16.00 21.13
CA ILE A 110 -34.99 -17.07 21.18
C ILE A 110 -35.23 -17.74 19.84
N GLN A 111 -35.82 -18.94 19.90
CA GLN A 111 -36.23 -19.66 18.70
C GLN A 111 -37.71 -19.95 18.67
N LEU A 112 -38.31 -19.76 17.50
CA LEU A 112 -39.74 -19.91 17.30
C LEU A 112 -40.03 -21.11 16.43
N VAL A 113 -40.79 -22.07 16.96
CA VAL A 113 -41.20 -23.23 16.18
C VAL A 113 -42.52 -22.99 15.48
N LEU A 114 -42.48 -23.11 14.16
CA LEU A 114 -43.63 -22.80 13.35
C LEU A 114 -44.24 -24.09 12.91
N ALA A 115 -45.55 -24.09 12.70
CA ALA A 115 -46.21 -25.22 12.06
C ALA A 115 -47.12 -24.64 10.98
N ASN A 116 -47.80 -25.52 10.24
CA ASN A 116 -48.57 -25.10 9.07
C ASN A 116 -47.66 -24.32 8.12
N LEU A 117 -46.48 -24.89 7.89
CA LEU A 117 -45.41 -24.27 7.13
C LEU A 117 -45.23 -24.85 5.74
N ASP A 118 -45.62 -24.08 4.71
CA ASP A 118 -45.46 -24.49 3.32
C ASP A 118 -44.03 -24.27 2.87
N VAL A 119 -43.37 -25.33 2.44
CA VAL A 119 -42.05 -25.18 1.87
C VAL A 119 -42.20 -24.82 0.37
N LYS A 120 -41.50 -23.78 -0.07
CA LYS A 120 -41.49 -23.43 -1.48
C LYS A 120 -40.05 -23.50 -1.95
N VAL A 121 -39.80 -24.34 -2.94
CA VAL A 121 -38.48 -24.49 -3.50
C VAL A 121 -38.20 -23.35 -4.52
N ARG A 122 -36.97 -22.82 -4.45
CA ARG A 122 -36.49 -21.84 -5.43
C ARG A 122 -36.04 -22.63 -6.64
N GLU A 123 -36.61 -22.36 -7.80
CA GLU A 123 -36.25 -23.17 -8.95
C GLU A 123 -35.62 -22.40 -10.07
N VAL A 124 -34.71 -23.09 -10.76
CA VAL A 124 -33.98 -22.50 -11.86
C VAL A 124 -33.87 -23.51 -12.98
N GLN A 125 -34.49 -23.18 -14.11
CA GLN A 125 -34.30 -23.91 -15.36
C GLN A 125 -33.19 -23.22 -16.12
N CYS A 126 -32.03 -23.87 -16.22
CA CYS A 126 -30.88 -23.24 -16.88
C CYS A 126 -30.98 -23.24 -18.40
N TRP A 127 -30.14 -22.40 -19.02
CA TRP A 127 -29.95 -22.39 -20.48
C TRP A 127 -29.20 -23.65 -20.89
N PRO A 128 -29.32 -24.06 -22.16
CA PRO A 128 -28.49 -25.18 -22.61
C PRO A 128 -26.99 -24.89 -22.37
N GLY A 129 -26.25 -25.90 -21.92
CA GLY A 129 -24.82 -25.77 -21.70
C GLY A 129 -24.42 -25.07 -20.41
N GLU A 130 -25.38 -24.37 -19.81
CA GLU A 130 -25.13 -23.62 -18.59
C GLU A 130 -25.03 -24.59 -17.38
N ASP A 131 -23.95 -24.49 -16.61
CA ASP A 131 -23.72 -25.41 -15.51
C ASP A 131 -24.61 -25.10 -14.29
N PRO A 132 -25.39 -26.10 -13.84
CA PRO A 132 -26.27 -25.94 -12.68
C PRO A 132 -25.52 -25.47 -11.44
N MSE A 133 -24.36 -26.05 -11.14
CA MSE A 133 -23.61 -25.68 -9.93
C MSE A 133 -23.07 -24.24 -10.00
O MSE A 133 -23.07 -23.52 -8.97
CB MSE A 133 -22.46 -26.65 -9.68
CG MSE A 133 -21.76 -26.45 -8.38
SE MSE A 133 -22.84 -26.94 -6.76
CE MSE A 133 -22.71 -28.82 -6.92
N GLU A 134 -22.64 -23.80 -11.19
CA GLU A 134 -22.10 -22.45 -11.34
C GLU A 134 -23.19 -21.43 -11.04
N VAL A 135 -24.42 -21.76 -11.43
CA VAL A 135 -25.59 -20.97 -11.08
C VAL A 135 -25.82 -20.91 -9.55
N CYS A 136 -25.72 -22.07 -8.89
CA CYS A 136 -25.85 -22.09 -7.42
C CYS A 136 -24.77 -21.28 -6.76
N LYS A 137 -23.53 -21.44 -7.21
CA LYS A 137 -22.41 -20.69 -6.67
C LYS A 137 -22.64 -19.17 -6.91
N ALA A 138 -23.25 -18.83 -8.03
CA ALA A 138 -23.62 -17.43 -8.31
C ALA A 138 -24.68 -16.92 -7.33
N LEU A 139 -25.76 -17.68 -7.15
CA LEU A 139 -26.79 -17.26 -6.21
C LEU A 139 -26.17 -17.18 -4.82
N TRP A 140 -25.31 -18.13 -4.49
CA TRP A 140 -24.72 -18.17 -3.15
C TRP A 140 -23.86 -16.91 -2.90
N ASP A 141 -22.87 -16.69 -3.76
CA ASP A 141 -21.94 -15.59 -3.56
C ASP A 141 -22.63 -14.24 -3.76
N GLY A 142 -23.62 -14.23 -4.64
CA GLY A 142 -24.21 -12.98 -5.06
C GLY A 142 -25.27 -12.39 -4.15
N LYS A 143 -25.91 -13.22 -3.34
CA LYS A 143 -26.95 -12.73 -2.46
C LYS A 143 -27.19 -13.62 -1.24
N ASP A 144 -27.05 -14.93 -1.43
CA ASP A 144 -27.44 -15.90 -0.42
C ASP A 144 -26.73 -15.66 0.91
N TRP A 145 -25.40 -15.75 0.97
CA TRP A 145 -24.78 -15.42 2.27
C TRP A 145 -24.46 -13.93 2.58
N PRO A 146 -24.06 -13.13 1.56
CA PRO A 146 -23.86 -11.71 1.89
C PRO A 146 -25.06 -11.04 2.55
N THR A 147 -26.28 -11.42 2.18
CA THR A 147 -27.45 -10.79 2.80
C THR A 147 -28.07 -11.61 3.94
N LEU A 148 -27.34 -12.62 4.37
CA LEU A 148 -27.79 -13.48 5.47
C LEU A 148 -28.02 -12.69 6.75
N ASN A 149 -29.21 -12.85 7.32
CA ASN A 149 -29.56 -12.15 8.54
C ASN A 149 -30.41 -13.03 9.45
N VAL A 150 -29.82 -14.14 9.92
CA VAL A 150 -30.54 -15.10 10.74
C VAL A 150 -31.39 -14.49 11.86
N LEU A 151 -30.90 -13.47 12.55
CA LEU A 151 -31.66 -12.93 13.67
C LEU A 151 -32.83 -12.02 13.29
N GLY A 152 -32.92 -11.65 12.00
CA GLY A 152 -34.11 -10.98 11.50
C GLY A 152 -35.36 -11.85 11.58
N GLY A 153 -35.19 -13.15 11.80
CA GLY A 153 -36.33 -14.03 12.03
C GLY A 153 -36.88 -14.83 10.85
N SER A 154 -36.25 -14.69 9.68
CA SER A 154 -36.72 -15.45 8.53
C SER A 154 -35.97 -16.77 8.46
N LEU A 155 -36.69 -17.85 8.19
CA LEU A 155 -36.15 -19.22 8.21
C LEU A 155 -34.83 -19.38 7.45
N PRO A 156 -33.77 -19.84 8.15
CA PRO A 156 -32.48 -20.12 7.48
C PRO A 156 -32.64 -21.25 6.50
N VAL A 157 -33.44 -22.26 6.85
CA VAL A 157 -33.55 -23.50 6.07
C VAL A 157 -34.44 -23.40 4.82
N ARG A 158 -33.80 -23.38 3.65
CA ARG A 158 -34.52 -23.25 2.37
C ARG A 158 -33.88 -24.12 1.29
N PHE A 159 -34.70 -24.51 0.31
CA PHE A 159 -34.27 -25.42 -0.75
C PHE A 159 -34.21 -24.74 -2.12
N THR A 160 -33.24 -25.18 -2.92
CA THR A 160 -33.08 -24.71 -4.30
C THR A 160 -32.93 -25.89 -5.28
N LEU A 161 -33.60 -25.77 -6.43
CA LEU A 161 -33.58 -26.78 -7.48
C LEU A 161 -33.10 -26.20 -8.81
N VAL A 162 -31.90 -26.57 -9.22
CA VAL A 162 -31.33 -26.07 -10.47
C VAL A 162 -31.15 -27.20 -11.48
N SER A 163 -31.84 -27.12 -12.61
CA SER A 163 -31.88 -28.24 -13.54
C SER A 163 -31.49 -27.85 -14.97
N CYS A 164 -30.53 -28.54 -15.57
CA CYS A 164 -30.38 -28.47 -17.02
C CYS A 164 -31.74 -28.82 -17.64
N PRO A 165 -31.97 -28.46 -18.90
CA PRO A 165 -33.32 -28.57 -19.51
C PRO A 165 -34.00 -29.95 -19.49
N GLY A 166 -33.25 -31.04 -19.65
CA GLY A 166 -33.85 -32.37 -19.60
C GLY A 166 -34.10 -32.96 -18.21
N ASN A 167 -33.65 -32.27 -17.17
CA ASN A 167 -33.81 -32.75 -15.79
C ASN A 167 -33.02 -34.02 -15.48
N GLU A 168 -31.96 -34.26 -16.26
CA GLU A 168 -31.12 -35.43 -16.05
C GLU A 168 -29.82 -35.02 -15.39
N HIS A 169 -29.77 -33.75 -15.00
CA HIS A 169 -28.61 -33.17 -14.35
C HIS A 169 -29.21 -32.05 -13.54
N VAL A 170 -29.34 -32.29 -12.25
CA VAL A 170 -29.98 -31.34 -11.37
C VAL A 170 -29.10 -31.17 -10.14
N VAL A 171 -29.07 -29.96 -9.60
CA VAL A 171 -28.47 -29.73 -8.31
C VAL A 171 -29.59 -29.36 -7.34
N LEU A 172 -29.63 -30.05 -6.19
CA LEU A 172 -30.54 -29.73 -5.11
C LEU A 172 -29.69 -29.12 -4.01
N THR A 173 -30.07 -27.95 -3.50
CA THR A 173 -29.37 -27.46 -2.32
C THR A 173 -30.28 -27.25 -1.13
N ILE A 174 -29.68 -27.45 0.04
CA ILE A 174 -30.36 -27.21 1.30
C ILE A 174 -29.50 -26.20 2.05
N GLN A 175 -30.07 -25.03 2.33
CA GLN A 175 -29.39 -24.03 3.16
C GLN A 175 -29.83 -24.21 4.60
N ILE A 176 -28.90 -24.02 5.52
CA ILE A 176 -29.20 -24.22 6.93
C ILE A 176 -28.17 -23.49 7.82
N SER A 177 -28.65 -22.90 8.92
CA SER A 177 -27.76 -22.37 9.96
C SER A 177 -27.20 -23.46 10.88
N HIS A 178 -25.93 -23.36 11.27
CA HIS A 178 -25.33 -24.38 12.14
C HIS A 178 -26.04 -24.45 13.49
N SER A 179 -26.98 -23.54 13.74
CA SER A 179 -27.74 -23.62 14.97
C SER A 179 -28.80 -24.73 14.88
N GLN A 180 -28.83 -25.44 13.76
CA GLN A 180 -29.91 -26.38 13.42
C GLN A 180 -29.43 -27.80 13.09
N TRP A 181 -28.15 -28.06 13.32
CA TRP A 181 -27.56 -29.37 13.06
C TRP A 181 -26.20 -29.47 13.74
N ASP A 182 -25.64 -30.67 13.76
CA ASP A 182 -24.32 -30.89 14.32
C ASP A 182 -23.78 -32.11 13.63
N GLY A 183 -22.53 -32.47 13.90
CA GLY A 183 -21.89 -33.56 13.16
C GLY A 183 -22.54 -34.93 13.33
N VAL A 184 -23.17 -35.15 14.49
CA VAL A 184 -23.81 -36.43 14.71
C VAL A 184 -25.16 -36.54 14.01
N SER A 185 -25.92 -35.46 13.94
CA SER A 185 -27.26 -35.61 13.38
C SER A 185 -27.39 -35.25 11.90
N ILE A 186 -26.48 -34.43 11.36
CA ILE A 186 -26.60 -34.04 9.94
C ILE A 186 -26.77 -35.25 9.00
N PRO A 187 -26.01 -36.35 9.22
CA PRO A 187 -26.26 -37.51 8.34
C PRO A 187 -27.72 -38.00 8.41
N LYS A 188 -28.37 -37.75 9.54
CA LYS A 188 -29.74 -38.20 9.69
C LYS A 188 -30.66 -37.33 8.85
N LEU A 189 -30.23 -36.11 8.55
CA LEU A 189 -31.04 -35.25 7.70
C LEU A 189 -31.05 -35.83 6.30
N PHE A 190 -29.89 -36.30 5.84
CA PHE A 190 -29.79 -36.86 4.49
C PHE A 190 -30.56 -38.19 4.32
N SER A 191 -30.23 -39.18 5.15
CA SER A 191 -30.92 -40.46 5.12
C SER A 191 -32.42 -40.28 5.31
N ASP A 192 -32.84 -39.39 6.19
CA ASP A 192 -34.27 -39.06 6.22
C ASP A 192 -34.79 -38.59 4.86
N PHE A 193 -34.11 -37.62 4.25
CA PHE A 193 -34.53 -37.10 2.95
C PHE A 193 -34.63 -38.23 1.93
N ALA A 194 -33.55 -39.02 1.80
CA ALA A 194 -33.52 -40.14 0.87
C ALA A 194 -34.65 -41.18 1.12
N ALA A 195 -34.87 -41.48 2.40
CA ALA A 195 -35.93 -42.42 2.80
C ALA A 195 -37.31 -41.88 2.40
N ILE A 196 -37.53 -40.59 2.63
CA ILE A 196 -38.81 -39.98 2.29
C ILE A 196 -39.02 -39.97 0.79
N TYR A 197 -37.96 -39.73 0.01
CA TYR A 197 -38.06 -39.74 -1.45
C TYR A 197 -38.22 -41.17 -1.95
N ASN A 198 -37.52 -42.11 -1.31
CA ASN A 198 -37.61 -43.54 -1.64
C ASN A 198 -38.91 -44.16 -1.13
N GLN A 199 -39.70 -43.40 -0.39
CA GLN A 199 -40.98 -43.87 0.10
C GLN A 199 -40.83 -44.88 1.24
N THR A 200 -39.63 -44.97 1.81
CA THR A 200 -39.37 -45.85 2.94
C THR A 200 -39.95 -45.25 4.23
N PRO A 201 -40.94 -45.94 4.85
CA PRO A 201 -41.53 -45.52 6.14
C PRO A 201 -40.46 -45.15 7.19
N LEU A 202 -40.71 -44.08 7.93
CA LEU A 202 -39.75 -43.66 8.96
C LEU A 202 -40.32 -43.77 10.36
N PRO A 203 -39.45 -44.10 11.33
CA PRO A 203 -39.89 -44.13 12.73
C PRO A 203 -40.11 -42.72 13.23
N PRO A 204 -41.01 -42.56 14.20
CA PRO A 204 -41.26 -41.21 14.73
C PRO A 204 -40.03 -40.68 15.50
N THR A 205 -39.84 -39.36 15.56
CA THR A 205 -38.63 -38.81 16.16
C THR A 205 -38.93 -37.70 17.16
N SER A 206 -37.93 -37.35 17.97
CA SER A 206 -38.07 -36.22 18.89
C SER A 206 -37.50 -34.93 18.32
N ASP A 207 -38.05 -33.80 18.78
CA ASP A 207 -37.64 -32.46 18.37
C ASP A 207 -36.42 -31.97 19.14
N PHE A 208 -35.70 -31.01 18.56
CA PHE A 208 -34.70 -30.29 19.35
C PHE A 208 -35.32 -29.58 20.55
N ALA A 209 -36.51 -29.02 20.35
CA ALA A 209 -37.26 -28.45 21.47
C ALA A 209 -37.35 -29.46 22.63
N HIS A 210 -37.73 -30.70 22.33
CA HIS A 210 -37.87 -31.72 23.37
CA HIS A 210 -37.87 -31.76 23.34
C HIS A 210 -36.56 -32.02 24.11
N TYR A 211 -35.43 -31.82 23.43
CA TYR A 211 -34.13 -31.92 24.09
C TYR A 211 -33.99 -30.78 25.10
N LEU A 212 -34.45 -29.59 24.73
CA LEU A 212 -34.38 -28.44 25.63
C LEU A 212 -35.18 -28.68 26.92
N TYR A 213 -36.43 -29.11 26.75
CA TYR A 213 -37.28 -29.42 27.88
C TYR A 213 -36.68 -30.50 28.77
N HIS A 214 -35.95 -31.46 28.18
CA HIS A 214 -35.32 -32.52 28.97
C HIS A 214 -34.13 -32.00 29.76
N ARG A 215 -33.37 -31.11 29.15
CA ARG A 215 -32.30 -30.44 29.87
C ARG A 215 -32.86 -29.82 31.14
N VAL A 216 -34.00 -29.13 31.00
CA VAL A 216 -34.60 -28.35 32.08
C VAL A 216 -35.25 -29.18 33.20
N SER A 217 -35.78 -30.34 32.84
CA SER A 217 -36.44 -31.20 33.81
C SER A 217 -35.41 -31.88 34.70
N SER A 218 -34.19 -32.03 34.18
CA SER A 218 -33.10 -32.67 34.91
C SER A 218 -32.43 -31.74 35.94
N ALA A 219 -32.85 -30.48 35.95
CA ALA A 219 -32.27 -29.48 36.82
C ALA A 219 -33.11 -29.24 38.09
N ARG A 220 -32.43 -28.97 39.21
CA ARG A 220 -33.10 -28.59 40.46
C ARG A 220 -33.39 -27.09 40.47
N GLU A 221 -34.50 -26.68 41.09
CA GLU A 221 -34.87 -25.27 41.11
C GLU A 221 -33.94 -24.46 42.02
N ASP A 222 -33.38 -25.15 43.01
CA ASP A 222 -32.38 -24.58 43.91
C ASP A 222 -31.01 -25.00 43.41
N VAL A 223 -30.36 -24.11 42.67
CA VAL A 223 -29.09 -24.43 42.04
C VAL A 223 -28.03 -25.07 42.95
N GLN A 224 -27.88 -24.57 44.18
CA GLN A 224 -26.86 -25.13 45.07
C GLN A 224 -27.10 -26.60 45.39
N GLN A 225 -28.18 -27.16 44.86
CA GLN A 225 -28.53 -28.56 45.09
C GLN A 225 -28.48 -29.37 43.79
N ASP A 226 -27.87 -28.80 42.75
CA ASP A 226 -27.78 -29.47 41.46
C ASP A 226 -26.45 -30.21 41.32
N PRO A 227 -26.49 -31.55 41.26
CA PRO A 227 -25.25 -32.35 41.15
C PRO A 227 -24.34 -31.83 40.03
N THR A 228 -24.94 -31.31 38.98
CA THR A 228 -24.19 -30.76 37.85
C THR A 228 -23.30 -29.57 38.24
N PHE A 229 -23.93 -28.57 38.85
CA PHE A 229 -23.26 -27.36 39.27
C PHE A 229 -22.39 -27.52 40.51
N GLN A 230 -22.59 -28.63 41.22
CA GLN A 230 -21.67 -28.99 42.29
C GLN A 230 -20.47 -29.66 41.66
N PHE A 231 -20.71 -30.57 40.71
CA PHE A 231 -19.60 -31.20 40.01
C PHE A 231 -18.69 -30.15 39.37
N TRP A 232 -19.28 -29.12 38.74
CA TRP A 232 -18.47 -28.10 38.08
C TRP A 232 -17.70 -27.27 39.10
N ARG A 233 -18.38 -26.87 40.16
CA ARG A 233 -17.75 -26.14 41.25
C ARG A 233 -16.53 -26.90 41.79
N HIS A 234 -16.61 -28.23 41.77
CA HIS A 234 -15.52 -29.05 42.31
C HIS A 234 -14.49 -29.28 41.21
N TYR A 235 -14.99 -29.57 40.01
CA TYR A 235 -14.12 -29.76 38.86
C TYR A 235 -13.20 -28.54 38.67
N LEU A 236 -13.75 -27.36 38.93
CA LEU A 236 -13.06 -26.09 38.66
C LEU A 236 -12.51 -25.32 39.86
N ASP A 237 -12.83 -25.77 41.08
CA ASP A 237 -12.28 -25.11 42.27
C ASP A 237 -10.74 -25.17 42.27
N GLY A 238 -10.10 -24.03 42.49
CA GLY A 238 -8.65 -23.95 42.37
C GLY A 238 -8.15 -23.32 41.08
N ALA A 239 -8.93 -23.47 40.00
CA ALA A 239 -8.47 -23.18 38.63
C ALA A 239 -8.54 -21.73 38.19
N LYS A 240 -7.59 -21.35 37.34
CA LYS A 240 -7.55 -20.04 36.69
C LYS A 240 -7.38 -20.30 35.20
N MSE A 241 -8.20 -19.63 34.40
CA MSE A 241 -8.15 -19.79 32.96
C MSE A 241 -7.32 -18.69 32.33
O MSE A 241 -7.60 -17.51 32.57
CB MSE A 241 -9.54 -19.76 32.37
CG MSE A 241 -9.56 -19.84 30.88
SE MSE A 241 -11.20 -20.70 30.33
CE MSE A 241 -12.44 -19.23 30.75
N ALA A 242 -6.33 -19.05 31.52
CA ALA A 242 -5.49 -18.06 30.85
C ALA A 242 -6.33 -17.13 29.93
N VAL A 243 -5.91 -15.87 29.83
CA VAL A 243 -6.61 -14.89 29.02
C VAL A 243 -5.66 -14.13 28.12
N PRO A 244 -5.85 -14.27 26.79
CA PRO A 244 -4.99 -13.63 25.78
C PRO A 244 -4.94 -12.12 25.94
N PHE A 245 -3.78 -11.55 25.65
CA PHE A 245 -3.64 -10.11 25.60
C PHE A 245 -4.44 -9.61 24.39
N ALA A 246 -5.22 -8.55 24.58
CA ALA A 246 -6.14 -8.05 23.54
C ALA A 246 -5.52 -8.04 22.14
N PRO A 247 -6.35 -8.33 21.11
CA PRO A 247 -5.91 -8.53 19.72
C PRO A 247 -5.40 -7.26 19.03
N GLY A 263 -8.23 -7.98 8.75
CA GLY A 263 -9.25 -8.57 9.62
C GLY A 263 -10.07 -9.67 8.97
N GLN A 264 -9.41 -10.73 8.52
CA GLN A 264 -10.11 -11.83 7.85
C GLN A 264 -9.92 -13.21 8.49
N THR A 265 -10.94 -14.05 8.33
CA THR A 265 -10.91 -15.45 8.77
C THR A 265 -9.84 -16.26 8.04
N LEU A 266 -9.02 -16.96 8.80
CA LEU A 266 -7.93 -17.78 8.26
C LEU A 266 -8.01 -19.26 8.66
N TRP A 267 -7.94 -20.13 7.64
CA TRP A 267 -7.95 -21.58 7.84
C TRP A 267 -6.56 -22.14 7.52
N THR A 268 -5.93 -22.81 8.48
CA THR A 268 -4.58 -23.32 8.29
C THR A 268 -4.48 -24.84 8.57
N PHE A 269 -3.79 -25.55 7.68
CA PHE A 269 -3.85 -27.02 7.71
C PHE A 269 -2.51 -27.70 7.83
N LYS A 270 -2.49 -28.78 8.62
CA LYS A 270 -1.33 -29.63 8.73
C LYS A 270 -1.78 -31.09 8.82
N GLY A 271 -1.27 -31.91 7.89
CA GLY A 271 -1.56 -33.32 7.87
C GLY A 271 -0.44 -34.14 8.49
N ILE A 272 -0.81 -35.10 9.33
CA ILE A 272 0.14 -36.07 9.84
C ILE A 272 -0.38 -37.46 9.50
N VAL A 273 0.42 -38.46 9.81
CA VAL A 273 -0.05 -39.81 9.60
C VAL A 273 -0.85 -40.22 10.82
N PRO A 274 -1.96 -40.97 10.61
CA PRO A 274 -2.81 -41.36 11.73
C PRO A 274 -2.02 -42.08 12.80
N PRO A 275 -2.07 -41.56 14.04
CA PRO A 275 -1.20 -42.04 15.11
C PRO A 275 -1.81 -43.22 15.87
N THR A 276 -0.96 -44.13 16.33
CA THR A 276 -1.39 -45.31 17.08
C THR A 276 -1.99 -44.94 18.43
N LEU A 277 -3.11 -45.55 18.77
CA LEU A 277 -3.81 -45.21 19.99
C LEU A 277 -3.83 -46.34 21.01
N PRO A 278 -2.85 -46.36 21.92
CA PRO A 278 -2.87 -47.29 23.07
C PRO A 278 -4.31 -47.59 23.52
N SER A 279 -4.56 -48.81 23.97
CA SER A 279 -5.90 -49.23 24.38
C SER A 279 -6.43 -48.32 25.47
N GLY A 280 -7.73 -48.02 25.40
CA GLY A 280 -8.37 -47.15 26.36
C GLY A 280 -8.31 -45.69 25.93
N ILE A 281 -7.44 -45.39 24.98
CA ILE A 281 -7.18 -43.99 24.61
C ILE A 281 -7.83 -43.52 23.30
N THR A 282 -8.80 -42.61 23.42
CA THR A 282 -9.47 -42.01 22.27
C THR A 282 -8.56 -41.03 21.52
N MSE A 283 -8.77 -40.94 20.22
CA MSE A 283 -8.02 -40.02 19.36
C MSE A 283 -8.20 -38.59 19.85
O MSE A 283 -7.25 -37.80 19.87
CB MSE A 283 -8.52 -40.16 17.92
CG MSE A 283 -7.81 -39.25 16.94
SE MSE A 283 -5.98 -39.76 16.61
CE MSE A 283 -6.26 -41.21 15.33
N ALA A 284 -9.43 -38.27 20.25
CA ALA A 284 -9.77 -36.99 20.84
C ALA A 284 -8.87 -36.69 22.03
N THR A 285 -8.71 -37.69 22.88
CA THR A 285 -7.89 -37.56 24.08
C THR A 285 -6.47 -37.14 23.71
N LEU A 286 -5.96 -37.74 22.64
CA LEU A 286 -4.63 -37.41 22.15
C LEU A 286 -4.50 -35.92 21.87
N VAL A 287 -5.37 -35.41 21.01
CA VAL A 287 -5.43 -33.99 20.67
C VAL A 287 -5.61 -33.11 21.91
N LYS A 288 -6.57 -33.45 22.76
CA LYS A 288 -6.81 -32.65 23.97
C LYS A 288 -5.56 -32.63 24.85
N ALA A 289 -4.82 -33.72 24.85
CA ALA A 289 -3.61 -33.83 25.65
C ALA A 289 -2.45 -33.08 25.01
N ALA A 290 -2.20 -33.32 23.72
CA ALA A 290 -1.15 -32.61 22.99
C ALA A 290 -1.31 -31.07 23.08
N THR A 291 -2.56 -30.59 23.16
CA THR A 291 -2.83 -29.17 23.31
C THR A 291 -2.47 -28.69 24.72
N ALA A 292 -2.71 -29.55 25.71
CA ALA A 292 -2.51 -29.20 27.11
C ALA A 292 -1.04 -29.05 27.47
N LEU A 293 -0.20 -29.81 26.77
CA LEU A 293 1.24 -29.75 26.99
C LEU A 293 1.78 -28.58 26.23
N PHE A 294 1.18 -28.30 25.09
CA PHE A 294 1.50 -27.07 24.39
C PHE A 294 1.26 -25.88 25.32
N LEU A 295 0.06 -25.82 25.89
CA LEU A 295 -0.33 -24.69 26.74
C LEU A 295 0.41 -24.66 28.09
N SER A 296 0.93 -25.80 28.55
CA SER A 296 1.74 -25.83 29.77
C SER A 296 3.12 -25.19 29.55
N TYR A 297 3.77 -25.55 28.44
CA TYR A 297 5.01 -24.90 28.04
C TYR A 297 4.86 -23.39 27.95
N HIS A 298 3.91 -22.94 27.12
CA HIS A 298 3.73 -21.50 26.82
C HIS A 298 3.16 -20.65 27.98
N LEU A 299 2.17 -21.18 28.69
CA LEU A 299 1.82 -20.52 29.95
C LEU A 299 2.88 -20.96 30.96
N GLY A 300 2.93 -20.36 32.14
CA GLY A 300 3.87 -20.90 33.11
C GLY A 300 3.08 -21.77 34.06
N SER A 301 2.31 -22.72 33.52
CA SER A 301 1.30 -23.41 34.32
C SER A 301 1.30 -24.95 34.23
N ARG A 302 0.98 -25.59 35.36
CA ARG A 302 0.68 -27.02 35.35
C ARG A 302 -0.78 -27.22 35.77
N ASP A 303 -1.58 -26.20 35.48
CA ASP A 303 -3.02 -26.27 35.69
C ASP A 303 -3.67 -25.43 34.60
N VAL A 304 -3.87 -26.05 33.43
CA VAL A 304 -4.42 -25.33 32.28
C VAL A 304 -5.90 -25.63 32.04
N VAL A 305 -6.67 -24.58 31.81
CA VAL A 305 -8.06 -24.71 31.38
C VAL A 305 -8.20 -24.11 29.98
N PHE A 306 -8.88 -24.86 29.10
CA PHE A 306 -9.24 -24.38 27.77
C PHE A 306 -10.55 -25.05 27.32
N GLY A 307 -11.17 -24.51 26.29
CA GLY A 307 -12.45 -25.02 25.86
C GLY A 307 -12.28 -26.21 24.94
N HIS A 308 -13.19 -27.16 25.07
CA HIS A 308 -13.31 -28.20 24.06
C HIS A 308 -14.79 -28.44 23.81
N THR A 309 -15.05 -29.18 22.75
CA THR A 309 -16.39 -29.36 22.23
C THR A 309 -16.90 -30.73 22.59
N VAL A 310 -18.08 -30.79 23.18
CA VAL A 310 -18.72 -32.09 23.47
C VAL A 310 -20.03 -32.23 22.66
N ASN A 311 -20.48 -33.48 22.39
CA ASN A 311 -21.65 -33.67 21.53
C ASN A 311 -23.00 -33.41 22.20
N GLY A 312 -23.00 -33.39 23.54
CA GLY A 312 -24.21 -33.09 24.31
C GLY A 312 -25.30 -34.14 24.19
N ARG A 313 -24.93 -35.37 23.87
CA ARG A 313 -25.88 -36.46 23.69
C ARG A 313 -25.74 -37.63 24.69
N ASN A 314 -25.24 -37.35 25.89
CA ASN A 314 -25.12 -38.35 26.94
C ASN A 314 -26.20 -38.21 28.00
N LEU A 315 -27.38 -37.79 27.57
CA LEU A 315 -28.55 -37.72 28.43
C LEU A 315 -29.39 -38.98 28.30
N PRO A 316 -30.13 -39.34 29.37
CA PRO A 316 -31.13 -40.41 29.34
C PRO A 316 -32.38 -39.92 28.61
N MSE A 317 -32.33 -39.97 27.29
CA MSE A 317 -33.43 -39.47 26.50
C MSE A 317 -33.76 -40.43 25.37
O MSE A 317 -32.88 -41.11 24.84
CB MSE A 317 -33.08 -38.10 25.95
CG MSE A 317 -34.18 -37.51 25.09
SE MSE A 317 -33.75 -35.67 24.67
CE MSE A 317 -32.13 -35.49 25.77
N ASP A 318 -35.03 -40.53 25.04
CA ASP A 318 -35.43 -41.30 23.87
C ASP A 318 -35.02 -40.56 22.61
N ASN A 319 -34.30 -41.25 21.72
CA ASN A 319 -33.95 -40.68 20.41
C ASN A 319 -32.74 -39.76 20.47
N ILE A 320 -32.17 -39.62 21.66
CA ILE A 320 -31.07 -38.68 21.90
C ILE A 320 -30.00 -38.79 20.83
N GLU A 321 -29.78 -40.01 20.37
CA GLU A 321 -28.72 -40.31 19.44
C GLU A 321 -29.03 -39.82 18.02
N SER A 322 -30.32 -39.59 17.75
CA SER A 322 -30.81 -39.37 16.39
C SER A 322 -31.48 -38.02 16.12
N LEU A 323 -32.01 -37.38 17.15
CA LEU A 323 -32.78 -36.15 16.96
C LEU A 323 -31.94 -35.06 16.28
N LEU A 324 -32.60 -34.30 15.41
CA LEU A 324 -31.91 -33.28 14.61
C LEU A 324 -31.91 -31.90 15.29
N GLY A 325 -30.71 -31.44 15.60
CA GLY A 325 -30.51 -30.09 16.10
C GLY A 325 -29.03 -29.88 16.41
N CYS A 326 -28.74 -28.79 17.12
CA CYS A 326 -27.38 -28.50 17.55
C CYS A 326 -27.24 -28.65 19.08
N THR A 327 -26.94 -29.86 19.53
CA THR A 327 -26.80 -30.12 20.96
C THR A 327 -25.34 -30.09 21.37
N LEU A 328 -24.48 -29.78 20.41
CA LEU A 328 -23.07 -29.52 20.68
C LEU A 328 -22.96 -28.52 21.83
N ASN A 329 -21.91 -28.67 22.63
CA ASN A 329 -21.64 -27.67 23.65
C ASN A 329 -20.14 -27.39 23.68
N PHE A 330 -19.78 -26.23 24.21
CA PHE A 330 -18.37 -25.89 24.33
C PHE A 330 -18.12 -25.66 25.80
N VAL A 331 -17.27 -26.51 26.38
CA VAL A 331 -17.13 -26.57 27.84
C VAL A 331 -15.67 -26.51 28.32
N PRO A 332 -15.46 -26.14 29.61
CA PRO A 332 -14.11 -26.06 30.18
C PRO A 332 -13.52 -27.44 30.36
N LEU A 333 -12.30 -27.65 29.90
CA LEU A 333 -11.60 -28.90 30.12
C LEU A 333 -10.29 -28.61 30.86
N ARG A 334 -10.21 -29.06 32.11
CA ARG A 334 -9.06 -28.75 32.96
C ARG A 334 -8.01 -29.84 32.93
N VAL A 335 -6.80 -29.52 32.48
CA VAL A 335 -5.73 -30.50 32.56
C VAL A 335 -4.73 -30.09 33.66
N THR A 336 -4.44 -31.03 34.56
CA THR A 336 -3.62 -30.72 35.74
C THR A 336 -2.37 -31.60 35.83
N PHE A 337 -1.20 -30.96 35.74
CA PHE A 337 0.08 -31.68 35.84
C PHE A 337 0.58 -31.67 37.27
N PRO A 338 1.29 -32.74 37.67
CA PRO A 338 1.76 -32.93 39.05
C PRO A 338 2.88 -31.95 39.43
N GLU A 339 3.04 -31.70 40.73
CA GLU A 339 4.10 -30.81 41.21
C GLU A 339 5.35 -30.93 40.34
N ASP A 340 5.83 -32.15 40.14
CA ASP A 340 6.82 -32.49 39.09
C ASP A 340 7.83 -33.61 39.44
N SER A 341 7.93 -33.94 40.73
CA SER A 341 8.77 -35.04 41.21
C SER A 341 8.14 -36.38 40.85
N THR A 342 7.14 -36.34 39.99
CA THR A 342 6.22 -37.46 39.82
C THR A 342 6.46 -38.28 38.55
N ASP A 343 7.39 -37.82 37.72
CA ASP A 343 7.92 -38.66 36.64
C ASP A 343 6.85 -39.17 35.66
N TRP A 344 5.85 -38.33 35.36
CA TRP A 344 4.77 -38.74 34.45
C TRP A 344 5.27 -39.25 33.10
N THR A 345 4.72 -40.38 32.69
CA THR A 345 4.86 -40.82 31.32
C THR A 345 3.89 -40.00 30.48
N VAL A 346 4.06 -40.02 29.17
CA VAL A 346 3.05 -39.48 28.28
C VAL A 346 1.72 -40.12 28.68
N MSE A 347 1.73 -41.44 28.78
CA MSE A 347 0.55 -42.22 29.11
C MSE A 347 -0.18 -41.74 30.37
O MSE A 347 -1.41 -41.85 30.46
CB MSE A 347 0.92 -43.69 29.27
CG MSE A 347 -0.24 -44.63 29.52
SE MSE A 347 -1.17 -45.10 27.85
CE MSE A 347 0.39 -45.48 26.74
N ASP A 348 0.57 -41.24 31.34
CA ASP A 348 -0.02 -40.73 32.57
C ASP A 348 -0.91 -39.51 32.30
N LEU A 349 -0.48 -38.70 31.34
CA LEU A 349 -1.25 -37.53 30.95
C LEU A 349 -2.44 -37.99 30.13
N LEU A 350 -2.18 -38.89 29.19
CA LEU A 350 -3.22 -39.48 28.35
C LEU A 350 -4.43 -39.98 29.14
N HIS A 351 -4.18 -40.86 30.13
CA HIS A 351 -5.25 -41.34 30.97
C HIS A 351 -5.89 -40.22 31.81
N HIS A 352 -5.08 -39.33 32.35
CA HIS A 352 -5.60 -38.18 33.10
C HIS A 352 -6.52 -37.31 32.25
N THR A 353 -6.07 -37.00 31.03
CA THR A 353 -6.83 -36.13 30.14
C THR A 353 -8.20 -36.74 29.91
N GLN A 354 -8.19 -38.01 29.52
CA GLN A 354 -9.42 -38.73 29.21
C GLN A 354 -10.41 -38.63 30.37
N THR A 355 -9.88 -38.86 31.57
CA THR A 355 -10.65 -38.78 32.81
C THR A 355 -11.22 -37.39 33.05
N GLN A 356 -10.46 -36.37 32.68
CA GLN A 356 -10.95 -35.00 32.80
C GLN A 356 -12.07 -34.75 31.78
N TYR A 357 -12.14 -35.57 30.74
CA TYR A 357 -13.31 -35.60 29.88
C TYR A 357 -14.44 -36.47 30.48
N THR A 358 -14.24 -37.78 30.49
CA THR A 358 -15.28 -38.70 30.96
C THR A 358 -15.90 -38.33 32.31
N ARG A 359 -15.16 -37.60 33.15
CA ARG A 359 -15.70 -37.16 34.45
C ARG A 359 -16.99 -36.34 34.29
N ALA A 360 -17.11 -35.65 33.16
CA ALA A 360 -18.14 -34.63 32.99
C ALA A 360 -19.33 -35.05 32.13
N LEU A 361 -19.23 -36.25 31.54
CA LEU A 361 -20.27 -36.79 30.66
C LEU A 361 -21.73 -36.49 31.02
N SER A 362 -22.07 -36.57 32.31
CA SER A 362 -23.45 -36.38 32.73
C SER A 362 -23.71 -34.92 33.05
N HIS A 363 -22.64 -34.13 33.05
CA HIS A 363 -22.73 -32.70 33.35
C HIS A 363 -22.33 -31.80 32.17
N GLU A 364 -21.92 -32.40 31.05
CA GLU A 364 -21.45 -31.64 29.88
C GLU A 364 -22.50 -30.77 29.16
N HIS A 365 -23.76 -30.86 29.57
CA HIS A 365 -24.88 -30.34 28.78
C HIS A 365 -25.43 -29.00 29.24
N VAL A 366 -24.88 -28.44 30.32
CA VAL A 366 -25.41 -27.16 30.80
C VAL A 366 -24.86 -25.99 29.98
N GLU A 367 -25.55 -24.85 30.04
CA GLU A 367 -25.07 -23.64 29.38
C GLU A 367 -23.73 -23.19 29.99
N LEU A 368 -22.76 -22.82 29.14
CA LEU A 368 -21.44 -22.40 29.65
C LEU A 368 -21.51 -21.24 30.66
N ARG A 369 -22.41 -20.30 30.42
CA ARG A 369 -22.54 -19.17 31.31
C ARG A 369 -23.17 -19.59 32.62
N ASP A 370 -23.98 -20.65 32.60
CA ASP A 370 -24.53 -21.16 33.85
C ASP A 370 -23.38 -21.70 34.70
N ILE A 371 -22.55 -22.56 34.11
CA ILE A 371 -21.40 -23.09 34.82
C ILE A 371 -20.60 -21.99 35.50
N PHE A 372 -20.40 -20.88 34.80
CA PHE A 372 -19.59 -19.79 35.33
C PHE A 372 -20.33 -19.07 36.45
N GLN A 373 -21.62 -18.84 36.22
CA GLN A 373 -22.47 -18.17 37.17
C GLN A 373 -22.71 -18.98 38.45
N HIS A 374 -22.67 -20.30 38.37
CA HIS A 374 -23.06 -21.15 39.50
C HIS A 374 -21.90 -21.92 40.14
N SER A 375 -20.87 -22.25 39.36
CA SER A 375 -19.80 -23.11 39.87
C SER A 375 -18.46 -22.39 40.04
N THR A 376 -18.43 -21.11 39.69
CA THR A 376 -17.18 -20.36 39.66
C THR A 376 -17.35 -18.95 40.18
N ASN A 377 -16.22 -18.28 40.32
CA ASN A 377 -16.22 -16.85 40.57
C ASN A 377 -15.73 -16.08 39.33
N TRP A 378 -16.11 -16.60 38.17
CA TRP A 378 -15.74 -16.02 36.88
C TRP A 378 -16.91 -15.24 36.30
N PRO A 379 -16.63 -14.08 35.70
CA PRO A 379 -17.73 -13.39 34.99
C PRO A 379 -18.49 -14.41 34.11
N ALA A 380 -19.81 -14.42 34.17
CA ALA A 380 -20.56 -15.44 33.42
C ALA A 380 -20.43 -15.29 31.89
N GLU A 381 -20.23 -14.06 31.42
CA GLU A 381 -20.04 -13.81 30.00
C GLU A 381 -18.63 -14.10 29.56
N THR A 382 -17.83 -14.68 30.45
CA THR A 382 -16.47 -15.05 30.12
C THR A 382 -16.45 -15.92 28.88
N PRO A 383 -15.74 -15.47 27.82
CA PRO A 383 -15.62 -16.27 26.60
C PRO A 383 -14.54 -17.34 26.73
N LEU A 384 -14.70 -18.46 26.02
CA LEU A 384 -13.56 -19.35 25.78
C LEU A 384 -12.69 -18.71 24.69
N SER A 385 -11.36 -18.87 24.82
CA SER A 385 -10.43 -18.19 23.93
C SER A 385 -9.79 -19.18 23.00
N LEU A 386 -9.73 -20.43 23.46
CA LEU A 386 -9.26 -21.53 22.65
C LEU A 386 -10.32 -22.61 22.76
N ILE A 387 -10.65 -23.25 21.64
CA ILE A 387 -11.65 -24.33 21.64
C ILE A 387 -11.17 -25.51 20.81
N VAL A 388 -10.86 -26.64 21.45
CA VAL A 388 -10.41 -27.83 20.74
C VAL A 388 -11.60 -28.72 20.31
N GLN A 389 -11.72 -29.03 19.01
CA GLN A 389 -12.85 -29.83 18.52
C GLN A 389 -12.46 -31.03 17.66
N HIS A 390 -12.47 -32.22 18.25
CA HIS A 390 -12.15 -33.44 17.48
C HIS A 390 -13.37 -34.01 16.74
N GLN A 391 -13.16 -34.29 15.46
CA GLN A 391 -14.28 -34.62 14.58
C GLN A 391 -14.58 -36.11 14.41
N ASN A 392 -14.80 -36.80 15.53
CA ASN A 392 -15.22 -38.20 15.52
C ASN A 392 -16.67 -38.32 15.06
N ILE A 393 -16.89 -37.88 13.82
CA ILE A 393 -18.20 -37.84 13.19
C ILE A 393 -18.03 -38.33 11.74
N ASP A 394 -19.14 -38.44 10.99
CA ASP A 394 -19.05 -38.78 9.58
C ASP A 394 -18.31 -37.70 8.77
N LEU A 395 -17.37 -38.10 7.94
CA LEU A 395 -16.58 -37.12 7.19
C LEU A 395 -16.91 -37.24 5.70
N SER A 396 -17.76 -38.20 5.37
CA SER A 396 -18.30 -38.31 4.01
C SER A 396 -19.82 -38.44 4.08
N PHE A 397 -20.51 -38.12 2.99
CA PHE A 397 -21.96 -38.10 3.02
C PHE A 397 -22.65 -38.75 1.81
N SER A 398 -23.91 -39.10 2.00
CA SER A 398 -24.60 -39.90 1.02
C SER A 398 -26.09 -39.58 0.98
N LEU A 399 -26.63 -39.56 -0.24
CA LEU A 399 -28.06 -39.37 -0.44
C LEU A 399 -28.52 -40.33 -1.53
N PRO A 400 -28.71 -41.61 -1.15
CA PRO A 400 -29.00 -42.69 -2.11
C PRO A 400 -30.45 -42.72 -2.61
N LEU A 401 -30.84 -41.78 -3.45
CA LEU A 401 -32.17 -41.83 -4.07
C LEU A 401 -32.25 -42.95 -5.11
N ARG A 402 -33.45 -43.50 -5.33
CA ARG A 402 -33.60 -44.62 -6.25
C ARG A 402 -34.35 -44.24 -7.52
N GLY A 403 -34.09 -44.99 -8.61
CA GLY A 403 -34.82 -44.84 -9.85
C GLY A 403 -35.88 -45.93 -10.04
N SER A 415 -31.69 -45.43 -12.30
CA SER A 415 -30.46 -45.34 -11.52
C SER A 415 -29.98 -43.89 -11.42
N LEU A 416 -29.75 -43.42 -10.20
CA LEU A 416 -29.35 -42.01 -9.98
C LEU A 416 -27.96 -41.87 -9.38
N ASP A 417 -27.09 -41.16 -10.10
CA ASP A 417 -25.79 -40.74 -9.58
C ASP A 417 -26.02 -39.50 -8.71
N VAL A 418 -25.65 -39.59 -7.44
CA VAL A 418 -25.90 -38.49 -6.53
C VAL A 418 -24.60 -38.11 -5.83
N GLN A 419 -24.12 -36.87 -6.07
CA GLN A 419 -22.83 -36.43 -5.55
C GLN A 419 -22.95 -35.25 -4.61
N TYR A 420 -22.16 -35.30 -3.54
CA TYR A 420 -22.23 -34.30 -2.49
C TYR A 420 -21.18 -33.21 -2.64
N SER A 421 -21.58 -31.97 -2.33
CA SER A 421 -20.65 -30.87 -2.20
C SER A 421 -21.34 -29.88 -1.29
N LYS A 422 -20.57 -28.93 -0.76
CA LYS A 422 -21.14 -27.86 0.07
C LYS A 422 -20.52 -26.49 -0.17
N PHE A 423 -21.25 -25.43 0.23
CA PHE A 423 -20.69 -24.10 0.41
C PHE A 423 -20.82 -23.86 1.90
N ALA A 424 -19.94 -23.04 2.48
CA ALA A 424 -20.05 -22.72 3.91
C ALA A 424 -19.37 -21.41 4.28
N ARG A 425 -19.98 -20.69 5.21
CA ARG A 425 -19.38 -19.53 5.85
C ARG A 425 -19.11 -19.88 7.31
N PHE A 426 -18.06 -19.31 7.86
CA PHE A 426 -17.84 -19.40 9.29
C PHE A 426 -16.83 -18.34 9.69
N ASP A 427 -17.23 -17.42 10.55
CA ASP A 427 -16.34 -16.32 10.94
C ASP A 427 -16.20 -16.23 12.44
N PRO A 428 -15.09 -16.75 12.97
CA PRO A 428 -14.91 -16.65 14.43
C PRO A 428 -14.73 -15.20 14.91
N LEU A 429 -15.04 -14.98 16.18
CA LEU A 429 -14.78 -13.70 16.84
C LEU A 429 -13.34 -13.63 17.39
N ASP A 430 -13.17 -13.69 18.69
CA ASP A 430 -11.82 -13.55 19.20
C ASP A 430 -11.15 -14.87 19.62
N GLU A 431 -11.90 -15.97 19.51
CA GLU A 431 -11.41 -17.30 19.89
C GLU A 431 -10.55 -17.94 18.81
N VAL A 432 -9.81 -18.97 19.21
CA VAL A 432 -9.05 -19.81 18.27
C VAL A 432 -9.66 -21.22 18.26
N TRP A 433 -10.03 -21.72 17.09
CA TRP A 433 -10.53 -23.10 16.95
C TRP A 433 -9.46 -24.03 16.43
N ILE A 434 -9.27 -25.17 17.11
CA ILE A 434 -8.41 -26.23 16.57
C ILE A 434 -9.28 -27.41 16.21
N PHE A 435 -9.35 -27.75 14.93
CA PHE A 435 -10.22 -28.84 14.48
C PHE A 435 -9.39 -30.06 14.13
N THR A 436 -9.71 -31.21 14.71
CA THR A 436 -9.08 -32.44 14.23
C THR A 436 -10.03 -33.32 13.40
N GLU A 437 -9.56 -33.70 12.22
CA GLU A 437 -10.32 -34.57 11.35
C GLU A 437 -9.57 -35.87 11.18
N PRO A 438 -10.13 -36.96 11.73
CA PRO A 438 -9.53 -38.28 11.66
C PRO A 438 -9.91 -38.99 10.38
N HIS A 439 -9.07 -38.83 9.35
CA HIS A 439 -9.25 -39.56 8.11
C HIS A 439 -8.45 -40.85 8.19
N ALA A 440 -8.45 -41.59 7.08
CA ALA A 440 -7.81 -42.90 7.04
C ALA A 440 -6.37 -42.76 6.60
N ASP A 441 -6.06 -41.66 5.93
CA ASP A 441 -4.71 -41.40 5.45
C ASP A 441 -3.97 -40.44 6.38
N ARG A 442 -4.74 -39.70 7.16
CA ARG A 442 -4.18 -38.61 7.91
C ARG A 442 -5.10 -38.10 9.00
N LEU A 443 -4.49 -37.61 10.09
CA LEU A 443 -5.17 -36.68 10.97
C LEU A 443 -4.94 -35.32 10.30
N GLU A 444 -5.97 -34.50 10.22
CA GLU A 444 -5.76 -33.16 9.71
C GLU A 444 -5.95 -32.20 10.89
N VAL A 445 -4.87 -31.51 11.29
CA VAL A 445 -5.02 -30.40 12.21
C VAL A 445 -5.46 -29.15 11.43
N GLN A 446 -6.54 -28.54 11.91
CA GLN A 446 -7.10 -27.36 11.27
C GLN A 446 -7.19 -26.28 12.34
N VAL A 447 -6.60 -25.13 12.04
CA VAL A 447 -6.70 -23.99 12.92
C VAL A 447 -7.56 -23.00 12.21
N CYS A 448 -8.61 -22.52 12.86
CA CYS A 448 -9.39 -21.43 12.28
C CYS A 448 -9.45 -20.27 13.25
N ALA A 449 -9.04 -19.09 12.78
CA ALA A 449 -9.08 -17.86 13.58
C ALA A 449 -8.96 -16.63 12.69
N ASN A 450 -9.53 -15.52 13.15
CA ASN A 450 -9.29 -14.22 12.53
C ASN A 450 -7.80 -13.90 12.51
N SER A 451 -7.35 -13.26 11.44
CA SER A 451 -5.94 -12.90 11.29
C SER A 451 -5.45 -11.88 12.33
N ARG A 452 -6.38 -11.12 12.90
CA ARG A 452 -5.99 -10.16 13.93
C ARG A 452 -5.72 -10.85 15.27
N VAL A 453 -6.28 -12.05 15.43
CA VAL A 453 -6.08 -12.87 16.63
C VAL A 453 -4.85 -13.76 16.46
N LEU A 454 -4.66 -14.26 15.25
CA LEU A 454 -3.54 -15.14 15.00
C LEU A 454 -3.13 -15.03 13.54
N GLY A 455 -1.97 -14.42 13.30
CA GLY A 455 -1.46 -14.24 11.95
C GLY A 455 -1.07 -15.56 11.32
N GLN A 456 -0.94 -15.54 9.99
CA GLN A 456 -0.65 -16.74 9.20
C GLN A 456 0.52 -17.58 9.72
N GLU A 457 1.61 -16.94 10.12
CA GLU A 457 2.79 -17.67 10.57
C GLU A 457 2.58 -18.22 11.96
N GLN A 458 1.80 -17.51 12.76
CA GLN A 458 1.46 -17.97 14.09
C GLN A 458 0.54 -19.17 13.94
N ALA A 459 -0.47 -19.01 13.09
CA ALA A 459 -1.40 -20.09 12.79
C ALA A 459 -0.64 -21.31 12.29
N THR A 460 0.20 -21.10 11.28
CA THR A 460 0.97 -22.19 10.68
C THR A 460 1.89 -22.90 11.68
N GLU A 461 2.48 -22.16 12.60
CA GLU A 461 3.34 -22.75 13.63
C GLU A 461 2.55 -23.56 14.64
N LEU A 462 1.43 -22.98 15.09
CA LEU A 462 0.53 -23.69 16.00
C LEU A 462 0.05 -25.02 15.41
N ALA A 463 -0.20 -25.06 14.11
CA ALA A 463 -0.59 -26.31 13.49
C ALA A 463 0.52 -27.32 13.73
N ASN A 464 1.72 -26.99 13.26
CA ASN A 464 2.87 -27.90 13.35
C ASN A 464 3.22 -28.29 14.78
N ASN A 465 3.11 -27.35 15.69
CA ASN A 465 3.39 -27.66 17.08
C ASN A 465 2.45 -28.73 17.62
N ILE A 466 1.16 -28.55 17.39
CA ILE A 466 0.17 -29.48 17.91
C ILE A 466 0.34 -30.85 17.27
N SER A 467 0.60 -30.86 15.97
CA SER A 467 0.85 -32.11 15.22
C SER A 467 2.06 -32.86 15.77
N ALA A 468 3.20 -32.16 15.82
CA ALA A 468 4.46 -32.75 16.26
C ALA A 468 4.31 -33.42 17.61
N ILE A 469 3.45 -32.88 18.48
CA ILE A 469 3.24 -33.45 19.80
C ILE A 469 2.37 -34.71 19.72
N ILE A 470 1.28 -34.61 18.97
CA ILE A 470 0.44 -35.78 18.74
C ILE A 470 1.35 -36.94 18.35
N THR A 471 2.10 -36.75 17.26
CA THR A 471 3.09 -37.71 16.79
C THR A 471 4.02 -38.19 17.90
N LYS A 472 4.57 -37.26 18.67
CA LYS A 472 5.48 -37.58 19.77
C LYS A 472 4.81 -38.52 20.77
N PHE A 473 3.59 -38.18 21.15
CA PHE A 473 2.83 -39.04 22.06
C PHE A 473 2.63 -40.44 21.48
N SER A 474 2.55 -40.54 20.15
CA SER A 474 2.28 -41.79 19.44
C SER A 474 3.53 -42.66 19.33
N THR A 475 4.68 -42.01 19.18
CA THR A 475 5.97 -42.68 18.95
C THR A 475 6.66 -43.18 20.24
N ASP A 476 6.20 -42.70 21.39
CA ASP A 476 6.58 -43.30 22.67
C ASP A 476 5.67 -42.82 23.78
N PRO A 477 4.50 -43.46 23.89
CA PRO A 477 3.55 -43.24 24.97
C PRO A 477 4.18 -43.50 26.35
N THR A 478 5.35 -44.14 26.33
CA THR A 478 6.07 -44.57 27.53
C THR A 478 6.96 -43.46 28.11
N ALA A 479 7.58 -42.69 27.22
CA ALA A 479 8.54 -41.65 27.59
C ALA A 479 8.03 -40.75 28.71
N ARG A 480 8.92 -40.36 29.62
CA ARG A 480 8.58 -39.34 30.59
C ARG A 480 8.40 -38.03 29.84
N LEU A 481 7.57 -37.13 30.38
CA LEU A 481 7.35 -35.85 29.74
C LEU A 481 8.61 -34.98 29.83
N LEU A 482 9.49 -35.15 28.86
CA LEU A 482 10.75 -34.42 28.82
C LEU A 482 11.17 -34.27 27.36
N ASP A 483 10.23 -33.79 26.54
CA ASP A 483 10.42 -33.85 25.10
C ASP A 483 10.71 -32.57 24.35
N ILE A 484 9.84 -32.30 23.39
CA ILE A 484 10.27 -31.76 22.10
C ILE A 484 10.18 -30.26 21.82
N THR A 485 9.15 -29.61 22.34
CA THR A 485 9.09 -28.14 22.36
C THR A 485 9.36 -27.50 21.00
N GLU B 19 -26.72 -15.38 -53.36
CA GLU B 19 -26.42 -14.29 -52.45
C GLU B 19 -25.80 -14.79 -51.13
N PRO B 20 -26.51 -15.66 -50.37
CA PRO B 20 -25.93 -16.09 -49.09
C PRO B 20 -24.58 -16.74 -49.25
N PHE B 21 -23.70 -16.46 -48.30
CA PHE B 21 -22.33 -16.99 -48.30
C PHE B 21 -21.41 -16.26 -49.29
N SER B 22 -21.95 -15.28 -50.01
CA SER B 22 -21.10 -14.25 -50.58
C SER B 22 -20.38 -13.62 -49.37
N LEU B 23 -19.28 -12.89 -49.61
CA LEU B 23 -18.59 -12.25 -48.49
C LEU B 23 -17.97 -13.24 -47.51
N SER B 24 -18.37 -14.51 -47.55
CA SER B 24 -17.76 -15.49 -46.64
C SER B 24 -16.26 -15.66 -46.92
N PRO B 25 -15.41 -15.29 -45.94
CA PRO B 25 -13.95 -15.33 -46.12
C PRO B 25 -13.34 -16.70 -45.79
N ILE B 26 -14.19 -17.71 -45.69
CA ILE B 26 -13.71 -19.07 -45.47
C ILE B 26 -14.28 -20.02 -46.53
N LYS B 27 -13.42 -20.86 -47.12
CA LYS B 27 -13.83 -21.74 -48.21
C LYS B 27 -15.03 -22.64 -47.85
N ASP B 28 -15.02 -23.17 -46.62
CA ASP B 28 -16.06 -24.09 -46.18
C ASP B 28 -16.79 -23.61 -44.91
N PRO B 29 -17.83 -22.77 -45.10
CA PRO B 29 -18.64 -22.26 -43.99
C PRO B 29 -19.37 -23.35 -43.18
N GLN B 30 -20.00 -24.30 -43.86
CA GLN B 30 -20.82 -25.28 -43.18
C GLN B 30 -20.03 -26.31 -42.33
N ALA B 31 -18.71 -26.37 -42.55
CA ALA B 31 -17.86 -27.21 -41.70
C ALA B 31 -17.38 -26.42 -40.48
N LEU B 32 -17.65 -25.12 -40.47
CA LEU B 32 -17.40 -24.32 -39.29
C LEU B 32 -18.62 -24.36 -38.37
N HIS B 33 -19.80 -24.44 -38.96
CA HIS B 33 -21.02 -24.63 -38.19
C HIS B 33 -21.03 -26.05 -37.64
N ALA B 34 -20.44 -26.98 -38.39
CA ALA B 34 -20.34 -28.36 -37.96
C ALA B 34 -19.51 -28.44 -36.70
N ALA B 35 -18.29 -27.91 -36.78
CA ALA B 35 -17.36 -27.93 -35.65
C ALA B 35 -17.98 -27.33 -34.39
N LEU B 36 -18.71 -26.23 -34.54
CA LEU B 36 -19.34 -25.58 -33.40
C LEU B 36 -20.42 -26.46 -32.79
N CYS B 37 -21.29 -27.04 -33.63
CA CYS B 37 -22.38 -27.88 -33.14
C CYS B 37 -21.87 -29.09 -32.36
N SER B 38 -20.80 -29.72 -32.86
CA SER B 38 -20.24 -30.89 -32.19
C SER B 38 -19.34 -30.47 -31.04
N LYS B 39 -19.61 -29.29 -30.47
CA LYS B 39 -18.95 -28.85 -29.26
C LYS B 39 -19.98 -28.18 -28.35
N ASN B 40 -21.23 -28.26 -28.79
CA ASN B 40 -22.39 -27.77 -28.05
C ASN B 40 -22.28 -26.27 -27.74
N VAL B 41 -21.51 -25.60 -28.60
CA VAL B 41 -21.45 -24.15 -28.62
C VAL B 41 -22.78 -23.60 -29.11
N ILE B 42 -23.30 -24.16 -30.18
CA ILE B 42 -24.65 -23.83 -30.65
C ILE B 42 -25.49 -25.10 -30.76
N PRO B 43 -26.82 -24.96 -30.68
CA PRO B 43 -27.74 -26.11 -30.76
C PRO B 43 -27.40 -27.01 -31.96
N VAL B 44 -27.45 -28.33 -31.77
CA VAL B 44 -27.14 -29.28 -32.86
C VAL B 44 -28.14 -29.22 -34.01
N THR B 45 -29.37 -28.82 -33.69
CA THR B 45 -30.47 -28.80 -34.66
C THR B 45 -30.56 -27.50 -35.45
N SER B 46 -29.55 -26.65 -35.36
CA SER B 46 -29.60 -25.33 -36.00
C SER B 46 -29.02 -25.35 -37.41
N THR B 47 -29.54 -24.49 -38.27
CA THR B 47 -28.95 -24.33 -39.60
C THR B 47 -28.04 -23.09 -39.70
N LEU B 48 -27.02 -23.21 -40.54
CA LEU B 48 -26.19 -22.08 -40.91
C LEU B 48 -26.82 -21.40 -42.12
N GLU B 49 -27.53 -20.31 -41.87
CA GLU B 49 -28.24 -19.57 -42.91
C GLU B 49 -27.33 -18.62 -43.70
N ASP B 50 -26.45 -17.92 -43.00
CA ASP B 50 -25.49 -17.09 -43.70
C ASP B 50 -24.17 -16.98 -42.95
N LEU B 51 -23.15 -16.51 -43.67
CA LEU B 51 -21.86 -16.29 -43.05
C LEU B 51 -21.17 -15.09 -43.70
N LEU B 52 -20.92 -14.07 -42.89
CA LEU B 52 -20.35 -12.81 -43.40
C LEU B 52 -19.21 -12.32 -42.52
N PRO B 53 -18.45 -11.36 -43.04
CA PRO B 53 -17.50 -10.68 -42.17
C PRO B 53 -18.26 -9.88 -41.11
N ALA B 54 -17.67 -9.82 -39.92
CA ALA B 54 -18.06 -8.88 -38.88
C ALA B 54 -17.39 -7.55 -39.22
N THR B 55 -18.16 -6.45 -39.12
CA THR B 55 -17.64 -5.11 -39.42
C THR B 55 -16.64 -4.65 -38.39
N GLN B 56 -15.93 -3.56 -38.72
CA GLN B 56 -14.93 -3.01 -37.81
C GLN B 56 -15.57 -2.48 -36.55
N ALA B 57 -16.76 -1.89 -36.70
CA ALA B 57 -17.45 -1.27 -35.58
C ALA B 57 -17.98 -2.37 -34.64
N GLN B 58 -18.58 -3.39 -35.22
CA GLN B 58 -18.92 -4.57 -34.44
C GLN B 58 -17.73 -5.07 -33.65
N HIS B 59 -16.56 -5.18 -34.29
CA HIS B 59 -15.36 -5.72 -33.65
C HIS B 59 -14.81 -4.76 -32.56
N VAL B 60 -15.05 -3.47 -32.74
CA VAL B 60 -14.79 -2.48 -31.69
C VAL B 60 -15.52 -2.88 -30.39
N PHE B 61 -16.83 -3.09 -30.48
CA PHE B 61 -17.62 -3.35 -29.29
C PHE B 61 -17.27 -4.67 -28.62
N ILE B 62 -16.92 -5.63 -29.45
CA ILE B 62 -16.56 -6.95 -28.98
C ILE B 62 -15.20 -6.95 -28.28
N LYS B 63 -14.23 -6.25 -28.83
CA LYS B 63 -12.93 -6.22 -28.17
C LYS B 63 -13.07 -5.52 -26.82
N ARG B 64 -14.16 -4.77 -26.65
CA ARG B 64 -14.34 -3.97 -25.45
C ARG B 64 -15.37 -4.57 -24.48
N GLY B 65 -15.75 -5.82 -24.74
CA GLY B 65 -16.62 -6.54 -23.85
C GLY B 65 -18.00 -5.93 -23.68
N THR B 66 -18.39 -5.11 -24.63
CA THR B 66 -19.62 -4.35 -24.53
C THR B 66 -20.82 -5.29 -24.52
N PHE B 67 -21.55 -5.27 -23.41
CA PHE B 67 -22.56 -6.31 -23.13
C PHE B 67 -23.65 -5.69 -22.28
N HIS B 68 -24.89 -5.89 -22.69
CA HIS B 68 -26.01 -5.26 -21.99
C HIS B 68 -26.97 -6.32 -21.55
N SER B 69 -27.64 -6.02 -20.44
CA SER B 69 -28.79 -6.78 -20.06
C SER B 69 -29.93 -5.79 -19.98
N TYR B 70 -30.91 -5.91 -20.87
CA TYR B 70 -32.07 -5.01 -20.82
C TYR B 70 -33.18 -5.56 -19.95
N ASN B 71 -33.47 -4.87 -18.86
CA ASN B 71 -34.31 -5.46 -17.81
C ASN B 71 -35.71 -4.88 -17.69
N TRP B 72 -36.71 -5.69 -18.02
CA TRP B 72 -38.11 -5.26 -17.86
C TRP B 72 -38.78 -5.85 -16.63
N THR B 73 -39.12 -4.99 -15.67
CA THR B 73 -39.87 -5.40 -14.47
C THR B 73 -41.36 -5.23 -14.76
N ILE B 74 -42.08 -6.33 -14.87
CA ILE B 74 -43.53 -6.33 -15.10
C ILE B 74 -44.32 -6.61 -13.81
N LYS B 75 -45.20 -5.69 -13.43
CA LYS B 75 -45.99 -5.82 -12.22
C LYS B 75 -47.47 -5.71 -12.56
N GLY B 76 -48.18 -6.82 -12.52
CA GLY B 76 -49.57 -6.85 -12.92
C GLY B 76 -50.26 -8.20 -12.88
N ARG B 77 -51.57 -8.16 -13.13
CA ARG B 77 -52.48 -9.29 -13.00
C ARG B 77 -52.49 -10.21 -14.23
N SER B 78 -52.60 -9.57 -15.40
CA SER B 78 -52.98 -10.24 -16.64
C SER B 78 -51.85 -11.01 -17.35
N LEU B 79 -50.66 -11.02 -16.76
CA LEU B 79 -49.47 -11.46 -17.49
C LEU B 79 -49.50 -12.90 -17.97
N ASN B 80 -49.22 -13.09 -19.26
CA ASN B 80 -49.19 -14.42 -19.85
C ASN B 80 -47.77 -14.93 -20.04
N MSE B 81 -47.35 -15.83 -19.17
CA MSE B 81 -46.00 -16.37 -19.17
C MSE B 81 -45.64 -17.14 -20.43
O MSE B 81 -44.51 -17.02 -20.95
CB MSE B 81 -45.77 -17.23 -17.94
CG MSE B 81 -45.98 -16.48 -16.65
SE MSE B 81 -44.51 -15.23 -16.26
CE MSE B 81 -43.09 -16.55 -15.93
N ASP B 82 -46.58 -17.95 -20.92
CA ASP B 82 -46.36 -18.78 -22.11
C ASP B 82 -46.21 -17.93 -23.35
N ARG B 83 -47.04 -16.90 -23.45
CA ARG B 83 -46.94 -15.94 -24.51
C ARG B 83 -45.60 -15.17 -24.46
N LEU B 84 -45.15 -14.79 -23.27
CA LEU B 84 -43.84 -14.16 -23.09
C LEU B 84 -42.72 -15.01 -23.68
N ARG B 85 -42.71 -16.29 -23.34
CA ARG B 85 -41.70 -17.21 -23.86
C ARG B 85 -41.70 -17.20 -25.37
N GLU B 86 -42.90 -17.26 -25.95
CA GLU B 86 -43.09 -17.33 -27.40
C GLU B 86 -42.69 -16.04 -28.12
N THR B 87 -43.09 -14.90 -27.57
CA THR B 87 -42.61 -13.60 -28.02
C THR B 87 -41.08 -13.58 -28.14
N CYS B 88 -40.41 -14.18 -27.16
CA CYS B 88 -38.96 -14.36 -27.26
C CYS B 88 -38.56 -15.07 -28.54
N GLN B 89 -39.23 -16.18 -28.83
CA GLN B 89 -38.93 -17.01 -29.99
C GLN B 89 -39.16 -16.26 -31.28
N SER B 90 -40.32 -15.60 -31.38
CA SER B 90 -40.75 -14.93 -32.60
C SER B 90 -39.80 -13.79 -32.92
N LEU B 91 -39.46 -13.00 -31.90
CA LEU B 91 -38.58 -11.87 -32.07
C LEU B 91 -37.26 -12.31 -32.68
N VAL B 92 -36.72 -13.42 -32.18
CA VAL B 92 -35.44 -13.92 -32.66
C VAL B 92 -35.58 -14.46 -34.10
N ASP B 93 -36.73 -15.08 -34.38
CA ASP B 93 -37.10 -15.44 -35.75
C ASP B 93 -37.06 -14.21 -36.66
N ARG B 94 -37.70 -13.14 -36.21
CA ARG B 94 -37.82 -11.92 -37.01
C ARG B 94 -36.46 -11.26 -37.34
N HIS B 95 -35.57 -11.15 -36.35
CA HIS B 95 -34.33 -10.39 -36.53
C HIS B 95 -33.09 -11.26 -36.57
N SER B 96 -32.48 -11.39 -37.73
CA SER B 96 -31.43 -12.39 -37.89
C SER B 96 -30.17 -12.05 -37.09
N ILE B 97 -29.97 -10.76 -36.77
CA ILE B 97 -28.87 -10.36 -35.93
C ILE B 97 -29.02 -10.95 -34.51
N LEU B 98 -30.25 -11.30 -34.13
CA LEU B 98 -30.50 -11.88 -32.80
C LEU B 98 -30.14 -13.36 -32.80
N ARG B 99 -29.96 -13.95 -33.98
CA ARG B 99 -29.57 -15.37 -34.03
C ARG B 99 -28.20 -15.51 -34.64
N THR B 100 -27.35 -14.54 -34.33
CA THR B 100 -26.01 -14.52 -34.89
C THR B 100 -25.03 -14.93 -33.82
N SER B 101 -24.00 -15.63 -34.26
CA SER B 101 -22.97 -16.06 -33.38
C SER B 101 -21.64 -15.56 -33.97
N PHE B 102 -20.68 -15.23 -33.12
CA PHE B 102 -19.48 -14.56 -33.60
C PHE B 102 -18.26 -15.39 -33.37
N VAL B 103 -17.36 -15.36 -34.34
CA VAL B 103 -16.18 -16.21 -34.26
C VAL B 103 -15.02 -15.58 -35.02
N GLU B 104 -13.82 -16.11 -34.81
CA GLU B 104 -12.63 -15.61 -35.48
C GLU B 104 -11.99 -16.74 -36.26
N HIS B 105 -12.05 -16.66 -37.59
CA HIS B 105 -11.40 -17.67 -38.41
C HIS B 105 -10.49 -16.99 -39.42
N GLU B 106 -9.45 -17.70 -39.85
CA GLU B 106 -8.53 -17.14 -40.83
C GLU B 106 -7.93 -15.82 -40.34
N GLY B 107 -7.94 -15.63 -39.03
CA GLY B 107 -7.45 -14.41 -38.42
C GLY B 107 -8.54 -13.41 -38.10
N HIS B 108 -9.56 -13.34 -38.94
CA HIS B 108 -10.54 -12.27 -38.92
C HIS B 108 -11.89 -12.71 -38.40
N PRO B 109 -12.53 -11.86 -37.58
CA PRO B 109 -13.84 -12.07 -36.95
C PRO B 109 -15.02 -12.03 -37.93
N ILE B 110 -15.96 -12.97 -37.77
CA ILE B 110 -17.07 -13.14 -38.69
C ILE B 110 -18.37 -13.50 -37.99
N GLN B 111 -19.49 -13.10 -38.60
CA GLN B 111 -20.82 -13.46 -38.14
C GLN B 111 -21.34 -14.74 -38.81
N LEU B 112 -21.89 -15.64 -38.01
CA LEU B 112 -22.64 -16.78 -38.53
C LEU B 112 -24.10 -16.54 -38.21
N VAL B 113 -24.94 -16.42 -39.24
CA VAL B 113 -26.37 -16.27 -39.03
C VAL B 113 -26.98 -17.66 -38.94
N LEU B 114 -27.73 -17.90 -37.87
CA LEU B 114 -28.36 -19.21 -37.64
C LEU B 114 -29.85 -19.23 -37.99
N ALA B 115 -30.32 -20.39 -38.44
CA ALA B 115 -31.75 -20.60 -38.65
C ALA B 115 -32.18 -21.90 -37.97
N ASN B 116 -33.49 -22.10 -37.90
CA ASN B 116 -34.06 -23.23 -37.17
C ASN B 116 -33.47 -23.30 -35.78
N LEU B 117 -33.51 -22.13 -35.13
CA LEU B 117 -32.92 -21.96 -33.81
C LEU B 117 -34.04 -21.81 -32.80
N ASP B 118 -34.11 -22.75 -31.87
CA ASP B 118 -35.11 -22.66 -30.81
C ASP B 118 -34.55 -21.85 -29.64
N VAL B 119 -35.30 -20.84 -29.21
CA VAL B 119 -34.90 -20.03 -28.06
C VAL B 119 -35.28 -20.71 -26.73
N LYS B 120 -34.28 -20.89 -25.87
CA LYS B 120 -34.51 -21.43 -24.52
C LYS B 120 -34.35 -20.32 -23.48
N VAL B 121 -35.45 -19.98 -22.80
CA VAL B 121 -35.42 -18.95 -21.78
C VAL B 121 -34.94 -19.51 -20.44
N ARG B 122 -34.05 -18.78 -19.77
CA ARG B 122 -33.63 -19.15 -18.42
C ARG B 122 -34.73 -18.68 -17.48
N GLU B 123 -35.20 -19.57 -16.59
CA GLU B 123 -36.28 -19.19 -15.70
C GLU B 123 -35.97 -19.54 -14.26
N VAL B 124 -36.39 -18.62 -13.40
CA VAL B 124 -36.16 -18.74 -11.99
C VAL B 124 -37.47 -18.45 -11.29
N GLN B 125 -37.91 -19.40 -10.46
CA GLN B 125 -39.05 -19.15 -9.59
C GLN B 125 -38.48 -18.86 -8.23
N CYS B 126 -38.60 -17.61 -7.80
CA CYS B 126 -37.96 -17.15 -6.57
C CYS B 126 -38.66 -17.71 -5.33
N TRP B 127 -37.94 -17.69 -4.21
CA TRP B 127 -38.56 -17.91 -2.91
C TRP B 127 -39.55 -16.80 -2.65
N PRO B 128 -40.50 -17.05 -1.74
CA PRO B 128 -41.36 -15.97 -1.24
C PRO B 128 -40.53 -14.81 -0.63
N GLY B 129 -40.88 -13.58 -1.03
CA GLY B 129 -40.18 -12.40 -0.53
C GLY B 129 -38.78 -12.17 -1.10
N GLU B 130 -38.32 -13.06 -1.96
CA GLU B 130 -37.04 -12.89 -2.64
C GLU B 130 -37.23 -11.96 -3.85
N ASP B 131 -36.32 -11.01 -4.01
CA ASP B 131 -36.50 -10.04 -5.08
C ASP B 131 -35.99 -10.53 -6.46
N PRO B 132 -36.86 -10.50 -7.48
CA PRO B 132 -36.48 -10.90 -8.86
C PRO B 132 -35.19 -10.19 -9.35
N MSE B 133 -35.11 -8.89 -9.08
CA MSE B 133 -34.03 -8.07 -9.63
C MSE B 133 -32.68 -8.35 -8.96
O MSE B 133 -31.63 -8.40 -9.64
CB MSE B 133 -34.38 -6.57 -9.56
CG MSE B 133 -33.43 -5.65 -10.31
SE MSE B 133 -33.23 -5.91 -12.26
CE MSE B 133 -35.05 -5.38 -12.76
N GLU B 134 -32.73 -8.56 -7.65
CA GLU B 134 -31.56 -8.97 -6.89
C GLU B 134 -31.04 -10.29 -7.39
N VAL B 135 -31.94 -11.13 -7.89
CA VAL B 135 -31.55 -12.41 -8.47
C VAL B 135 -30.82 -12.22 -9.82
N CYS B 136 -31.46 -11.49 -10.73
CA CYS B 136 -30.82 -11.15 -12.02
C CYS B 136 -29.45 -10.57 -11.78
N LYS B 137 -29.41 -9.58 -10.89
CA LYS B 137 -28.16 -8.94 -10.51
C LYS B 137 -27.14 -9.97 -10.04
N ALA B 138 -27.57 -10.89 -9.18
CA ALA B 138 -26.65 -11.94 -8.69
C ALA B 138 -26.10 -12.78 -9.84
N LEU B 139 -26.97 -13.19 -10.76
CA LEU B 139 -26.52 -13.97 -11.91
C LEU B 139 -25.60 -13.17 -12.83
N TRP B 140 -25.87 -11.86 -12.94
CA TRP B 140 -25.12 -10.99 -13.84
C TRP B 140 -23.68 -10.86 -13.40
N ASP B 141 -23.51 -10.56 -12.12
CA ASP B 141 -22.18 -10.40 -11.55
C ASP B 141 -21.52 -11.73 -11.23
N GLY B 142 -22.32 -12.77 -11.05
CA GLY B 142 -21.80 -14.07 -10.64
C GLY B 142 -21.30 -14.93 -11.79
N LYS B 143 -21.86 -14.75 -12.97
CA LYS B 143 -21.43 -15.58 -14.07
C LYS B 143 -21.70 -15.00 -15.45
N ASP B 144 -22.79 -14.25 -15.58
CA ASP B 144 -23.22 -13.75 -16.88
C ASP B 144 -22.18 -12.89 -17.62
N TRP B 145 -21.64 -11.84 -16.99
CA TRP B 145 -20.59 -11.07 -17.67
C TRP B 145 -19.13 -11.53 -17.44
N PRO B 146 -18.75 -11.89 -16.18
CA PRO B 146 -17.38 -12.36 -15.91
C PRO B 146 -16.92 -13.48 -16.84
N THR B 147 -17.83 -14.31 -17.31
CA THR B 147 -17.46 -15.43 -18.19
C THR B 147 -17.77 -15.15 -19.66
N LEU B 148 -18.24 -13.93 -19.96
CA LEU B 148 -18.55 -13.56 -21.35
C LEU B 148 -17.39 -13.89 -22.33
N ASN B 149 -17.71 -14.59 -23.41
CA ASN B 149 -16.72 -14.92 -24.43
C ASN B 149 -17.33 -14.95 -25.83
N VAL B 150 -17.60 -13.77 -26.40
CA VAL B 150 -18.32 -13.67 -27.69
C VAL B 150 -17.63 -14.38 -28.85
N LEU B 151 -16.32 -14.20 -28.96
CA LEU B 151 -15.59 -14.73 -30.11
C LEU B 151 -15.42 -16.25 -29.98
N GLY B 152 -15.97 -16.81 -28.91
CA GLY B 152 -16.03 -18.24 -28.65
C GLY B 152 -17.18 -18.93 -29.40
N GLY B 153 -18.17 -18.13 -29.82
CA GLY B 153 -19.24 -18.62 -30.66
C GLY B 153 -20.62 -18.79 -30.04
N SER B 154 -20.74 -18.72 -28.72
CA SER B 154 -22.06 -18.85 -28.05
C SER B 154 -22.96 -17.67 -28.39
N LEU B 155 -24.26 -17.89 -28.55
CA LEU B 155 -25.17 -16.79 -28.93
C LEU B 155 -25.29 -15.75 -27.81
N PRO B 156 -24.81 -14.51 -28.07
CA PRO B 156 -24.86 -13.50 -27.00
C PRO B 156 -26.29 -13.09 -26.64
N VAL B 157 -27.24 -13.24 -27.58
CA VAL B 157 -28.63 -12.93 -27.24
C VAL B 157 -29.34 -14.10 -26.53
N ARG B 158 -29.87 -13.85 -25.33
CA ARG B 158 -30.41 -14.91 -24.46
C ARG B 158 -31.35 -14.28 -23.45
N PHE B 159 -32.45 -14.97 -23.14
CA PHE B 159 -33.51 -14.36 -22.32
C PHE B 159 -33.60 -14.99 -20.97
N THR B 160 -34.12 -14.22 -20.02
CA THR B 160 -34.25 -14.67 -18.66
C THR B 160 -35.57 -14.17 -18.14
N LEU B 161 -36.29 -15.04 -17.45
CA LEU B 161 -37.54 -14.67 -16.80
C LEU B 161 -37.43 -15.09 -15.34
N VAL B 162 -37.59 -14.14 -14.43
CA VAL B 162 -37.47 -14.44 -13.01
C VAL B 162 -38.71 -13.98 -12.29
N SER B 163 -39.36 -14.88 -11.55
CA SER B 163 -40.70 -14.57 -11.08
C SER B 163 -40.90 -14.64 -9.58
N CYS B 164 -41.76 -13.77 -9.08
CA CYS B 164 -42.34 -13.96 -7.76
C CYS B 164 -43.43 -15.03 -7.87
N PRO B 165 -43.68 -15.78 -6.78
CA PRO B 165 -44.41 -17.05 -6.83
C PRO B 165 -45.89 -16.98 -7.29
N GLY B 166 -46.44 -15.79 -7.53
CA GLY B 166 -47.77 -15.67 -8.10
C GLY B 166 -47.78 -15.13 -9.53
N ASN B 167 -46.60 -14.86 -10.08
CA ASN B 167 -46.47 -14.32 -11.44
C ASN B 167 -47.22 -13.03 -11.66
N GLU B 168 -47.31 -12.25 -10.59
CA GLU B 168 -47.83 -10.90 -10.60
C GLU B 168 -46.67 -9.94 -10.43
N HIS B 169 -45.47 -10.49 -10.53
CA HIS B 169 -44.25 -9.71 -10.42
C HIS B 169 -43.11 -10.48 -11.06
N VAL B 170 -42.63 -9.98 -12.18
CA VAL B 170 -41.64 -10.70 -12.98
C VAL B 170 -40.64 -9.72 -13.60
N VAL B 171 -39.39 -10.17 -13.69
CA VAL B 171 -38.39 -9.42 -14.43
C VAL B 171 -37.98 -10.25 -15.63
N LEU B 172 -38.21 -9.69 -16.83
CA LEU B 172 -37.68 -10.28 -18.06
C LEU B 172 -36.36 -9.57 -18.33
N THR B 173 -35.34 -10.30 -18.76
CA THR B 173 -34.10 -9.64 -19.16
C THR B 173 -33.69 -10.11 -20.54
N ILE B 174 -33.10 -9.19 -21.32
CA ILE B 174 -32.57 -9.53 -22.63
C ILE B 174 -31.08 -9.24 -22.63
N GLN B 175 -30.25 -10.26 -22.82
CA GLN B 175 -28.81 -10.01 -22.95
C GLN B 175 -28.39 -9.90 -24.44
N ILE B 176 -27.39 -9.06 -24.73
CA ILE B 176 -27.07 -8.79 -26.12
C ILE B 176 -25.71 -8.11 -26.25
N SER B 177 -25.00 -8.42 -27.32
CA SER B 177 -23.76 -7.71 -27.55
C SER B 177 -24.03 -6.44 -28.36
N HIS B 178 -23.28 -5.38 -28.04
CA HIS B 178 -23.41 -4.11 -28.76
C HIS B 178 -23.07 -4.24 -30.25
N SER B 179 -22.51 -5.38 -30.64
CA SER B 179 -22.30 -5.65 -32.05
C SER B 179 -23.63 -6.01 -32.68
N GLN B 180 -24.70 -6.03 -31.89
CA GLN B 180 -26.01 -6.47 -32.40
C GLN B 180 -27.06 -5.40 -32.35
N TRP B 181 -26.69 -4.25 -31.80
CA TRP B 181 -27.62 -3.14 -31.72
C TRP B 181 -26.89 -1.81 -31.73
N ASP B 182 -27.64 -0.75 -31.99
CA ASP B 182 -27.13 0.59 -31.89
C ASP B 182 -28.31 1.43 -31.41
N GLY B 183 -28.05 2.70 -31.13
CA GLY B 183 -29.05 3.56 -30.56
C GLY B 183 -30.30 3.78 -31.36
N VAL B 184 -30.20 3.85 -32.68
CA VAL B 184 -31.40 4.10 -33.48
C VAL B 184 -32.28 2.85 -33.57
N SER B 185 -31.67 1.67 -33.57
CA SER B 185 -32.46 0.45 -33.73
C SER B 185 -32.90 -0.29 -32.44
N ILE B 186 -32.24 -0.04 -31.30
CA ILE B 186 -32.66 -0.71 -30.05
C ILE B 186 -34.14 -0.48 -29.63
N PRO B 187 -34.67 0.74 -29.85
CA PRO B 187 -36.08 0.92 -29.46
C PRO B 187 -36.99 0.09 -30.34
N LYS B 188 -36.51 -0.28 -31.52
CA LYS B 188 -37.30 -1.09 -32.41
C LYS B 188 -37.43 -2.47 -31.78
N LEU B 189 -36.33 -2.99 -31.23
CA LEU B 189 -36.33 -4.32 -30.61
C LEU B 189 -37.45 -4.41 -29.58
N PHE B 190 -37.52 -3.39 -28.72
CA PHE B 190 -38.55 -3.31 -27.69
C PHE B 190 -39.96 -3.20 -28.26
N SER B 191 -40.19 -2.32 -29.24
CA SER B 191 -41.53 -2.11 -29.78
C SER B 191 -42.01 -3.35 -30.51
N ASP B 192 -41.12 -3.99 -31.25
CA ASP B 192 -41.36 -5.27 -31.90
C ASP B 192 -41.74 -6.40 -30.92
N PHE B 193 -41.03 -6.49 -29.80
CA PHE B 193 -41.39 -7.44 -28.74
C PHE B 193 -42.82 -7.23 -28.24
N ALA B 194 -43.12 -6.05 -27.74
CA ALA B 194 -44.48 -5.70 -27.35
C ALA B 194 -45.52 -6.06 -28.43
N ALA B 195 -45.17 -5.80 -29.69
CA ALA B 195 -46.12 -5.99 -30.80
C ALA B 195 -46.43 -7.47 -30.95
N ILE B 196 -45.37 -8.26 -31.03
CA ILE B 196 -45.46 -9.69 -30.98
C ILE B 196 -46.26 -10.15 -29.77
N TYR B 197 -45.88 -9.70 -28.57
CA TYR B 197 -46.61 -10.10 -27.36
C TYR B 197 -48.11 -9.79 -27.44
N ASN B 198 -48.43 -8.60 -27.93
CA ASN B 198 -49.80 -8.13 -27.99
C ASN B 198 -50.49 -8.70 -29.21
N GLN B 199 -49.74 -9.40 -30.05
CA GLN B 199 -50.26 -9.88 -31.32
C GLN B 199 -50.80 -8.75 -32.21
N THR B 200 -50.09 -7.62 -32.21
CA THR B 200 -50.27 -6.58 -33.22
C THR B 200 -49.44 -6.96 -34.43
N PRO B 201 -50.05 -6.99 -35.62
CA PRO B 201 -49.29 -7.35 -36.83
C PRO B 201 -48.16 -6.37 -37.17
N LEU B 202 -47.19 -6.83 -37.95
CA LEU B 202 -45.93 -6.11 -38.14
C LEU B 202 -45.40 -6.05 -39.58
N PRO B 203 -45.16 -4.83 -40.08
CA PRO B 203 -44.49 -4.64 -41.37
C PRO B 203 -43.10 -5.27 -41.35
N PRO B 204 -42.81 -6.19 -42.31
CA PRO B 204 -41.53 -6.90 -42.36
C PRO B 204 -40.30 -5.96 -42.40
N THR B 205 -39.12 -6.56 -42.24
CA THR B 205 -37.91 -5.79 -42.07
C THR B 205 -36.75 -6.47 -42.80
N SER B 206 -35.57 -5.86 -42.73
CA SER B 206 -34.41 -6.42 -43.39
C SER B 206 -33.39 -6.89 -42.37
N ASP B 207 -32.49 -7.76 -42.77
CA ASP B 207 -31.46 -8.22 -41.86
C ASP B 207 -30.48 -7.09 -41.61
N PHE B 208 -29.57 -7.31 -40.66
CA PHE B 208 -28.36 -6.52 -40.62
C PHE B 208 -27.53 -6.97 -41.82
N ALA B 209 -27.67 -8.24 -42.16
CA ALA B 209 -27.00 -8.82 -43.31
C ALA B 209 -27.36 -8.09 -44.63
N HIS B 210 -28.63 -7.73 -44.80
CA HIS B 210 -29.04 -6.92 -45.94
C HIS B 210 -28.14 -5.67 -46.03
N TYR B 211 -27.91 -5.01 -44.89
CA TYR B 211 -27.05 -3.81 -44.85
C TYR B 211 -25.66 -4.12 -45.37
N LEU B 212 -25.08 -5.21 -44.89
CA LEU B 212 -23.74 -5.54 -45.33
C LEU B 212 -23.71 -5.77 -46.86
N TYR B 213 -24.59 -6.63 -47.37
CA TYR B 213 -24.67 -6.91 -48.82
C TYR B 213 -24.83 -5.65 -49.68
N HIS B 214 -25.57 -4.67 -49.15
CA HIS B 214 -25.77 -3.40 -49.85
C HIS B 214 -24.48 -2.60 -49.92
N ARG B 215 -23.77 -2.48 -48.79
CA ARG B 215 -22.51 -1.72 -48.77
C ARG B 215 -21.53 -2.23 -49.83
N VAL B 216 -21.53 -3.53 -50.04
CA VAL B 216 -20.65 -4.12 -51.02
C VAL B 216 -21.19 -3.87 -52.42
N SER B 217 -22.52 -3.82 -52.54
CA SER B 217 -23.17 -3.61 -53.83
C SER B 217 -22.84 -2.20 -54.36
N SER B 218 -22.91 -1.22 -53.48
CA SER B 218 -22.75 0.18 -53.87
C SER B 218 -21.29 0.60 -54.00
N ALA B 219 -20.38 -0.34 -53.75
CA ALA B 219 -18.96 -0.05 -53.86
C ALA B 219 -18.40 -0.51 -55.19
N ARG B 220 -17.42 0.24 -55.69
CA ARG B 220 -16.82 -0.06 -57.00
C ARG B 220 -15.61 -0.97 -56.82
N GLU B 221 -15.23 -1.62 -57.90
CA GLU B 221 -14.39 -2.78 -57.84
C GLU B 221 -12.93 -2.41 -58.11
N ASP B 222 -12.72 -1.46 -59.01
CA ASP B 222 -11.47 -0.71 -59.02
C ASP B 222 -11.63 0.32 -57.92
N VAL B 223 -10.74 0.27 -56.94
CA VAL B 223 -10.95 1.07 -55.74
C VAL B 223 -10.63 2.55 -55.99
N GLN B 224 -9.67 2.79 -56.87
CA GLN B 224 -9.33 4.15 -57.28
C GLN B 224 -10.42 4.73 -58.17
N GLN B 225 -11.54 4.02 -58.29
CA GLN B 225 -12.66 4.55 -59.03
C GLN B 225 -13.85 4.84 -58.13
N ASP B 226 -13.79 4.37 -56.88
CA ASP B 226 -14.89 4.54 -55.95
C ASP B 226 -14.96 5.99 -55.49
N PRO B 227 -16.11 6.65 -55.68
CA PRO B 227 -16.24 8.08 -55.31
C PRO B 227 -16.00 8.30 -53.81
N THR B 228 -16.50 7.35 -53.00
CA THR B 228 -16.34 7.35 -51.55
C THR B 228 -14.87 7.51 -51.19
N PHE B 229 -14.01 6.67 -51.78
CA PHE B 229 -12.59 6.72 -51.44
C PHE B 229 -11.85 7.87 -52.09
N GLN B 230 -12.44 8.44 -53.15
CA GLN B 230 -11.94 9.68 -53.72
C GLN B 230 -12.36 10.83 -52.79
N PHE B 231 -13.61 10.84 -52.34
CA PHE B 231 -13.99 11.86 -51.35
C PHE B 231 -13.06 11.86 -50.12
N TRP B 232 -12.80 10.68 -49.56
CA TRP B 232 -11.96 10.61 -48.33
C TRP B 232 -10.54 11.04 -48.60
N ARG B 233 -9.97 10.60 -49.71
CA ARG B 233 -8.64 11.04 -50.13
C ARG B 233 -8.55 12.57 -50.18
N HIS B 234 -9.55 13.20 -50.79
CA HIS B 234 -9.60 14.65 -50.91
C HIS B 234 -9.85 15.32 -49.56
N TYR B 235 -10.78 14.73 -48.80
CA TYR B 235 -11.14 15.18 -47.45
C TYR B 235 -9.94 15.18 -46.51
N LEU B 236 -9.12 14.14 -46.57
CA LEU B 236 -8.00 14.02 -45.65
C LEU B 236 -6.70 14.46 -46.28
N ASP B 237 -6.80 15.10 -47.45
CA ASP B 237 -5.62 15.55 -48.17
C ASP B 237 -4.87 16.58 -47.33
N GLY B 238 -3.60 16.27 -47.03
CA GLY B 238 -2.75 17.19 -46.29
C GLY B 238 -2.86 17.03 -44.78
N ALA B 239 -3.71 16.12 -44.30
CA ALA B 239 -4.00 16.08 -42.87
C ALA B 239 -3.00 15.23 -42.10
N LYS B 240 -2.64 15.65 -40.88
CA LYS B 240 -1.99 14.73 -39.93
C LYS B 240 -2.73 14.64 -38.61
N MSE B 241 -3.08 13.43 -38.23
CA MSE B 241 -3.75 13.20 -36.96
C MSE B 241 -2.74 13.01 -35.81
O MSE B 241 -1.77 12.25 -35.91
CB MSE B 241 -4.66 11.99 -37.09
CG MSE B 241 -5.48 11.65 -35.86
SE MSE B 241 -6.91 10.39 -36.43
CE MSE B 241 -5.73 8.94 -37.00
N ALA B 242 -2.96 13.74 -34.73
CA ALA B 242 -2.09 13.66 -33.57
C ALA B 242 -2.15 12.26 -32.95
N VAL B 243 -1.08 11.89 -32.25
CA VAL B 243 -0.92 10.53 -31.75
C VAL B 243 -0.51 10.58 -30.29
N PRO B 244 -1.32 9.96 -29.41
CA PRO B 244 -1.05 9.92 -27.96
C PRO B 244 0.37 9.44 -27.68
N PHE B 245 0.96 9.87 -26.56
CA PHE B 245 2.28 9.36 -26.20
C PHE B 245 2.30 8.25 -25.13
N ALA B 246 2.08 6.99 -25.52
CA ALA B 246 2.32 5.79 -24.66
C ALA B 246 1.21 4.92 -24.00
N PRO B 247 0.67 5.31 -22.83
CA PRO B 247 1.16 6.04 -21.66
C PRO B 247 1.48 4.97 -20.61
N ARG B 248 0.79 3.84 -20.71
CA ARG B 248 0.92 2.71 -19.77
C ARG B 248 1.05 3.10 -18.29
N ALA B 249 1.53 2.17 -17.48
CA ALA B 249 1.81 2.46 -16.07
C ALA B 249 3.23 2.02 -15.74
N SER B 262 -2.36 -2.57 -15.53
CA SER B 262 -3.75 -3.00 -15.37
C SER B 262 -4.78 -1.91 -15.73
N GLY B 263 -5.11 -1.04 -14.78
CA GLY B 263 -5.99 0.11 -15.02
C GLY B 263 -7.49 -0.16 -15.04
N GLN B 264 -8.26 0.80 -14.57
CA GLN B 264 -9.71 0.65 -14.45
C GLN B 264 -10.48 1.53 -15.45
N THR B 265 -11.67 1.10 -15.87
CA THR B 265 -12.54 1.93 -16.71
C THR B 265 -13.18 3.01 -15.87
N LEU B 266 -12.83 4.27 -16.13
CA LEU B 266 -13.52 5.35 -15.44
C LEU B 266 -14.59 6.07 -16.28
N TRP B 267 -15.71 6.38 -15.63
CA TRP B 267 -16.74 7.25 -16.18
C TRP B 267 -16.80 8.57 -15.41
N THR B 268 -16.74 9.68 -16.15
CA THR B 268 -16.71 11.00 -15.55
C THR B 268 -17.79 11.87 -16.23
N PHE B 269 -18.57 12.57 -15.43
CA PHE B 269 -19.75 13.30 -15.90
C PHE B 269 -19.68 14.75 -15.48
N LYS B 270 -20.22 15.63 -16.32
CA LYS B 270 -20.37 17.05 -15.99
C LYS B 270 -21.61 17.57 -16.69
N GLY B 271 -22.60 18.04 -15.94
CA GLY B 271 -23.80 18.56 -16.55
C GLY B 271 -23.73 20.06 -16.73
N ILE B 272 -24.27 20.55 -17.84
CA ILE B 272 -24.35 21.98 -18.01
C ILE B 272 -25.76 22.35 -18.42
N VAL B 273 -26.09 23.63 -18.31
CA VAL B 273 -27.36 24.10 -18.80
C VAL B 273 -27.49 23.76 -20.30
N PRO B 274 -28.62 23.15 -20.68
CA PRO B 274 -28.78 22.83 -22.11
C PRO B 274 -28.50 24.08 -22.95
N PRO B 275 -27.51 24.00 -23.86
CA PRO B 275 -27.04 25.09 -24.73
C PRO B 275 -28.12 25.66 -25.65
N THR B 276 -28.21 26.98 -25.72
CA THR B 276 -29.07 27.61 -26.72
C THR B 276 -28.43 27.34 -28.10
N LEU B 277 -29.19 26.80 -29.05
CA LEU B 277 -28.61 26.54 -30.37
C LEU B 277 -28.73 27.69 -31.39
N PRO B 278 -27.58 28.14 -31.91
CA PRO B 278 -27.59 29.19 -32.95
C PRO B 278 -28.37 28.71 -34.14
N SER B 279 -28.92 29.63 -34.93
CA SER B 279 -29.75 29.28 -36.09
C SER B 279 -28.97 28.38 -37.03
N GLY B 280 -29.59 27.30 -37.48
CA GLY B 280 -28.97 26.41 -38.43
C GLY B 280 -27.92 25.45 -37.90
N ILE B 281 -27.63 25.54 -36.59
CA ILE B 281 -26.59 24.68 -35.98
C ILE B 281 -27.18 23.59 -35.06
N THR B 282 -26.65 22.37 -35.14
CA THR B 282 -27.19 21.27 -34.36
C THR B 282 -26.43 21.14 -33.06
N MSE B 283 -26.96 20.34 -32.13
CA MSE B 283 -26.32 20.17 -30.81
C MSE B 283 -25.00 19.42 -30.98
O MSE B 283 -24.02 19.70 -30.28
CB MSE B 283 -27.24 19.41 -29.85
CG MSE B 283 -26.60 19.14 -28.47
SE MSE B 283 -26.28 20.78 -27.58
CE MSE B 283 -28.18 21.35 -27.34
N ALA B 284 -24.98 18.52 -31.97
CA ALA B 284 -23.81 17.67 -32.19
C ALA B 284 -22.63 18.48 -32.73
N THR B 285 -22.88 19.36 -33.70
CA THR B 285 -21.85 20.25 -34.22
C THR B 285 -21.26 21.06 -33.06
N LEU B 286 -22.15 21.60 -32.23
CA LEU B 286 -21.73 22.33 -31.04
C LEU B 286 -20.70 21.51 -30.23
N VAL B 287 -20.99 20.23 -30.00
CA VAL B 287 -20.07 19.41 -29.23
C VAL B 287 -18.77 19.15 -29.98
N LYS B 288 -18.85 18.89 -31.27
CA LYS B 288 -17.63 18.59 -31.98
C LYS B 288 -16.77 19.82 -32.25
N ALA B 289 -17.39 20.98 -32.39
CA ALA B 289 -16.62 22.21 -32.52
C ALA B 289 -15.88 22.54 -31.21
N ALA B 290 -16.49 22.25 -30.05
CA ALA B 290 -15.85 22.59 -28.76
C ALA B 290 -14.54 21.80 -28.62
N THR B 291 -14.64 20.48 -28.84
CA THR B 291 -13.52 19.54 -28.88
C THR B 291 -12.41 19.97 -29.84
N ALA B 292 -12.79 20.33 -31.07
CA ALA B 292 -11.84 20.77 -32.09
C ALA B 292 -11.06 21.94 -31.52
N LEU B 293 -11.79 22.88 -30.92
CA LEU B 293 -11.15 24.07 -30.38
C LEU B 293 -10.22 23.67 -29.22
N PHE B 294 -10.68 22.73 -28.38
CA PHE B 294 -9.89 22.21 -27.29
C PHE B 294 -8.61 21.60 -27.85
N LEU B 295 -8.74 20.77 -28.88
CA LEU B 295 -7.58 20.11 -29.47
C LEU B 295 -6.61 21.07 -30.17
N SER B 296 -7.14 22.02 -30.94
CA SER B 296 -6.23 22.90 -31.69
C SER B 296 -5.36 23.66 -30.70
N TYR B 297 -5.95 24.04 -29.56
CA TYR B 297 -5.20 24.74 -28.52
C TYR B 297 -4.10 23.85 -27.90
N HIS B 298 -4.46 22.64 -27.48
CA HIS B 298 -3.45 21.75 -26.84
C HIS B 298 -2.41 21.21 -27.82
N LEU B 299 -2.81 21.00 -29.06
CA LEU B 299 -1.89 20.50 -30.07
C LEU B 299 -1.10 21.64 -30.74
N GLY B 300 -1.41 22.86 -30.36
CA GLY B 300 -0.89 24.00 -31.08
C GLY B 300 -1.10 23.88 -32.59
N SER B 301 -2.26 23.41 -33.03
CA SER B 301 -2.49 23.11 -34.45
C SER B 301 -3.75 23.74 -35.04
N ARG B 302 -3.66 24.19 -36.29
CA ARG B 302 -4.82 24.75 -37.00
C ARG B 302 -5.58 23.73 -37.82
N ASP B 303 -5.06 22.51 -37.90
CA ASP B 303 -5.69 21.43 -38.67
C ASP B 303 -5.80 20.14 -37.82
N VAL B 304 -6.95 19.89 -37.23
CA VAL B 304 -7.06 18.77 -36.30
C VAL B 304 -7.93 17.63 -36.85
N VAL B 305 -7.51 16.40 -36.58
CA VAL B 305 -8.33 15.26 -36.98
C VAL B 305 -8.60 14.39 -35.77
N PHE B 306 -9.88 14.11 -35.52
CA PHE B 306 -10.24 13.18 -34.44
C PHE B 306 -11.43 12.30 -34.84
N GLY B 307 -11.74 11.34 -33.97
CA GLY B 307 -12.79 10.38 -34.25
C GLY B 307 -14.16 10.88 -33.84
N HIS B 308 -15.19 10.37 -34.50
CA HIS B 308 -16.54 10.68 -34.09
C HIS B 308 -17.49 9.65 -34.66
N THR B 309 -18.62 9.48 -33.98
CA THR B 309 -19.56 8.43 -34.28
C THR B 309 -20.66 8.88 -35.23
N VAL B 310 -20.89 8.12 -36.29
CA VAL B 310 -21.97 8.43 -37.22
C VAL B 310 -22.98 7.27 -37.16
N ASN B 311 -24.21 7.52 -37.57
CA ASN B 311 -25.24 6.50 -37.44
C ASN B 311 -25.16 5.43 -38.54
N GLY B 312 -24.59 5.79 -39.70
CA GLY B 312 -24.36 4.84 -40.78
C GLY B 312 -25.67 4.43 -41.45
N ARG B 313 -26.71 5.23 -41.27
CA ARG B 313 -28.00 4.91 -41.85
C ARG B 313 -28.44 5.92 -42.90
N ASN B 314 -27.52 6.31 -43.77
CA ASN B 314 -27.87 7.22 -44.87
C ASN B 314 -27.84 6.55 -46.25
N LEU B 315 -27.23 5.38 -46.31
CA LEU B 315 -27.42 4.53 -47.47
C LEU B 315 -28.88 4.58 -47.93
N PRO B 316 -29.09 4.63 -49.25
CA PRO B 316 -30.46 4.53 -49.74
C PRO B 316 -30.81 3.04 -49.81
N MSE B 317 -31.53 2.54 -48.81
CA MSE B 317 -31.97 1.15 -48.89
C MSE B 317 -33.32 1.01 -48.20
O MSE B 317 -33.72 1.86 -47.41
CB MSE B 317 -30.94 0.20 -48.31
CG MSE B 317 -31.29 -0.32 -46.93
SE MSE B 317 -30.06 -1.72 -46.35
CE MSE B 317 -28.37 -0.80 -46.69
N ASP B 318 -34.04 -0.07 -48.53
CA ASP B 318 -35.35 -0.33 -47.94
C ASP B 318 -35.23 -0.48 -46.44
N ASN B 319 -35.99 0.33 -45.71
CA ASN B 319 -36.04 0.21 -44.25
C ASN B 319 -34.67 0.34 -43.58
N ILE B 320 -33.86 1.28 -44.08
CA ILE B 320 -32.54 1.56 -43.50
C ILE B 320 -32.70 2.03 -42.06
N GLU B 321 -33.82 2.69 -41.80
CA GLU B 321 -34.07 3.35 -40.54
C GLU B 321 -34.71 2.45 -39.50
N SER B 322 -35.06 1.22 -39.89
CA SER B 322 -35.79 0.35 -38.97
C SER B 322 -35.06 -0.96 -38.69
N LEU B 323 -34.15 -1.35 -39.57
CA LEU B 323 -33.50 -2.64 -39.43
C LEU B 323 -32.66 -2.72 -38.16
N LEU B 324 -32.63 -3.89 -37.54
CA LEU B 324 -31.96 -4.03 -36.25
C LEU B 324 -30.52 -4.50 -36.42
N GLY B 325 -29.61 -3.69 -35.89
CA GLY B 325 -28.21 -4.03 -35.83
C GLY B 325 -27.35 -2.86 -35.37
N CYS B 326 -26.05 -3.09 -35.38
CA CYS B 326 -25.09 -2.04 -35.13
C CYS B 326 -24.54 -1.51 -36.48
N THR B 327 -25.22 -0.52 -37.06
CA THR B 327 -24.68 0.12 -38.27
C THR B 327 -23.75 1.30 -37.95
N LEU B 328 -23.55 1.58 -36.66
CA LEU B 328 -22.70 2.69 -36.23
C LEU B 328 -21.33 2.61 -36.90
N ASN B 329 -20.70 3.76 -37.11
CA ASN B 329 -19.33 3.76 -37.63
C ASN B 329 -18.52 4.80 -36.90
N PHE B 330 -17.21 4.58 -36.78
CA PHE B 330 -16.35 5.60 -36.21
C PHE B 330 -15.37 6.11 -37.27
N VAL B 331 -15.54 7.37 -37.64
CA VAL B 331 -14.81 7.92 -38.79
C VAL B 331 -14.09 9.23 -38.46
N PRO B 332 -13.16 9.64 -39.33
CA PRO B 332 -12.49 10.92 -39.07
C PRO B 332 -13.38 12.15 -39.27
N LEU B 333 -13.27 13.08 -38.32
CA LEU B 333 -13.82 14.41 -38.48
C LEU B 333 -12.61 15.35 -38.47
N ARG B 334 -12.47 16.13 -39.54
CA ARG B 334 -11.34 17.02 -39.71
C ARG B 334 -11.86 18.45 -39.65
N VAL B 335 -11.20 19.26 -38.82
CA VAL B 335 -11.59 20.65 -38.61
C VAL B 335 -10.37 21.54 -38.81
N THR B 336 -10.56 22.51 -39.68
CA THR B 336 -9.43 23.26 -40.19
C THR B 336 -9.68 24.69 -39.90
N PHE B 337 -8.81 25.26 -39.07
CA PHE B 337 -8.91 26.67 -38.73
C PHE B 337 -8.06 27.44 -39.73
N PRO B 338 -8.58 28.57 -40.21
CA PRO B 338 -7.79 29.46 -41.09
C PRO B 338 -6.83 30.31 -40.22
N GLU B 339 -5.88 31.01 -40.86
CA GLU B 339 -4.97 31.87 -40.11
C GLU B 339 -5.71 33.06 -39.48
N ASP B 340 -5.10 33.69 -38.47
CA ASP B 340 -5.78 34.72 -37.65
C ASP B 340 -6.40 35.89 -38.44
N SER B 341 -5.75 36.30 -39.54
CA SER B 341 -6.21 37.39 -40.39
C SER B 341 -7.63 37.17 -40.94
N THR B 342 -8.04 35.90 -41.06
CA THR B 342 -9.41 35.57 -41.44
C THR B 342 -10.46 35.94 -40.35
N ASP B 343 -10.02 36.03 -39.08
CA ASP B 343 -10.89 36.49 -37.99
C ASP B 343 -12.17 35.68 -37.80
N TRP B 344 -12.08 34.36 -37.92
CA TRP B 344 -13.21 33.51 -37.59
C TRP B 344 -13.95 33.91 -36.30
N THR B 345 -15.25 33.72 -36.33
CA THR B 345 -16.10 33.83 -35.16
C THR B 345 -16.52 32.42 -34.79
N VAL B 346 -17.12 32.29 -33.60
CA VAL B 346 -17.64 31.02 -33.19
C VAL B 346 -18.60 30.52 -34.24
N MSE B 347 -19.36 31.42 -34.84
CA MSE B 347 -20.28 31.00 -35.91
C MSE B 347 -19.54 30.39 -37.11
O MSE B 347 -19.97 29.36 -37.68
CB MSE B 347 -21.16 32.20 -36.35
CG MSE B 347 -22.59 31.80 -36.70
SE MSE B 347 -23.51 30.94 -35.15
CE MSE B 347 -24.20 32.58 -34.38
N ASP B 348 -18.43 30.98 -37.52
CA ASP B 348 -17.68 30.39 -38.61
C ASP B 348 -17.23 28.95 -38.29
N LEU B 349 -16.74 28.75 -37.06
CA LEU B 349 -16.31 27.42 -36.64
C LEU B 349 -17.50 26.48 -36.64
N LEU B 350 -18.61 26.92 -36.09
CA LEU B 350 -19.77 26.04 -36.10
C LEU B 350 -20.17 25.64 -37.52
N HIS B 351 -20.30 26.61 -38.43
CA HIS B 351 -20.73 26.25 -39.77
C HIS B 351 -19.68 25.35 -40.42
N HIS B 352 -18.40 25.66 -40.26
CA HIS B 352 -17.39 24.84 -40.92
C HIS B 352 -17.45 23.42 -40.38
N THR B 353 -17.59 23.28 -39.07
CA THR B 353 -17.57 21.96 -38.47
C THR B 353 -18.73 21.13 -38.94
N GLN B 354 -19.89 21.76 -39.04
CA GLN B 354 -21.08 21.02 -39.44
C GLN B 354 -20.98 20.51 -40.88
N THR B 355 -20.39 21.30 -41.78
CA THR B 355 -20.28 20.82 -43.16
C THR B 355 -19.17 19.78 -43.27
N GLN B 356 -18.16 19.85 -42.40
CA GLN B 356 -17.15 18.78 -42.36
C GLN B 356 -17.79 17.46 -42.00
N TYR B 357 -19.00 17.51 -41.45
CA TYR B 357 -19.82 16.33 -41.20
C TYR B 357 -20.80 16.07 -42.34
N THR B 358 -21.65 17.04 -42.67
CA THR B 358 -22.64 16.81 -43.74
C THR B 358 -22.00 16.48 -45.09
N ARG B 359 -20.79 16.96 -45.33
CA ARG B 359 -20.03 16.58 -46.55
C ARG B 359 -19.80 15.07 -46.68
N ALA B 360 -19.71 14.37 -45.56
CA ALA B 360 -19.32 12.96 -45.63
C ALA B 360 -20.49 11.98 -45.54
N LEU B 361 -21.71 12.50 -45.48
CA LEU B 361 -22.88 11.66 -45.19
C LEU B 361 -22.98 10.43 -46.08
N SER B 362 -22.77 10.63 -47.38
CA SER B 362 -22.88 9.58 -48.38
C SER B 362 -21.68 8.65 -48.36
N HIS B 363 -20.67 8.98 -47.58
CA HIS B 363 -19.43 8.26 -47.62
C HIS B 363 -19.11 7.65 -46.25
N GLU B 364 -20.01 7.83 -45.30
CA GLU B 364 -19.67 7.57 -43.89
C GLU B 364 -19.71 6.08 -43.52
N HIS B 365 -20.17 5.26 -44.45
CA HIS B 365 -20.53 3.87 -44.16
C HIS B 365 -19.44 2.84 -44.45
N VAL B 366 -18.28 3.28 -44.91
CA VAL B 366 -17.20 2.36 -45.25
C VAL B 366 -16.29 2.06 -44.05
N GLU B 367 -15.59 0.94 -44.11
CA GLU B 367 -14.72 0.54 -43.02
C GLU B 367 -13.61 1.56 -42.77
N LEU B 368 -13.48 2.03 -41.53
CA LEU B 368 -12.37 2.92 -41.18
C LEU B 368 -11.04 2.42 -41.77
N ARG B 369 -10.78 1.12 -41.67
CA ARG B 369 -9.48 0.62 -42.10
C ARG B 369 -9.35 0.69 -43.61
N ASP B 370 -10.49 0.68 -44.32
CA ASP B 370 -10.51 0.89 -45.76
C ASP B 370 -10.31 2.35 -46.15
N ILE B 371 -10.85 3.26 -45.33
CA ILE B 371 -10.61 4.68 -45.51
C ILE B 371 -9.12 4.96 -45.48
N PHE B 372 -8.41 4.38 -44.52
CA PHE B 372 -6.97 4.65 -44.35
C PHE B 372 -6.10 3.99 -45.42
N GLN B 373 -6.53 2.82 -45.89
CA GLN B 373 -5.71 2.04 -46.81
C GLN B 373 -5.75 2.66 -48.20
N HIS B 374 -6.93 3.12 -48.57
CA HIS B 374 -7.23 3.54 -49.92
C HIS B 374 -7.18 5.05 -50.13
N SER B 375 -7.38 5.83 -49.06
CA SER B 375 -7.46 7.28 -49.21
C SER B 375 -6.35 8.04 -48.52
N THR B 376 -5.47 7.34 -47.82
CA THR B 376 -4.36 8.00 -47.15
C THR B 376 -3.13 7.13 -47.25
N ASN B 377 -2.04 7.59 -46.64
CA ASN B 377 -0.83 6.79 -46.58
C ASN B 377 -0.55 6.39 -45.14
N TRP B 378 -1.58 6.52 -44.30
CA TRP B 378 -1.51 6.12 -42.92
C TRP B 378 -1.67 4.61 -42.85
N PRO B 379 -0.94 3.95 -41.93
CA PRO B 379 -1.17 2.52 -41.66
C PRO B 379 -2.68 2.24 -41.57
N ALA B 380 -3.20 1.23 -42.25
CA ALA B 380 -4.62 0.93 -42.21
C ALA B 380 -5.16 0.57 -40.81
N GLU B 381 -4.28 0.06 -39.94
CA GLU B 381 -4.72 -0.38 -38.62
C GLU B 381 -4.57 0.72 -37.58
N THR B 382 -4.30 1.93 -38.07
CA THR B 382 -4.27 3.15 -37.24
C THR B 382 -5.60 3.31 -36.49
N PRO B 383 -5.52 3.44 -35.15
CA PRO B 383 -6.78 3.54 -34.41
C PRO B 383 -7.09 5.00 -34.14
N LEU B 384 -8.36 5.32 -33.89
CA LEU B 384 -8.68 6.65 -33.36
C LEU B 384 -8.37 6.67 -31.84
N SER B 385 -7.84 7.78 -31.34
CA SER B 385 -7.45 7.85 -29.94
C SER B 385 -8.41 8.72 -29.16
N LEU B 386 -9.32 9.33 -29.89
CA LEU B 386 -10.34 10.20 -29.33
C LEU B 386 -11.58 10.12 -30.22
N ILE B 387 -12.70 9.73 -29.60
CA ILE B 387 -13.96 9.56 -30.30
C ILE B 387 -15.06 10.35 -29.62
N VAL B 388 -15.68 11.24 -30.38
CA VAL B 388 -16.80 12.01 -29.89
C VAL B 388 -18.09 11.38 -30.36
N GLN B 389 -19.03 11.21 -29.44
CA GLN B 389 -20.32 10.65 -29.81
C GLN B 389 -21.47 11.43 -29.22
N HIS B 390 -22.25 12.10 -30.07
CA HIS B 390 -23.42 12.78 -29.55
C HIS B 390 -24.68 11.89 -29.56
N GLN B 391 -25.29 11.75 -28.40
CA GLN B 391 -26.43 10.86 -28.23
C GLN B 391 -27.77 11.46 -28.68
N ASN B 392 -27.93 11.68 -29.99
CA ASN B 392 -29.20 12.20 -30.52
C ASN B 392 -30.19 11.07 -30.86
N ILE B 393 -30.38 10.20 -29.89
CA ILE B 393 -31.15 8.97 -29.99
C ILE B 393 -32.06 8.94 -28.75
N ASP B 394 -32.96 7.98 -28.66
CA ASP B 394 -33.85 7.89 -27.51
C ASP B 394 -33.08 7.62 -26.21
N LEU B 395 -33.33 8.44 -25.19
CA LEU B 395 -32.68 8.25 -23.88
C LEU B 395 -33.61 7.60 -22.83
N SER B 396 -34.86 7.37 -23.20
CA SER B 396 -35.80 6.64 -22.36
C SER B 396 -36.42 5.55 -23.21
N PHE B 397 -37.00 4.54 -22.56
CA PHE B 397 -37.47 3.37 -23.30
C PHE B 397 -38.78 2.82 -22.77
N SER B 398 -39.34 1.83 -23.48
CA SER B 398 -40.67 1.37 -23.16
C SER B 398 -41.00 0.02 -23.76
N LEU B 399 -41.88 -0.71 -23.06
CA LEU B 399 -42.30 -2.02 -23.48
C LEU B 399 -43.70 -2.25 -22.91
N PRO B 400 -44.70 -1.61 -23.54
CA PRO B 400 -46.08 -1.56 -23.02
C PRO B 400 -46.96 -2.75 -23.44
N LEU B 401 -47.23 -3.63 -22.47
CA LEU B 401 -47.94 -4.89 -22.73
C LEU B 401 -49.37 -4.84 -22.19
N SER B 414 -56.42 -6.84 -16.74
CA SER B 414 -56.36 -5.67 -15.86
C SER B 414 -55.54 -4.53 -16.46
N SER B 415 -54.24 -4.56 -16.21
CA SER B 415 -53.32 -3.53 -16.70
C SER B 415 -51.89 -3.81 -16.21
N LEU B 416 -50.96 -3.84 -17.16
CA LEU B 416 -49.56 -4.13 -16.81
C LEU B 416 -48.69 -2.90 -16.66
N ASP B 417 -47.99 -2.83 -15.53
CA ASP B 417 -47.03 -1.76 -15.29
C ASP B 417 -45.63 -2.29 -15.59
N VAL B 418 -44.96 -1.69 -16.57
CA VAL B 418 -43.71 -2.24 -17.08
C VAL B 418 -42.53 -1.26 -17.02
N GLN B 419 -41.64 -1.44 -16.04
CA GLN B 419 -40.52 -0.53 -15.84
C GLN B 419 -39.18 -1.03 -16.41
N TYR B 420 -38.41 -0.09 -16.96
CA TYR B 420 -37.11 -0.34 -17.57
C TYR B 420 -35.94 -0.10 -16.64
N SER B 421 -34.90 -0.90 -16.80
CA SER B 421 -33.60 -0.62 -16.20
C SER B 421 -32.60 -1.46 -16.96
N LYS B 422 -31.32 -1.27 -16.71
CA LYS B 422 -30.32 -2.08 -17.42
C LYS B 422 -29.07 -2.30 -16.59
N PHE B 423 -28.32 -3.36 -16.95
CA PHE B 423 -26.95 -3.58 -16.50
C PHE B 423 -26.13 -3.50 -17.79
N ALA B 424 -24.87 -3.10 -17.70
CA ALA B 424 -24.03 -2.96 -18.88
C ALA B 424 -22.54 -3.00 -18.57
N ARG B 425 -21.77 -3.62 -19.45
CA ARG B 425 -20.31 -3.55 -19.37
C ARG B 425 -19.80 -2.78 -20.60
N PHE B 426 -18.61 -2.22 -20.48
CA PHE B 426 -17.92 -1.60 -21.62
C PHE B 426 -16.53 -1.23 -21.17
N ASP B 427 -15.51 -1.78 -21.83
CA ASP B 427 -14.17 -1.48 -21.39
C ASP B 427 -13.26 -1.01 -22.51
N PRO B 428 -13.04 0.31 -22.58
CA PRO B 428 -12.33 0.91 -23.71
C PRO B 428 -10.88 0.49 -23.68
N LEU B 429 -10.18 0.68 -24.78
CA LEU B 429 -8.79 0.25 -24.91
C LEU B 429 -7.83 1.42 -24.67
N ASP B 430 -7.20 1.92 -25.73
CA ASP B 430 -6.32 3.09 -25.57
C ASP B 430 -7.03 4.43 -25.84
N GLU B 431 -8.27 4.37 -26.34
CA GLU B 431 -9.00 5.55 -26.78
C GLU B 431 -9.77 6.28 -25.66
N VAL B 432 -10.04 7.56 -25.87
CA VAL B 432 -10.91 8.30 -24.96
C VAL B 432 -12.25 8.53 -25.64
N TRP B 433 -13.32 8.23 -24.92
CA TRP B 433 -14.65 8.53 -25.43
C TRP B 433 -15.24 9.74 -24.74
N ILE B 434 -15.86 10.58 -25.56
CA ILE B 434 -16.67 11.66 -25.05
C ILE B 434 -18.10 11.47 -25.51
N PHE B 435 -19.03 11.38 -24.57
CA PHE B 435 -20.44 11.21 -24.91
C PHE B 435 -21.20 12.42 -24.42
N THR B 436 -22.12 12.93 -25.24
CA THR B 436 -22.99 14.01 -24.77
C THR B 436 -24.44 13.49 -24.79
N GLU B 437 -25.18 13.81 -23.74
CA GLU B 437 -26.55 13.34 -23.59
C GLU B 437 -27.42 14.53 -23.30
N PRO B 438 -28.35 14.78 -24.22
CA PRO B 438 -29.30 15.90 -24.24
C PRO B 438 -30.63 15.67 -23.51
N HIS B 439 -30.59 15.55 -22.18
CA HIS B 439 -31.80 15.48 -21.36
C HIS B 439 -32.47 16.84 -21.27
N ALA B 440 -33.67 16.88 -20.70
CA ALA B 440 -34.48 18.09 -20.62
C ALA B 440 -33.90 19.14 -19.67
N ASP B 441 -33.31 18.70 -18.56
CA ASP B 441 -32.76 19.59 -17.56
C ASP B 441 -31.27 19.85 -17.73
N ARG B 442 -30.58 19.03 -18.50
CA ARG B 442 -29.14 19.16 -18.60
C ARG B 442 -28.58 18.52 -19.85
N LEU B 443 -27.44 19.04 -20.29
CA LEU B 443 -26.69 18.38 -21.34
C LEU B 443 -25.56 17.67 -20.62
N GLU B 444 -25.48 16.35 -20.75
CA GLU B 444 -24.50 15.59 -19.99
C GLU B 444 -23.25 15.24 -20.76
N VAL B 445 -22.13 15.91 -20.44
CA VAL B 445 -20.84 15.52 -21.00
C VAL B 445 -20.22 14.37 -20.18
N GLN B 446 -20.08 13.20 -20.83
CA GLN B 446 -19.56 11.98 -20.22
C GLN B 446 -18.24 11.60 -20.84
N VAL B 447 -17.28 11.28 -20.00
CA VAL B 447 -15.98 10.86 -20.48
C VAL B 447 -15.74 9.42 -20.04
N CYS B 448 -15.29 8.60 -20.97
CA CYS B 448 -14.95 7.23 -20.64
C CYS B 448 -13.60 6.86 -21.20
N ALA B 449 -12.76 6.28 -20.33
CA ALA B 449 -11.39 5.95 -20.70
C ALA B 449 -10.72 5.22 -19.55
N ASN B 450 -9.88 4.26 -19.91
CA ASN B 450 -9.12 3.55 -18.89
C ASN B 450 -8.33 4.56 -18.08
N SER B 451 -8.23 4.33 -16.76
CA SER B 451 -7.49 5.19 -15.86
C SER B 451 -5.99 5.25 -16.21
N ARG B 452 -5.50 4.26 -16.94
CA ARG B 452 -4.12 4.33 -17.43
C ARG B 452 -3.95 5.36 -18.57
N VAL B 453 -5.01 5.55 -19.35
CA VAL B 453 -4.99 6.49 -20.47
C VAL B 453 -5.19 7.91 -19.96
N LEU B 454 -6.15 8.06 -19.05
CA LEU B 454 -6.57 9.35 -18.54
C LEU B 454 -6.91 9.20 -17.05
N GLY B 455 -6.12 9.82 -16.18
CA GLY B 455 -6.35 9.70 -14.76
C GLY B 455 -7.63 10.41 -14.35
N GLN B 456 -8.20 10.06 -13.21
CA GLN B 456 -9.47 10.66 -12.81
C GLN B 456 -9.44 12.19 -12.88
N GLU B 457 -8.26 12.73 -12.63
CA GLU B 457 -8.05 14.16 -12.49
C GLU B 457 -8.10 14.82 -13.88
N GLN B 458 -7.44 14.19 -14.83
CA GLN B 458 -7.46 14.65 -16.20
C GLN B 458 -8.85 14.52 -16.81
N ALA B 459 -9.52 13.39 -16.52
CA ALA B 459 -10.84 13.12 -17.06
C ALA B 459 -11.82 14.20 -16.57
N THR B 460 -11.73 14.52 -15.29
CA THR B 460 -12.56 15.58 -14.72
C THR B 460 -12.30 16.95 -15.39
N GLU B 461 -11.01 17.25 -15.59
CA GLU B 461 -10.64 18.48 -16.27
C GLU B 461 -11.12 18.48 -17.74
N LEU B 462 -10.96 17.35 -18.43
CA LEU B 462 -11.44 17.23 -19.82
C LEU B 462 -12.93 17.56 -19.89
N ALA B 463 -13.73 16.84 -19.10
CA ALA B 463 -15.18 17.04 -19.00
C ALA B 463 -15.57 18.48 -18.68
N ASN B 464 -14.82 19.10 -17.77
CA ASN B 464 -15.11 20.47 -17.43
C ASN B 464 -14.72 21.43 -18.58
N ASN B 465 -13.58 21.17 -19.24
CA ASN B 465 -13.08 22.02 -20.32
C ASN B 465 -14.03 21.99 -21.49
N ILE B 466 -14.39 20.79 -21.92
CA ILE B 466 -15.28 20.63 -23.07
C ILE B 466 -16.62 21.28 -22.70
N SER B 467 -17.10 20.99 -21.49
CA SER B 467 -18.35 21.56 -20.97
C SER B 467 -18.37 23.04 -21.13
N ALA B 468 -17.31 23.66 -20.65
CA ALA B 468 -17.19 25.08 -20.55
C ALA B 468 -17.07 25.72 -21.91
N ILE B 469 -16.40 25.03 -22.82
CA ILE B 469 -16.32 25.52 -24.19
C ILE B 469 -17.70 25.49 -24.83
N ILE B 470 -18.47 24.41 -24.61
CA ILE B 470 -19.81 24.32 -25.18
C ILE B 470 -20.64 25.50 -24.71
N THR B 471 -20.65 25.74 -23.39
CA THR B 471 -21.40 26.86 -22.83
C THR B 471 -21.01 28.23 -23.39
N LYS B 472 -19.71 28.46 -23.50
CA LYS B 472 -19.19 29.71 -24.00
C LYS B 472 -19.68 29.95 -25.41
N PHE B 473 -19.57 28.92 -26.25
CA PHE B 473 -19.98 29.02 -27.65
C PHE B 473 -21.44 29.42 -27.69
N SER B 474 -22.22 28.78 -26.84
CA SER B 474 -23.68 28.95 -26.76
C SER B 474 -24.07 30.37 -26.35
N THR B 475 -23.33 30.92 -25.39
CA THR B 475 -23.67 32.21 -24.81
C THR B 475 -23.27 33.38 -25.73
N ASP B 476 -22.29 33.18 -26.60
CA ASP B 476 -21.82 34.27 -27.47
C ASP B 476 -21.29 33.77 -28.81
N PRO B 477 -22.21 33.32 -29.68
CA PRO B 477 -21.81 32.69 -30.94
C PRO B 477 -21.23 33.64 -32.00
N THR B 478 -21.38 34.95 -31.84
CA THR B 478 -20.78 35.91 -32.77
C THR B 478 -19.37 36.30 -32.30
N ALA B 479 -18.98 35.82 -31.13
CA ALA B 479 -17.67 36.14 -30.59
C ALA B 479 -16.57 35.78 -31.57
N ARG B 480 -15.48 36.54 -31.59
CA ARG B 480 -14.29 36.15 -32.34
C ARG B 480 -13.59 35.01 -31.61
N LEU B 481 -12.91 34.15 -32.37
CA LEU B 481 -12.28 32.99 -31.78
C LEU B 481 -11.14 33.40 -30.86
N LEU B 482 -10.59 34.58 -31.04
CA LEU B 482 -9.74 35.13 -29.96
C LEU B 482 -10.61 35.46 -28.72
N ASP B 483 -10.90 34.42 -27.91
CA ASP B 483 -11.78 34.52 -26.75
C ASP B 483 -11.22 33.88 -25.48
N ILE B 484 -11.67 34.42 -24.34
CA ILE B 484 -11.00 34.33 -23.03
C ILE B 484 -10.86 32.94 -22.34
N THR B 485 -11.92 32.44 -21.72
CA THR B 485 -11.84 31.17 -20.96
C THR B 485 -12.50 29.97 -21.67
N GLU C 19 23.22 51.66 -11.90
CA GLU C 19 24.66 51.71 -12.08
C GLU C 19 25.33 52.66 -11.10
N PRO C 20 25.61 52.20 -9.88
CA PRO C 20 24.94 51.06 -9.25
C PRO C 20 23.51 51.44 -8.87
N PHE C 21 22.64 50.45 -8.69
CA PHE C 21 21.29 50.68 -8.18
C PHE C 21 20.28 51.28 -9.18
N SER C 22 20.75 51.67 -10.35
CA SER C 22 19.83 52.25 -11.34
C SER C 22 18.76 51.25 -11.83
N LEU C 23 18.99 49.96 -11.58
CA LEU C 23 17.99 48.95 -11.91
C LEU C 23 17.27 48.44 -10.67
N SER C 24 17.37 49.18 -9.57
CA SER C 24 16.67 48.76 -8.35
C SER C 24 15.17 49.01 -8.46
N PRO C 25 14.39 47.94 -8.27
CA PRO C 25 12.92 47.98 -8.23
C PRO C 25 12.41 48.26 -6.83
N ILE C 26 13.27 48.79 -5.97
CA ILE C 26 12.86 49.30 -4.66
C ILE C 26 13.54 50.64 -4.37
N LYS C 27 12.82 51.53 -3.68
CA LYS C 27 13.31 52.89 -3.48
C LYS C 27 14.48 52.99 -2.50
N ASP C 28 14.43 52.19 -1.44
CA ASP C 28 15.46 52.22 -0.41
C ASP C 28 16.17 50.89 -0.28
N PRO C 29 17.17 50.65 -1.13
CA PRO C 29 17.96 49.41 -1.08
C PRO C 29 18.72 49.24 0.24
N GLN C 30 19.37 50.31 0.67
CA GLN C 30 20.22 50.24 1.86
C GLN C 30 19.43 49.87 3.11
N ALA C 31 18.13 50.19 3.14
CA ALA C 31 17.28 49.83 4.27
C ALA C 31 16.61 48.46 4.12
N LEU C 32 16.94 47.77 3.03
CA LEU C 32 16.61 46.34 2.91
C LEU C 32 17.83 45.56 3.33
N HIS C 33 19.01 46.09 3.00
CA HIS C 33 20.26 45.49 3.43
C HIS C 33 20.41 45.56 4.94
N ALA C 34 20.00 46.69 5.52
CA ALA C 34 20.09 46.90 6.95
C ALA C 34 19.11 46.00 7.67
N ALA C 35 17.96 45.79 7.03
CA ALA C 35 16.90 44.96 7.57
C ALA C 35 17.36 43.50 7.65
N LEU C 36 18.14 43.09 6.65
CA LEU C 36 18.71 41.74 6.63
C LEU C 36 19.87 41.58 7.62
N CYS C 37 20.81 42.53 7.63
CA CYS C 37 21.89 42.51 8.59
C CYS C 37 21.35 42.41 10.01
N SER C 38 20.19 43.02 10.23
CA SER C 38 19.61 43.07 11.57
C SER C 38 18.94 41.75 11.96
N LYS C 39 18.69 40.88 10.99
CA LYS C 39 18.10 39.57 11.25
C LYS C 39 19.14 38.45 11.18
N ASN C 40 20.40 38.85 11.06
CA ASN C 40 21.52 37.91 10.97
C ASN C 40 21.41 36.94 9.80
N VAL C 41 20.93 37.45 8.67
CA VAL C 41 20.88 36.68 7.45
C VAL C 41 22.18 36.86 6.67
N ILE C 42 22.80 38.01 6.87
CA ILE C 42 24.08 38.34 6.23
C ILE C 42 25.00 39.04 7.23
N PRO C 43 26.31 39.06 6.94
CA PRO C 43 27.29 39.68 7.84
C PRO C 43 26.94 41.15 8.19
N VAL C 44 27.13 41.54 9.44
CA VAL C 44 26.88 42.90 9.89
C VAL C 44 27.89 43.92 9.35
N THR C 45 29.06 43.43 8.93
CA THR C 45 30.11 44.31 8.43
C THR C 45 30.08 44.45 6.92
N SER C 46 29.02 43.93 6.30
CA SER C 46 28.95 43.95 4.85
C SER C 46 28.26 45.21 4.35
N THR C 47 28.65 45.66 3.16
CA THR C 47 27.93 46.76 2.54
C THR C 47 27.14 46.29 1.34
N LEU C 48 26.09 47.04 1.03
CA LEU C 48 25.32 46.87 -0.19
C LEU C 48 25.95 47.67 -1.32
N GLU C 49 26.34 46.96 -2.37
CA GLU C 49 27.12 47.54 -3.46
C GLU C 49 26.34 47.69 -4.78
N ASP C 50 25.40 46.78 -5.01
CA ASP C 50 24.44 46.91 -6.10
C ASP C 50 23.15 46.23 -5.71
N LEU C 51 22.09 46.50 -6.46
CA LEU C 51 20.82 45.83 -6.22
C LEU C 51 20.00 45.81 -7.50
N LEU C 52 19.88 44.60 -8.07
CA LEU C 52 19.28 44.42 -9.39
C LEU C 52 18.22 43.35 -9.35
N PRO C 53 17.46 43.22 -10.46
CA PRO C 53 16.56 42.07 -10.60
C PRO C 53 17.35 40.80 -10.91
N ALA C 54 16.88 39.68 -10.38
CA ALA C 54 17.33 38.36 -10.84
C ALA C 54 16.62 38.11 -12.18
N THR C 55 17.29 37.44 -13.10
CA THR C 55 16.69 37.17 -14.39
C THR C 55 15.57 36.14 -14.26
N GLN C 56 14.89 35.90 -15.37
CA GLN C 56 13.87 34.88 -15.38
C GLN C 56 14.56 33.52 -15.28
N ALA C 57 15.70 33.40 -15.98
CA ALA C 57 16.51 32.17 -15.97
C ALA C 57 17.06 31.83 -14.58
N GLN C 58 17.52 32.85 -13.86
CA GLN C 58 17.94 32.69 -12.48
C GLN C 58 16.81 32.18 -11.60
N HIS C 59 15.60 32.65 -11.83
CA HIS C 59 14.49 32.35 -10.94
C HIS C 59 13.98 30.95 -11.28
N VAL C 60 14.26 30.53 -12.51
CA VAL C 60 14.03 29.16 -12.93
C VAL C 60 14.81 28.18 -12.03
N PHE C 61 16.10 28.47 -11.81
CA PHE C 61 16.94 27.59 -11.04
C PHE C 61 16.60 27.67 -9.58
N ILE C 62 16.24 28.86 -9.15
CA ILE C 62 15.96 29.07 -7.74
C ILE C 62 14.65 28.39 -7.36
N LYS C 63 13.70 28.42 -8.28
CA LYS C 63 12.42 27.81 -8.03
C LYS C 63 12.54 26.30 -8.04
N ARG C 64 13.54 25.78 -8.75
CA ARG C 64 13.72 24.33 -8.77
C ARG C 64 14.68 23.87 -7.70
N GLY C 65 15.11 24.81 -6.87
CA GLY C 65 15.99 24.48 -5.77
C GLY C 65 17.29 23.92 -6.29
N THR C 66 17.77 24.48 -7.39
CA THR C 66 18.96 23.96 -8.05
C THR C 66 20.18 24.38 -7.26
N PHE C 67 20.89 23.38 -6.76
CA PHE C 67 21.90 23.59 -5.73
C PHE C 67 23.00 22.53 -5.85
N HIS C 68 24.25 22.98 -5.86
CA HIS C 68 25.38 22.10 -6.09
C HIS C 68 26.39 22.21 -4.99
N SER C 69 27.05 21.10 -4.68
CA SER C 69 28.24 21.15 -3.86
C SER C 69 29.35 20.64 -4.75
N TYR C 70 30.27 21.49 -5.14
CA TYR C 70 31.40 21.02 -5.92
C TYR C 70 32.57 20.58 -5.04
N ASN C 71 32.92 19.29 -5.08
CA ASN C 71 33.83 18.71 -4.10
C ASN C 71 35.16 18.27 -4.70
N TRP C 72 36.23 18.77 -4.10
CA TRP C 72 37.57 18.42 -4.52
C TRP C 72 38.31 17.64 -3.43
N THR C 73 38.65 16.39 -3.75
CA THR C 73 39.46 15.56 -2.87
C THR C 73 40.94 15.84 -3.15
N ILE C 74 41.64 16.36 -2.15
CA ILE C 74 43.06 16.73 -2.27
C ILE C 74 43.98 15.86 -1.42
N LYS C 75 44.82 15.08 -2.07
CA LYS C 75 45.78 14.21 -1.38
C LYS C 75 47.22 14.57 -1.72
N GLY C 76 48.04 14.81 -0.69
CA GLY C 76 49.42 15.21 -0.88
C GLY C 76 50.08 15.90 0.30
N ARG C 77 51.41 16.04 0.22
CA ARG C 77 52.23 16.49 1.34
C ARG C 77 52.37 18.02 1.46
N SER C 78 52.42 18.68 0.31
CA SER C 78 52.82 20.09 0.22
C SER C 78 51.69 21.10 0.50
N LEU C 79 50.60 20.63 1.07
CA LEU C 79 49.35 21.38 1.10
C LEU C 79 49.31 22.51 2.13
N ASN C 80 48.85 23.67 1.69
CA ASN C 80 48.82 24.86 2.54
C ASN C 80 47.40 25.23 2.94
N MSE C 81 46.98 24.73 4.09
CA MSE C 81 45.63 24.97 4.59
C MSE C 81 45.34 26.46 4.69
O MSE C 81 44.24 26.91 4.37
CB MSE C 81 45.47 24.33 5.97
CG MSE C 81 45.60 22.82 5.94
SE MSE C 81 44.04 22.02 5.08
CE MSE C 81 42.74 22.47 6.48
N ASP C 82 46.34 27.22 5.15
CA ASP C 82 46.15 28.65 5.35
C ASP C 82 45.91 29.34 4.03
N ARG C 83 46.61 28.89 3.00
CA ARG C 83 46.46 29.44 1.65
C ARG C 83 45.13 29.03 1.01
N LEU C 84 44.69 27.82 1.30
CA LEU C 84 43.40 27.35 0.81
C LEU C 84 42.31 28.28 1.33
N ARG C 85 42.39 28.60 2.62
CA ARG C 85 41.43 29.51 3.23
C ARG C 85 41.37 30.88 2.55
N GLU C 86 42.53 31.48 2.29
CA GLU C 86 42.61 32.80 1.68
C GLU C 86 42.09 32.76 0.25
N THR C 87 42.51 31.76 -0.52
CA THR C 87 41.99 31.57 -1.86
C THR C 87 40.46 31.70 -1.89
N CYS C 88 39.79 31.08 -0.91
CA CYS C 88 38.34 31.19 -0.82
C CYS C 88 37.89 32.66 -0.76
N GLN C 89 38.52 33.42 0.12
CA GLN C 89 38.16 34.82 0.35
C GLN C 89 38.36 35.67 -0.90
N SER C 90 39.49 35.46 -1.57
CA SER C 90 39.89 36.31 -2.69
C SER C 90 39.07 36.02 -3.94
N LEU C 91 38.79 34.74 -4.18
CA LEU C 91 37.94 34.33 -5.28
C LEU C 91 36.56 34.97 -5.16
N VAL C 92 35.97 34.91 -3.97
CA VAL C 92 34.73 35.59 -3.72
C VAL C 92 34.89 37.10 -3.97
N ASP C 93 36.08 37.64 -3.67
CA ASP C 93 36.34 39.07 -3.85
C ASP C 93 36.18 39.50 -5.31
N ARG C 94 36.70 38.67 -6.20
CA ARG C 94 36.77 39.06 -7.60
C ARG C 94 35.55 38.70 -8.45
N HIS C 95 34.66 37.88 -7.90
CA HIS C 95 33.45 37.48 -8.63
C HIS C 95 32.22 37.91 -7.84
N SER C 96 31.60 39.02 -8.23
CA SER C 96 30.54 39.58 -7.38
C SER C 96 29.29 38.71 -7.28
N ILE C 97 29.06 37.85 -8.27
CA ILE C 97 27.96 36.89 -8.17
C ILE C 97 28.15 35.97 -6.96
N LEU C 98 29.40 35.68 -6.60
CA LEU C 98 29.67 34.84 -5.44
C LEU C 98 29.40 35.57 -4.12
N ARG C 99 29.19 36.89 -4.19
CA ARG C 99 28.90 37.70 -3.00
C ARG C 99 27.47 38.18 -3.07
N THR C 100 26.64 37.48 -3.84
CA THR C 100 25.28 37.94 -4.08
C THR C 100 24.28 37.18 -3.21
N SER C 101 23.32 37.89 -2.63
CA SER C 101 22.26 37.25 -1.88
C SER C 101 20.92 37.55 -2.54
N PHE C 102 20.00 36.57 -2.49
CA PHE C 102 18.74 36.67 -3.22
C PHE C 102 17.55 36.84 -2.30
N VAL C 103 16.67 37.74 -2.73
CA VAL C 103 15.51 38.11 -1.93
C VAL C 103 14.31 38.37 -2.86
N GLU C 104 13.11 38.30 -2.31
CA GLU C 104 11.91 38.76 -3.00
C GLU C 104 11.42 40.00 -2.30
N HIS C 105 11.01 41.01 -3.06
CA HIS C 105 10.46 42.22 -2.46
C HIS C 105 9.43 42.78 -3.41
N GLU C 106 8.16 42.55 -3.10
CA GLU C 106 7.08 42.68 -4.06
C GLU C 106 7.23 41.57 -5.11
N GLY C 107 7.20 40.33 -4.60
CA GLY C 107 7.18 39.12 -5.41
C GLY C 107 8.15 38.94 -6.56
N HIS C 108 9.06 39.90 -6.74
CA HIS C 108 9.94 39.89 -7.91
C HIS C 108 11.41 39.83 -7.53
N PRO C 109 11.95 38.62 -7.45
CA PRO C 109 13.27 38.34 -6.85
C PRO C 109 14.40 39.21 -7.39
N ILE C 110 15.31 39.57 -6.48
CA ILE C 110 16.36 40.53 -6.77
C ILE C 110 17.70 40.05 -6.24
N GLN C 111 18.78 40.59 -6.81
CA GLN C 111 20.13 40.28 -6.42
C GLN C 111 20.66 41.40 -5.55
N LEU C 112 21.04 41.08 -4.32
CA LEU C 112 21.78 42.05 -3.51
C LEU C 112 23.26 41.73 -3.66
N VAL C 113 24.00 42.61 -4.31
CA VAL C 113 25.44 42.41 -4.41
C VAL C 113 26.12 42.97 -3.16
N LEU C 114 26.93 42.15 -2.51
CA LEU C 114 27.55 42.55 -1.25
C LEU C 114 29.01 42.96 -1.42
N ALA C 115 29.47 43.83 -0.53
CA ALA C 115 30.89 44.20 -0.48
C ALA C 115 31.33 44.15 0.99
N ASN C 116 32.63 44.29 1.23
CA ASN C 116 33.14 44.20 2.60
C ASN C 116 32.62 42.94 3.24
N LEU C 117 32.79 41.85 2.48
CA LEU C 117 32.19 40.58 2.82
C LEU C 117 33.27 39.65 3.33
N ASP C 118 33.22 39.36 4.62
CA ASP C 118 34.16 38.42 5.23
C ASP C 118 33.66 37.00 4.91
N VAL C 119 34.45 36.23 4.15
CA VAL C 119 34.13 34.81 3.91
C VAL C 119 34.66 33.93 5.04
N LYS C 120 33.79 33.14 5.63
CA LYS C 120 34.17 32.21 6.70
C LYS C 120 33.99 30.74 6.31
N VAL C 121 35.09 30.02 6.18
CA VAL C 121 35.07 28.60 5.86
C VAL C 121 34.58 27.74 7.06
N ARG C 122 33.75 26.73 6.75
CA ARG C 122 33.31 25.75 7.73
C ARG C 122 34.31 24.60 7.70
N GLU C 123 34.88 24.27 8.85
CA GLU C 123 35.99 23.34 8.88
C GLU C 123 35.76 22.16 9.80
N VAL C 124 36.12 20.98 9.30
CA VAL C 124 36.04 19.75 10.08
C VAL C 124 37.41 19.06 10.16
N GLN C 125 37.83 18.78 11.40
CA GLN C 125 38.95 17.88 11.65
C GLN C 125 38.40 16.51 12.04
N CYS C 126 38.55 15.54 11.13
CA CYS C 126 37.95 14.22 11.32
C CYS C 126 38.65 13.34 12.36
N TRP C 127 37.91 12.41 12.94
CA TRP C 127 38.53 11.34 13.72
C TRP C 127 39.51 10.61 12.82
N PRO C 128 40.51 9.97 13.43
CA PRO C 128 41.34 9.00 12.68
C PRO C 128 40.48 7.83 12.17
N GLY C 129 40.59 7.53 10.88
CA GLY C 129 39.78 6.50 10.25
C GLY C 129 38.52 6.99 9.55
N GLU C 130 38.04 8.17 9.94
CA GLU C 130 36.78 8.72 9.43
C GLU C 130 36.99 9.31 8.03
N ASP C 131 36.22 8.84 7.04
CA ASP C 131 36.33 9.31 5.66
C ASP C 131 35.76 10.75 5.52
N PRO C 132 36.56 11.68 4.98
CA PRO C 132 36.13 13.07 4.87
C PRO C 132 34.89 13.26 3.99
N MSE C 133 34.77 12.45 2.94
CA MSE C 133 33.65 12.57 1.99
C MSE C 133 32.33 12.15 2.62
O MSE C 133 31.28 12.78 2.37
CB MSE C 133 33.92 11.80 0.70
CG MSE C 133 33.00 12.16 -0.46
SE MSE C 133 32.89 14.03 -1.13
CE MSE C 133 34.70 14.13 -1.87
N GLU C 134 32.39 11.10 3.42
CA GLU C 134 31.22 10.66 4.16
C GLU C 134 30.76 11.72 5.12
N VAL C 135 31.70 12.47 5.68
CA VAL C 135 31.36 13.60 6.53
C VAL C 135 30.63 14.68 5.71
N CYS C 136 31.16 15.00 4.54
CA CYS C 136 30.57 16.02 3.69
C CYS C 136 29.19 15.57 3.30
N LYS C 137 29.11 14.35 2.77
CA LYS C 137 27.84 13.76 2.38
C LYS C 137 26.81 13.79 3.51
N ALA C 138 27.23 13.51 4.74
CA ALA C 138 26.31 13.58 5.87
C ALA C 138 25.81 14.99 6.14
N LEU C 139 26.68 15.98 5.98
CA LEU C 139 26.30 17.36 6.17
C LEU C 139 25.30 17.75 5.08
N TRP C 140 25.59 17.33 3.85
CA TRP C 140 24.74 17.60 2.69
C TRP C 140 23.32 17.07 2.91
N ASP C 141 23.20 15.78 3.19
CA ASP C 141 21.87 15.17 3.37
C ASP C 141 21.25 15.52 4.70
N GLY C 142 22.09 15.73 5.70
CA GLY C 142 21.63 15.97 7.06
C GLY C 142 21.12 17.36 7.30
N LYS C 143 21.47 18.31 6.44
CA LYS C 143 21.08 19.71 6.69
C LYS C 143 21.24 20.70 5.54
N ASP C 144 22.36 20.63 4.81
CA ASP C 144 22.67 21.66 3.79
C ASP C 144 21.57 21.86 2.74
N TRP C 145 21.17 20.83 1.99
CA TRP C 145 20.06 21.04 1.06
C TRP C 145 18.64 21.01 1.66
N PRO C 146 18.35 20.07 2.57
CA PRO C 146 17.02 19.96 3.18
C PRO C 146 16.54 21.24 3.86
N THR C 147 17.46 22.17 4.10
CA THR C 147 17.10 23.42 4.76
C THR C 147 17.45 24.59 3.85
N LEU C 148 17.91 24.31 2.64
CA LEU C 148 18.21 25.37 1.69
C LEU C 148 17.00 26.29 1.51
N ASN C 149 17.22 27.59 1.65
CA ASN C 149 16.16 28.58 1.43
C ASN C 149 16.75 29.83 0.81
N VAL C 150 17.13 29.73 -0.48
CA VAL C 150 17.81 30.84 -1.17
C VAL C 150 17.08 32.18 -1.12
N LEU C 151 15.75 32.18 -1.34
CA LEU C 151 15.00 33.42 -1.35
C LEU C 151 14.80 34.02 0.05
N GLY C 152 15.42 33.39 1.06
CA GLY C 152 15.46 33.91 2.41
C GLY C 152 16.56 34.97 2.56
N GLY C 153 17.56 34.92 1.68
CA GLY C 153 18.56 35.96 1.65
C GLY C 153 19.99 35.56 1.98
N SER C 154 20.18 34.50 2.76
CA SER C 154 21.52 34.05 3.12
C SER C 154 22.33 33.67 1.89
N LEU C 155 23.64 33.87 1.97
CA LEU C 155 24.52 33.66 0.82
C LEU C 155 24.64 32.19 0.46
N PRO C 156 24.24 31.85 -0.77
CA PRO C 156 24.35 30.46 -1.24
C PRO C 156 25.80 29.98 -1.35
N VAL C 157 26.71 30.86 -1.76
CA VAL C 157 28.09 30.44 -1.97
C VAL C 157 28.83 30.30 -0.63
N ARG C 158 29.22 29.07 -0.30
CA ARG C 158 29.84 28.79 1.00
C ARG C 158 30.83 27.65 0.91
N PHE C 159 31.87 27.71 1.73
CA PHE C 159 32.98 26.80 1.54
C PHE C 159 33.11 25.82 2.70
N THR C 160 33.45 24.57 2.38
CA THR C 160 33.73 23.60 3.42
C THR C 160 35.07 22.94 3.20
N LEU C 161 35.73 22.63 4.30
CA LEU C 161 37.05 22.01 4.30
C LEU C 161 37.10 20.88 5.33
N VAL C 162 37.22 19.65 4.87
CA VAL C 162 37.17 18.51 5.78
C VAL C 162 38.48 17.74 5.70
N SER C 163 39.16 17.62 6.84
CA SER C 163 40.52 17.08 6.82
C SER C 163 40.73 15.84 7.69
N CYS C 164 41.52 14.90 7.19
CA CYS C 164 42.18 13.91 8.02
C CYS C 164 43.29 14.63 8.84
N PRO C 165 43.57 14.15 10.06
CA PRO C 165 44.38 14.89 11.07
C PRO C 165 45.81 15.36 10.69
N GLY C 166 46.50 14.66 9.79
CA GLY C 166 47.80 15.13 9.32
C GLY C 166 47.70 16.06 8.11
N ASN C 167 46.46 16.40 7.73
CA ASN C 167 46.17 17.31 6.60
C ASN C 167 46.82 16.92 5.27
N GLU C 168 46.87 15.63 4.97
CA GLU C 168 47.43 15.15 3.71
C GLU C 168 46.33 14.47 2.89
N HIS C 169 45.10 14.64 3.37
CA HIS C 169 43.93 14.16 2.67
C HIS C 169 42.75 15.01 3.07
N VAL C 170 42.35 15.93 2.20
CA VAL C 170 41.30 16.86 2.55
C VAL C 170 40.19 16.86 1.50
N VAL C 171 39.01 17.33 1.88
CA VAL C 171 37.99 17.63 0.89
C VAL C 171 37.63 19.10 0.94
N LEU C 172 37.67 19.73 -0.22
CA LEU C 172 37.24 21.11 -0.35
C LEU C 172 35.87 21.09 -1.03
N THR C 173 34.88 21.73 -0.43
CA THR C 173 33.60 21.79 -1.13
C THR C 173 33.15 23.22 -1.36
N ILE C 174 32.69 23.47 -2.58
CA ILE C 174 32.14 24.78 -2.92
C ILE C 174 30.64 24.62 -3.13
N GLN C 175 29.84 25.27 -2.30
CA GLN C 175 28.39 25.23 -2.52
C GLN C 175 27.91 26.46 -3.31
N ILE C 176 26.89 26.30 -4.16
CA ILE C 176 26.47 27.39 -5.03
C ILE C 176 25.11 27.17 -5.66
N SER C 177 24.33 28.24 -5.79
CA SER C 177 23.08 28.16 -6.55
C SER C 177 23.32 28.24 -8.05
N HIS C 178 22.50 27.56 -8.82
CA HIS C 178 22.70 27.53 -10.28
C HIS C 178 22.34 28.89 -10.85
N SER C 179 21.73 29.74 -10.03
CA SER C 179 21.45 31.09 -10.45
C SER C 179 22.75 31.90 -10.51
N GLN C 180 23.86 31.28 -10.10
CA GLN C 180 25.15 31.97 -9.97
C GLN C 180 26.22 31.38 -10.89
N TRP C 181 25.86 30.34 -11.64
CA TRP C 181 26.79 29.75 -12.57
C TRP C 181 26.06 29.10 -13.73
N ASP C 182 26.79 28.86 -14.80
CA ASP C 182 26.25 28.14 -15.93
C ASP C 182 27.40 27.34 -16.49
N GLY C 183 27.11 26.48 -17.48
CA GLY C 183 28.10 25.53 -17.95
C GLY C 183 29.36 26.17 -18.48
N VAL C 184 29.20 27.24 -19.24
CA VAL C 184 30.35 27.85 -19.89
C VAL C 184 31.28 28.54 -18.88
N SER C 185 30.73 29.07 -17.79
CA SER C 185 31.54 29.84 -16.85
C SER C 185 32.02 29.08 -15.59
N ILE C 186 31.48 27.90 -15.33
CA ILE C 186 31.88 27.16 -14.12
C ILE C 186 33.38 26.79 -14.14
N PRO C 187 33.91 26.37 -15.30
CA PRO C 187 35.33 25.99 -15.31
C PRO C 187 36.20 27.20 -15.02
N LYS C 188 35.68 28.39 -15.27
CA LYS C 188 36.42 29.59 -14.95
C LYS C 188 36.59 29.69 -13.43
N LEU C 189 35.55 29.32 -12.70
CA LEU C 189 35.58 29.41 -11.25
C LEU C 189 36.71 28.53 -10.74
N PHE C 190 36.89 27.41 -11.41
CA PHE C 190 37.90 26.44 -11.03
C PHE C 190 39.30 26.84 -11.46
N SER C 191 39.42 27.46 -12.62
CA SER C 191 40.73 27.89 -13.10
C SER C 191 41.20 29.12 -12.32
N ASP C 192 40.24 29.91 -11.84
CA ASP C 192 40.54 31.09 -11.05
C ASP C 192 40.99 30.71 -9.64
N PHE C 193 40.19 29.86 -8.99
CA PHE C 193 40.57 29.32 -7.70
C PHE C 193 42.00 28.78 -7.72
N ALA C 194 42.25 27.83 -8.63
CA ALA C 194 43.58 27.22 -8.73
C ALA C 194 44.69 28.26 -8.93
N ALA C 195 44.40 29.29 -9.70
CA ALA C 195 45.38 30.32 -10.02
C ALA C 195 45.68 31.20 -8.83
N ILE C 196 44.63 31.69 -8.19
CA ILE C 196 44.75 32.49 -6.99
C ILE C 196 45.59 31.75 -5.95
N TYR C 197 45.40 30.44 -5.87
CA TYR C 197 46.08 29.63 -4.85
C TYR C 197 47.56 29.51 -5.19
N ASN C 198 47.85 29.29 -6.47
CA ASN C 198 49.23 29.18 -6.92
C ASN C 198 49.91 30.55 -7.06
N GLN C 199 49.28 31.59 -6.51
CA GLN C 199 49.53 32.98 -6.96
C GLN C 199 50.18 33.06 -8.35
N THR C 200 49.43 32.54 -9.31
CA THR C 200 49.60 32.85 -10.72
C THR C 200 48.74 34.08 -10.97
N PRO C 201 49.26 35.02 -11.79
CA PRO C 201 48.55 36.28 -12.05
C PRO C 201 47.28 36.07 -12.88
N LEU C 202 46.23 36.82 -12.56
CA LEU C 202 44.98 36.73 -13.30
C LEU C 202 44.61 38.06 -13.95
N PRO C 203 44.00 37.99 -15.15
CA PRO C 203 43.40 39.17 -15.78
C PRO C 203 42.32 39.77 -14.89
N PRO C 204 41.82 40.97 -15.26
CA PRO C 204 40.59 41.48 -14.66
C PRO C 204 39.36 40.93 -15.40
N THR C 205 38.18 41.09 -14.81
CA THR C 205 36.98 40.42 -15.30
C THR C 205 35.72 41.17 -14.88
N SER C 206 34.60 40.87 -15.53
CA SER C 206 33.36 41.60 -15.30
C SER C 206 32.40 40.94 -14.31
N ASP C 207 31.67 41.77 -13.57
CA ASP C 207 30.56 41.31 -12.73
C ASP C 207 29.46 40.71 -13.62
N PHE C 208 28.70 39.75 -13.10
CA PHE C 208 27.51 39.31 -13.78
C PHE C 208 26.55 40.49 -13.92
N ALA C 209 26.47 41.31 -12.87
CA ALA C 209 25.64 42.49 -12.91
C ALA C 209 25.99 43.35 -14.14
N HIS C 210 27.27 43.39 -14.52
CA HIS C 210 27.65 44.15 -15.71
C HIS C 210 26.87 43.63 -16.93
N TYR C 211 26.66 42.32 -16.98
CA TYR C 211 25.90 41.70 -18.07
C TYR C 211 24.49 42.28 -18.11
N LEU C 212 23.81 42.23 -16.98
CA LEU C 212 22.46 42.77 -16.91
C LEU C 212 22.42 44.21 -17.46
N TYR C 213 23.24 45.10 -16.90
CA TYR C 213 23.31 46.51 -17.32
C TYR C 213 23.47 46.65 -18.83
N HIS C 214 24.30 45.80 -19.41
CA HIS C 214 24.58 45.83 -20.83
C HIS C 214 23.35 45.42 -21.66
N ARG C 215 22.61 44.41 -21.17
CA ARG C 215 21.39 43.96 -21.84
C ARG C 215 20.38 45.08 -21.96
N VAL C 216 20.26 45.85 -20.89
CA VAL C 216 19.31 46.94 -20.85
C VAL C 216 19.80 48.12 -21.69
N SER C 217 21.12 48.34 -21.71
CA SER C 217 21.70 49.44 -22.47
C SER C 217 21.32 49.31 -23.94
N SER C 218 21.25 48.07 -24.42
CA SER C 218 20.98 47.78 -25.82
C SER C 218 19.48 47.65 -26.12
N ALA C 219 18.66 47.74 -25.08
CA ALA C 219 17.21 47.77 -25.23
C ALA C 219 16.76 49.16 -25.68
N ARG C 220 15.74 49.21 -26.53
CA ARG C 220 15.16 50.49 -26.95
C ARG C 220 14.16 51.01 -25.91
N GLU C 221 14.16 52.31 -25.70
CA GLU C 221 13.33 52.90 -24.66
C GLU C 221 11.85 52.68 -24.90
N ASP C 222 11.49 52.39 -26.15
CA ASP C 222 10.17 51.89 -26.48
C ASP C 222 10.27 50.64 -27.36
N VAL C 223 9.38 49.70 -27.07
CA VAL C 223 9.60 48.30 -27.42
C VAL C 223 9.19 47.92 -28.86
N GLN C 224 8.08 48.45 -29.35
CA GLN C 224 7.64 48.17 -30.72
C GLN C 224 8.65 48.70 -31.74
N GLN C 225 9.80 49.16 -31.26
CA GLN C 225 10.86 49.70 -32.11
C GLN C 225 12.11 48.82 -32.06
N ASP C 226 12.23 48.06 -30.97
CA ASP C 226 13.41 47.27 -30.66
C ASP C 226 13.59 46.16 -31.70
N PRO C 227 14.71 46.20 -32.45
CA PRO C 227 14.98 45.16 -33.45
C PRO C 227 14.84 43.75 -32.86
N THR C 228 15.11 43.60 -31.58
CA THR C 228 15.03 42.29 -30.93
C THR C 228 13.60 41.78 -30.93
N PHE C 229 12.70 42.59 -30.36
CA PHE C 229 11.30 42.23 -30.27
C PHE C 229 10.58 42.29 -31.62
N GLN C 230 11.20 42.95 -32.60
CA GLN C 230 10.71 42.89 -33.98
C GLN C 230 11.01 41.52 -34.57
N PHE C 231 12.26 41.10 -34.43
CA PHE C 231 12.65 39.75 -34.81
C PHE C 231 11.70 38.72 -34.23
N TRP C 232 11.52 38.75 -32.92
CA TRP C 232 10.71 37.72 -32.28
C TRP C 232 9.28 37.74 -32.80
N ARG C 233 8.77 38.93 -33.09
CA ARG C 233 7.42 39.07 -33.60
C ARG C 233 7.28 38.37 -34.95
N HIS C 234 8.20 38.66 -35.87
CA HIS C 234 8.24 37.97 -37.15
C HIS C 234 8.51 36.47 -37.00
N TYR C 235 9.40 36.13 -36.08
CA TYR C 235 9.86 34.74 -35.89
C TYR C 235 8.71 33.84 -35.47
N LEU C 236 7.86 34.33 -34.55
CA LEU C 236 6.76 33.52 -34.04
C LEU C 236 5.42 33.86 -34.69
N ASP C 237 5.47 34.70 -35.73
CA ASP C 237 4.28 35.09 -36.49
C ASP C 237 3.63 33.85 -37.12
N GLY C 238 2.38 33.56 -36.72
CA GLY C 238 1.69 32.36 -37.14
C GLY C 238 1.74 31.18 -36.17
N ALA C 239 2.74 31.14 -35.29
CA ALA C 239 3.02 29.95 -34.49
C ALA C 239 2.00 29.70 -33.39
N LYS C 240 1.63 28.44 -33.20
CA LYS C 240 0.94 28.03 -31.97
C LYS C 240 1.83 27.05 -31.20
N MSE C 241 2.13 27.36 -29.96
CA MSE C 241 2.89 26.43 -29.14
C MSE C 241 1.95 25.46 -28.44
O MSE C 241 0.99 25.89 -27.78
CB MSE C 241 3.71 27.16 -28.10
CG MSE C 241 4.62 26.20 -27.36
SE MSE C 241 5.95 27.20 -26.34
CE MSE C 241 4.73 28.02 -25.04
N ALA C 242 2.19 24.16 -28.61
CA ALA C 242 1.34 23.15 -27.97
C ALA C 242 1.37 23.21 -26.43
N VAL C 243 0.32 22.70 -25.79
CA VAL C 243 0.16 22.84 -24.36
C VAL C 243 -0.29 21.52 -23.74
N PRO C 244 0.52 20.98 -22.82
CA PRO C 244 0.25 19.68 -22.17
C PRO C 244 -1.13 19.69 -21.49
N PHE C 245 -1.77 18.54 -21.44
CA PHE C 245 -3.00 18.42 -20.67
C PHE C 245 -2.57 18.37 -19.19
N ALA C 246 -3.51 18.45 -18.25
CA ALA C 246 -3.11 18.54 -16.83
C ALA C 246 -2.31 17.30 -16.42
N PRO C 247 -1.40 17.44 -15.45
CA PRO C 247 -0.58 16.28 -15.04
C PRO C 247 -1.35 15.22 -14.23
N GLY C 263 5.14 12.09 -7.11
CA GLY C 263 5.58 13.46 -6.89
C GLY C 263 7.09 13.51 -6.74
N GLN C 264 7.80 12.83 -7.64
CA GLN C 264 9.25 12.70 -7.53
C GLN C 264 10.00 12.97 -8.83
N THR C 265 11.10 13.71 -8.74
CA THR C 265 11.97 13.93 -9.89
C THR C 265 12.56 12.63 -10.40
N LEU C 266 12.37 12.36 -11.69
CA LEU C 266 13.00 11.21 -12.32
C LEU C 266 14.00 11.59 -13.41
N TRP C 267 15.16 10.94 -13.35
CA TRP C 267 16.18 11.02 -14.39
C TRP C 267 16.24 9.71 -15.15
N THR C 268 16.11 9.79 -16.47
CA THR C 268 16.13 8.60 -17.32
C THR C 268 17.15 8.78 -18.47
N PHE C 269 17.97 7.76 -18.68
CA PHE C 269 19.10 7.85 -19.60
C PHE C 269 19.03 6.78 -20.69
N LYS C 270 19.53 7.11 -21.88
CA LYS C 270 19.73 6.17 -22.96
C LYS C 270 20.94 6.62 -23.76
N GLY C 271 21.99 5.80 -23.77
CA GLY C 271 23.16 6.13 -24.56
C GLY C 271 23.11 5.51 -25.94
N ILE C 272 23.55 6.26 -26.94
CA ILE C 272 23.65 5.73 -28.28
C ILE C 272 25.06 6.00 -28.80
N VAL C 273 25.44 5.28 -29.85
CA VAL C 273 26.72 5.54 -30.50
C VAL C 273 26.83 7.02 -30.94
N PRO C 274 27.99 7.65 -30.68
CA PRO C 274 28.14 9.08 -31.05
C PRO C 274 27.88 9.29 -32.54
N PRO C 275 26.85 10.10 -32.89
CA PRO C 275 26.35 10.24 -34.26
C PRO C 275 27.36 10.88 -35.21
N THR C 276 27.39 10.43 -36.46
CA THR C 276 28.20 11.12 -37.47
C THR C 276 27.51 12.44 -37.81
N LEU C 277 28.25 13.55 -37.82
CA LEU C 277 27.64 14.83 -38.15
C LEU C 277 27.83 15.21 -39.63
N PRO C 278 26.70 15.38 -40.35
CA PRO C 278 26.70 15.90 -41.72
C PRO C 278 27.46 17.22 -41.78
N SER C 279 28.03 17.57 -42.93
CA SER C 279 28.88 18.75 -43.02
C SER C 279 28.11 20.02 -42.67
N GLY C 280 28.65 20.82 -41.75
CA GLY C 280 28.03 22.09 -41.40
C GLY C 280 27.01 21.98 -40.28
N ILE C 281 26.41 20.82 -40.14
CA ILE C 281 25.44 20.54 -39.07
C ILE C 281 26.09 20.23 -37.70
N THR C 282 25.67 20.96 -36.67
CA THR C 282 26.08 20.75 -35.28
C THR C 282 25.31 19.63 -34.58
N MSE C 283 25.91 19.08 -33.52
CA MSE C 283 25.28 18.04 -32.71
C MSE C 283 23.94 18.50 -32.13
O MSE C 283 22.94 17.75 -32.10
CB MSE C 283 26.21 17.63 -31.57
CG MSE C 283 25.61 16.57 -30.65
SE MSE C 283 25.32 14.95 -31.68
CE MSE C 283 27.19 14.65 -32.15
N ALA C 284 23.95 19.74 -31.63
CA ALA C 284 22.78 20.32 -30.97
C ALA C 284 21.64 20.43 -31.97
N THR C 285 21.98 20.76 -33.22
CA THR C 285 20.95 20.89 -34.24
C THR C 285 20.30 19.54 -34.46
N LEU C 286 21.14 18.51 -34.51
CA LEU C 286 20.67 17.17 -34.78
C LEU C 286 19.72 16.72 -33.66
N VAL C 287 20.06 17.03 -32.42
CA VAL C 287 19.16 16.75 -31.29
C VAL C 287 17.83 17.50 -31.40
N LYS C 288 17.89 18.76 -31.80
CA LYS C 288 16.71 19.61 -31.84
C LYS C 288 15.80 19.26 -33.01
N ALA C 289 16.41 18.85 -34.12
CA ALA C 289 15.63 18.37 -35.27
C ALA C 289 14.91 17.06 -34.96
N ALA C 290 15.54 16.21 -34.13
CA ALA C 290 15.00 14.88 -33.83
C ALA C 290 13.73 15.07 -33.06
N THR C 291 13.81 15.93 -32.06
CA THR C 291 12.70 16.32 -31.18
C THR C 291 11.51 16.99 -31.93
N ALA C 292 11.86 17.91 -32.83
CA ALA C 292 10.88 18.64 -33.65
C ALA C 292 10.07 17.65 -34.41
N LEU C 293 10.74 16.63 -34.93
CA LEU C 293 10.10 15.62 -35.74
C LEU C 293 9.26 14.70 -34.85
N PHE C 294 9.78 14.39 -33.67
CA PHE C 294 9.04 13.60 -32.70
C PHE C 294 7.72 14.30 -32.40
N LEU C 295 7.82 15.60 -32.14
CA LEU C 295 6.67 16.45 -31.83
C LEU C 295 5.68 16.61 -32.98
N SER C 296 6.18 16.84 -34.18
CA SER C 296 5.27 17.05 -35.31
C SER C 296 4.43 15.79 -35.53
N TYR C 297 5.07 14.63 -35.41
CA TYR C 297 4.32 13.37 -35.48
C TYR C 297 3.25 13.26 -34.39
N HIS C 298 3.62 13.50 -33.13
CA HIS C 298 2.65 13.35 -32.04
C HIS C 298 1.56 14.41 -32.00
N LEU C 299 1.91 15.62 -32.42
CA LEU C 299 0.94 16.73 -32.42
C LEU C 299 0.13 16.77 -33.72
N GLY C 300 0.56 15.99 -34.71
CA GLY C 300 0.00 16.07 -36.04
C GLY C 300 0.16 17.46 -36.60
N SER C 301 1.30 18.11 -36.29
CA SER C 301 1.51 19.49 -36.65
C SER C 301 2.71 19.66 -37.56
N ARG C 302 2.68 20.64 -38.45
CA ARG C 302 3.83 20.85 -39.33
C ARG C 302 4.54 22.11 -38.92
N ASP C 303 4.23 22.57 -37.71
CA ASP C 303 4.79 23.82 -37.24
C ASP C 303 4.82 23.77 -35.73
N VAL C 304 5.95 23.31 -35.20
CA VAL C 304 6.06 23.09 -33.76
C VAL C 304 6.91 24.16 -33.12
N VAL C 305 6.53 24.59 -31.93
CA VAL C 305 7.38 25.45 -31.13
C VAL C 305 7.68 24.73 -29.83
N PHE C 306 8.94 24.78 -29.39
CA PHE C 306 9.29 24.23 -28.08
C PHE C 306 10.47 24.99 -27.46
N GLY C 307 10.76 24.72 -26.18
CA GLY C 307 11.81 25.45 -25.52
C GLY C 307 13.18 24.87 -25.84
N HIS C 308 14.20 25.71 -25.82
CA HIS C 308 15.56 25.21 -25.82
C HIS C 308 16.46 26.23 -25.12
N THR C 309 17.55 25.73 -24.55
CA THR C 309 18.48 26.54 -23.83
C THR C 309 19.51 27.16 -24.79
N VAL C 310 19.86 28.41 -24.54
CA VAL C 310 20.94 29.05 -25.26
C VAL C 310 21.89 29.63 -24.21
N ASN C 311 23.11 29.95 -24.60
CA ASN C 311 24.10 30.31 -23.58
C ASN C 311 24.10 31.78 -23.20
N GLY C 312 23.42 32.61 -24.01
CA GLY C 312 23.26 34.03 -23.75
C GLY C 312 24.57 34.81 -23.74
N ARG C 313 25.58 34.35 -24.47
CA ARG C 313 26.89 34.99 -24.45
C ARG C 313 27.34 35.41 -25.85
N ASN C 314 26.40 35.95 -26.62
CA ASN C 314 26.68 36.44 -27.96
C ASN C 314 26.58 37.96 -28.03
N LEU C 315 26.00 38.54 -26.99
CA LEU C 315 26.13 39.95 -26.66
C LEU C 315 27.60 40.40 -26.83
N PRO C 316 27.81 41.55 -27.49
CA PRO C 316 29.17 41.99 -27.86
C PRO C 316 29.88 42.78 -26.77
N MSE C 317 29.48 42.63 -25.51
CA MSE C 317 30.19 43.29 -24.42
C MSE C 317 31.57 42.69 -24.27
O MSE C 317 31.90 41.68 -24.90
CB MSE C 317 29.42 43.16 -23.12
CG MSE C 317 29.75 41.93 -22.34
SE MSE C 317 28.57 41.81 -20.82
CE MSE C 317 26.89 41.85 -21.83
N ASP C 318 32.39 43.31 -23.41
CA ASP C 318 33.77 42.88 -23.25
C ASP C 318 33.89 41.89 -22.09
N ASN C 319 34.76 40.89 -22.27
CA ASN C 319 34.88 39.80 -21.32
C ASN C 319 33.58 39.04 -21.17
N ILE C 320 32.80 39.01 -22.26
CA ILE C 320 31.51 38.32 -22.28
C ILE C 320 31.63 36.81 -22.07
N GLU C 321 32.67 36.21 -22.65
CA GLU C 321 32.81 34.75 -22.67
C GLU C 321 33.51 34.16 -21.44
N SER C 322 33.86 34.98 -20.48
CA SER C 322 34.75 34.53 -19.44
C SER C 322 34.31 35.00 -18.07
N LEU C 323 33.18 35.72 -18.03
CA LEU C 323 32.66 36.16 -16.75
C LEU C 323 31.87 35.03 -16.14
N LEU C 324 31.39 35.24 -14.93
CA LEU C 324 30.83 34.16 -14.16
C LEU C 324 29.43 34.48 -13.67
N GLY C 325 28.47 33.71 -14.15
CA GLY C 325 27.11 33.79 -13.70
C GLY C 325 26.22 32.93 -14.57
N CYS C 326 24.92 33.07 -14.38
CA CYS C 326 23.97 32.33 -15.17
C CYS C 326 23.48 33.17 -16.36
N THR C 327 24.19 33.11 -17.50
CA THR C 327 23.74 33.86 -18.67
C THR C 327 22.80 33.05 -19.57
N LEU C 328 22.60 31.80 -19.19
CA LEU C 328 21.67 30.91 -19.88
C LEU C 328 20.32 31.56 -20.08
N ASN C 329 19.68 31.24 -21.19
CA ASN C 329 18.30 31.65 -21.45
C ASN C 329 17.51 30.46 -22.01
N PHE C 330 16.23 30.40 -21.70
CA PHE C 330 15.39 29.35 -22.28
C PHE C 330 14.37 29.98 -23.20
N VAL C 331 14.56 29.76 -24.50
CA VAL C 331 13.78 30.45 -25.52
C VAL C 331 13.03 29.52 -26.51
N PRO C 332 12.08 30.11 -27.24
CA PRO C 332 11.36 29.29 -28.21
C PRO C 332 12.22 28.95 -29.42
N LEU C 333 12.09 27.71 -29.86
CA LEU C 333 12.66 27.25 -31.11
C LEU C 333 11.48 26.80 -31.95
N ARG C 334 11.27 27.46 -33.07
CA ARG C 334 10.16 27.13 -33.96
C ARG C 334 10.73 26.34 -35.13
N VAL C 335 10.10 25.20 -35.45
CA VAL C 335 10.53 24.35 -36.55
C VAL C 335 9.32 24.11 -37.43
N THR C 336 9.42 24.60 -38.66
CA THR C 336 8.29 24.55 -39.58
C THR C 336 8.60 23.59 -40.69
N PHE C 337 7.76 22.57 -40.82
CA PHE C 337 7.85 21.62 -41.91
C PHE C 337 6.93 22.10 -43.04
N PRO C 338 7.40 22.00 -44.28
CA PRO C 338 6.57 22.40 -45.41
C PRO C 338 5.68 21.22 -45.80
N GLU C 339 4.72 21.40 -46.71
CA GLU C 339 3.86 20.28 -47.14
C GLU C 339 4.68 19.11 -47.68
N ASP C 340 4.04 17.97 -47.92
CA ASP C 340 4.80 16.78 -48.33
C ASP C 340 5.22 16.78 -49.81
N SER C 341 4.65 17.71 -50.59
CA SER C 341 5.02 17.86 -51.99
C SER C 341 6.43 18.46 -52.13
N THR C 342 6.81 19.29 -51.16
CA THR C 342 8.16 19.84 -51.08
C THR C 342 9.24 18.76 -50.93
N ASP C 343 8.85 17.57 -50.45
CA ASP C 343 9.74 16.40 -50.40
C ASP C 343 11.03 16.56 -49.62
N TRP C 344 10.94 17.11 -48.41
CA TRP C 344 12.11 17.34 -47.57
C TRP C 344 12.97 16.11 -47.25
N THR C 345 14.28 16.32 -47.20
CA THR C 345 15.21 15.30 -46.73
C THR C 345 15.53 15.56 -45.28
N VAL C 346 16.10 14.55 -44.62
CA VAL C 346 16.61 14.78 -43.29
C VAL C 346 17.45 16.05 -43.35
N MSE C 347 18.29 16.15 -44.37
CA MSE C 347 19.22 17.28 -44.51
C MSE C 347 18.50 18.63 -44.56
O MSE C 347 18.97 19.62 -43.98
CB MSE C 347 20.06 17.09 -45.77
CG MSE C 347 21.23 18.05 -45.82
SE MSE C 347 22.57 17.59 -44.47
CE MSE C 347 23.38 16.08 -45.39
N ASP C 348 17.39 18.68 -45.25
CA ASP C 348 16.62 19.93 -45.28
C ASP C 348 16.17 20.28 -43.86
N LEU C 349 15.61 19.29 -43.16
CA LEU C 349 15.16 19.51 -41.78
C LEU C 349 16.32 20.02 -40.96
N LEU C 350 17.50 19.46 -41.17
CA LEU C 350 18.67 19.82 -40.37
C LEU C 350 19.10 21.29 -40.57
N HIS C 351 19.29 21.69 -41.82
CA HIS C 351 19.72 23.04 -42.12
C HIS C 351 18.72 24.07 -41.61
N HIS C 352 17.44 23.80 -41.85
CA HIS C 352 16.37 24.67 -41.40
C HIS C 352 16.39 24.79 -39.88
N THR C 353 16.55 23.65 -39.22
CA THR C 353 16.62 23.62 -37.76
C THR C 353 17.76 24.49 -37.24
N GLN C 354 18.94 24.32 -37.83
CA GLN C 354 20.10 25.12 -37.42
C GLN C 354 19.84 26.58 -37.68
N THR C 355 19.26 26.87 -38.84
CA THR C 355 18.90 28.25 -39.25
C THR C 355 17.93 28.90 -38.27
N GLN C 356 16.97 28.10 -37.79
CA GLN C 356 16.00 28.56 -36.80
C GLN C 356 16.66 28.86 -35.47
N TYR C 357 17.89 28.38 -35.30
CA TYR C 357 18.69 28.75 -34.14
C TYR C 357 19.60 29.94 -34.46
N THR C 358 20.39 29.83 -35.53
CA THR C 358 21.31 30.90 -35.89
C THR C 358 20.59 32.24 -36.06
N ARG C 359 19.38 32.21 -36.64
CA ARG C 359 18.58 33.41 -36.84
C ARG C 359 18.43 34.26 -35.57
N ALA C 360 18.31 33.61 -34.42
CA ALA C 360 18.02 34.32 -33.16
C ALA C 360 19.25 34.73 -32.32
N LEU C 361 20.45 34.39 -32.81
CA LEU C 361 21.65 34.62 -32.01
C LEU C 361 21.68 35.98 -31.31
N SER C 362 21.35 37.03 -32.08
CA SER C 362 21.44 38.41 -31.61
C SER C 362 20.30 38.80 -30.69
N HIS C 363 19.27 37.96 -30.63
CA HIS C 363 18.06 38.30 -29.91
C HIS C 363 17.73 37.32 -28.78
N GLU C 364 18.62 36.35 -28.56
CA GLU C 364 18.35 35.25 -27.64
C GLU C 364 18.58 35.57 -26.16
N HIS C 365 18.97 36.80 -25.87
CA HIS C 365 19.39 37.20 -24.53
CA HIS C 365 19.38 37.20 -24.54
C HIS C 365 18.28 37.91 -23.73
N VAL C 366 17.16 38.21 -24.36
CA VAL C 366 16.08 38.92 -23.65
C VAL C 366 15.17 37.97 -22.88
N GLU C 367 14.57 38.49 -21.83
CA GLU C 367 13.63 37.75 -21.00
C GLU C 367 12.51 37.06 -21.79
N LEU C 368 12.25 35.80 -21.47
CA LEU C 368 11.20 35.08 -22.16
C LEU C 368 9.82 35.74 -22.00
N ARG C 369 9.47 36.05 -20.77
CA ARG C 369 8.19 36.70 -20.49
C ARG C 369 8.04 38.03 -21.26
N ASP C 370 9.16 38.68 -21.60
CA ASP C 370 9.12 39.88 -22.44
C ASP C 370 8.88 39.51 -23.91
N ILE C 371 9.48 38.40 -24.36
CA ILE C 371 9.27 37.95 -25.73
C ILE C 371 7.79 37.71 -25.98
N PHE C 372 7.14 37.10 -24.99
CA PHE C 372 5.73 36.78 -25.09
C PHE C 372 4.79 37.99 -25.08
N GLN C 373 5.05 38.96 -24.22
CA GLN C 373 4.08 40.02 -24.07
C GLN C 373 4.27 41.12 -25.10
N HIS C 374 5.51 41.29 -25.56
CA HIS C 374 5.83 42.29 -26.56
C HIS C 374 5.72 41.76 -27.99
N SER C 375 6.00 40.47 -28.20
CA SER C 375 6.14 39.98 -29.57
C SER C 375 5.10 38.96 -30.01
N THR C 376 4.20 38.60 -29.10
CA THR C 376 3.19 37.59 -29.44
C THR C 376 1.88 37.93 -28.79
N ASN C 377 0.92 37.04 -28.96
CA ASN C 377 -0.39 37.21 -28.38
C ASN C 377 -0.50 36.49 -27.04
N TRP C 378 0.54 35.76 -26.67
CA TRP C 378 0.47 34.82 -25.57
C TRP C 378 0.60 35.47 -24.21
N PRO C 379 -0.08 34.91 -23.21
CA PRO C 379 0.13 35.36 -21.82
C PRO C 379 1.65 35.50 -21.55
N ALA C 380 2.07 36.60 -20.95
CA ALA C 380 3.50 36.76 -20.63
C ALA C 380 4.06 35.60 -19.78
N GLU C 381 3.25 35.08 -18.85
CA GLU C 381 3.71 34.08 -17.91
C GLU C 381 3.56 32.65 -18.41
N THR C 382 3.29 32.52 -19.70
CA THR C 382 3.25 31.23 -20.38
C THR C 382 4.55 30.43 -20.11
N PRO C 383 4.45 29.25 -19.46
CA PRO C 383 5.67 28.46 -19.23
C PRO C 383 6.07 27.69 -20.49
N LEU C 384 7.37 27.40 -20.64
CA LEU C 384 7.83 26.43 -21.63
C LEU C 384 7.65 25.03 -20.99
N SER C 385 7.09 24.10 -21.75
CA SER C 385 6.70 22.81 -21.19
C SER C 385 7.67 21.70 -21.59
N LEU C 386 8.40 21.91 -22.69
CA LEU C 386 9.49 21.03 -23.11
C LEU C 386 10.74 21.86 -23.38
N ILE C 387 11.84 21.54 -22.69
CA ILE C 387 13.10 22.26 -22.86
C ILE C 387 14.24 21.33 -23.26
N VAL C 388 14.77 21.52 -24.46
CA VAL C 388 15.92 20.78 -24.95
C VAL C 388 17.23 21.50 -24.67
N GLN C 389 18.14 20.84 -23.95
CA GLN C 389 19.46 21.43 -23.70
C GLN C 389 20.60 20.51 -24.13
N HIS C 390 21.30 20.88 -25.20
CA HIS C 390 22.50 20.16 -25.59
C HIS C 390 23.75 20.66 -24.83
N GLN C 391 24.45 19.76 -24.14
CA GLN C 391 25.60 20.15 -23.32
C GLN C 391 26.92 20.28 -24.11
N ASN C 392 27.02 21.35 -24.92
CA ASN C 392 28.24 21.63 -25.70
C ASN C 392 29.28 22.42 -24.88
N ILE C 393 29.52 21.92 -23.67
CA ILE C 393 30.30 22.58 -22.65
C ILE C 393 31.25 21.52 -22.05
N ASP C 394 32.14 21.95 -21.18
CA ASP C 394 33.06 21.03 -20.52
C ASP C 394 32.29 20.06 -19.61
N LEU C 395 32.56 18.77 -19.77
CA LEU C 395 31.88 17.73 -19.01
C LEU C 395 32.75 17.13 -17.87
N SER C 396 33.99 17.60 -17.78
CA SER C 396 34.92 17.11 -16.77
C SER C 396 35.85 18.25 -16.41
N PHE C 397 36.33 18.23 -15.16
CA PHE C 397 36.90 19.43 -14.56
C PHE C 397 38.23 19.22 -13.83
N SER C 398 38.86 20.33 -13.44
CA SER C 398 40.21 20.28 -12.88
C SER C 398 40.50 21.34 -11.83
N LEU C 399 41.45 21.03 -10.95
CA LEU C 399 41.93 21.96 -9.95
C LEU C 399 43.40 21.66 -9.72
N PRO C 400 44.27 22.22 -10.58
CA PRO C 400 45.73 22.02 -10.61
C PRO C 400 46.42 22.77 -9.47
N LEU C 401 46.07 22.42 -8.24
CA LEU C 401 46.56 23.12 -7.06
C LEU C 401 48.08 23.08 -6.90
N ARG C 402 48.75 22.10 -7.53
CA ARG C 402 50.19 22.15 -7.71
C ARG C 402 51.03 21.70 -6.50
N GLY C 403 51.03 22.51 -5.44
CA GLY C 403 51.74 22.17 -4.22
C GLY C 403 53.25 22.34 -4.28
N SER C 404 53.83 22.77 -3.15
CA SER C 404 55.27 22.94 -2.99
C SER C 404 56.01 21.60 -2.88
N SER C 414 55.00 17.32 -1.58
CA SER C 414 55.66 17.28 -2.88
C SER C 414 54.75 17.80 -4.00
N SER C 415 53.75 17.00 -4.34
CA SER C 415 52.83 17.30 -5.45
C SER C 415 51.38 16.91 -5.11
N LEU C 416 50.46 17.84 -5.33
CA LEU C 416 49.05 17.63 -4.94
C LEU C 416 48.21 16.87 -5.97
N ASP C 417 47.49 15.86 -5.48
CA ASP C 417 46.59 15.07 -6.31
C ASP C 417 45.15 15.44 -6.01
N VAL C 418 44.49 16.08 -6.97
CA VAL C 418 43.17 16.64 -6.77
C VAL C 418 42.13 16.00 -7.67
N GLN C 419 41.12 15.37 -7.05
CA GLN C 419 40.03 14.75 -7.79
C GLN C 419 38.73 15.53 -7.59
N TYR C 420 37.88 15.50 -8.62
CA TYR C 420 36.60 16.19 -8.64
C TYR C 420 35.46 15.23 -8.41
N SER C 421 34.44 15.69 -7.68
CA SER C 421 33.15 15.00 -7.61
C SER C 421 32.15 16.06 -7.15
N LYS C 422 30.87 15.71 -7.12
CA LYS C 422 29.86 16.72 -6.75
C LYS C 422 28.56 16.14 -6.19
N PHE C 423 27.82 16.97 -5.45
CA PHE C 423 26.49 16.63 -4.98
C PHE C 423 25.57 17.61 -5.67
N ALA C 424 24.38 17.20 -6.07
CA ALA C 424 23.50 18.16 -6.75
C ALA C 424 22.00 17.91 -6.54
N ARG C 425 21.26 19.00 -6.40
CA ARG C 425 19.80 18.96 -6.37
C ARG C 425 19.25 19.71 -7.56
N PHE C 426 18.10 19.25 -8.02
CA PHE C 426 17.40 19.89 -9.13
C PHE C 426 16.04 19.24 -9.26
N ASP C 427 14.99 20.04 -9.15
CA ASP C 427 13.65 19.45 -9.18
C ASP C 427 12.72 20.20 -10.10
N PRO C 428 12.50 19.66 -11.29
CA PRO C 428 11.69 20.33 -12.32
C PRO C 428 10.28 20.59 -11.80
N LEU C 429 9.57 21.51 -12.45
CA LEU C 429 8.19 21.82 -12.09
C LEU C 429 7.23 21.04 -12.99
N ASP C 430 6.53 21.72 -13.88
CA ASP C 430 5.61 21.01 -14.77
C ASP C 430 6.28 20.68 -16.10
N GLU C 431 7.50 21.15 -16.27
CA GLU C 431 8.18 20.99 -17.55
C GLU C 431 8.99 19.69 -17.66
N VAL C 432 9.32 19.34 -18.89
CA VAL C 432 10.15 18.19 -19.19
C VAL C 432 11.45 18.71 -19.77
N TRP C 433 12.57 18.23 -19.23
CA TRP C 433 13.89 18.57 -19.79
C TRP C 433 14.41 17.37 -20.58
N ILE C 434 15.07 17.67 -21.69
CA ILE C 434 15.85 16.69 -22.43
C ILE C 434 17.28 17.21 -22.55
N PHE C 435 18.23 16.50 -21.93
CA PHE C 435 19.63 16.88 -21.99
C PHE C 435 20.36 15.88 -22.83
N THR C 436 21.16 16.35 -23.78
CA THR C 436 22.05 15.47 -24.50
C THR C 436 23.48 15.72 -24.04
N GLU C 437 24.28 14.66 -23.94
CA GLU C 437 25.61 14.77 -23.38
C GLU C 437 26.60 14.01 -24.22
N PRO C 438 27.46 14.74 -24.94
CA PRO C 438 28.33 14.18 -25.98
C PRO C 438 29.71 13.79 -25.49
N HIS C 439 29.79 12.69 -24.73
CA HIS C 439 31.07 12.15 -24.30
C HIS C 439 31.76 11.48 -25.48
N ALA C 440 32.93 10.89 -25.19
CA ALA C 440 33.72 10.18 -26.20
C ALA C 440 33.02 8.94 -26.74
N ASP C 441 32.54 8.10 -25.82
CA ASP C 441 32.03 6.77 -26.16
C ASP C 441 30.51 6.69 -26.32
N ARG C 442 29.81 7.74 -25.91
CA ARG C 442 28.36 7.77 -26.10
C ARG C 442 27.82 9.18 -26.19
N LEU C 443 26.64 9.31 -26.80
CA LEU C 443 25.86 10.51 -26.66
C LEU C 443 24.79 10.10 -25.67
N GLU C 444 24.74 10.77 -24.52
CA GLU C 444 23.80 10.38 -23.49
C GLU C 444 22.55 11.25 -23.58
N VAL C 445 21.43 10.68 -24.03
CA VAL C 445 20.15 11.37 -23.95
C VAL C 445 19.55 11.25 -22.54
N GLN C 446 19.32 12.39 -21.89
CA GLN C 446 18.88 12.44 -20.51
C GLN C 446 17.56 13.13 -20.41
N VAL C 447 16.54 12.44 -19.91
CA VAL C 447 15.27 13.07 -19.62
C VAL C 447 15.07 13.29 -18.13
N CYS C 448 14.74 14.52 -17.74
CA CYS C 448 14.41 14.80 -16.36
C CYS C 448 13.02 15.48 -16.22
N ALA C 449 12.20 14.94 -15.30
CA ALA C 449 10.83 15.39 -15.19
C ALA C 449 10.14 14.75 -14.01
N ASN C 450 9.22 15.49 -13.41
CA ASN C 450 8.53 14.96 -12.26
C ASN C 450 7.75 13.74 -12.69
N SER C 451 7.72 12.70 -11.85
CA SER C 451 7.03 11.47 -12.20
C SER C 451 5.55 11.72 -12.48
N ARG C 452 4.99 12.74 -11.86
CA ARG C 452 3.57 13.06 -12.08
C ARG C 452 3.33 13.61 -13.52
N VAL C 453 4.37 14.18 -14.09
CA VAL C 453 4.32 14.79 -15.41
C VAL C 453 4.59 13.79 -16.52
N LEU C 454 5.63 13.00 -16.33
CA LEU C 454 6.02 11.99 -17.29
C LEU C 454 6.42 10.78 -16.46
N GLY C 455 5.65 9.71 -16.54
CA GLY C 455 5.93 8.53 -15.72
C GLY C 455 7.14 7.78 -16.24
N GLN C 456 7.75 6.98 -15.36
CA GLN C 456 8.97 6.26 -15.71
C GLN C 456 8.95 5.59 -17.07
N GLU C 457 7.87 4.87 -17.38
CA GLU C 457 7.82 4.14 -18.63
C GLU C 457 7.69 5.08 -19.84
N GLN C 458 7.02 6.22 -19.66
CA GLN C 458 6.94 7.23 -20.72
C GLN C 458 8.29 7.87 -20.92
N ALA C 459 8.95 8.21 -19.82
CA ALA C 459 10.27 8.80 -19.84
C ALA C 459 11.26 7.86 -20.54
N THR C 460 11.15 6.57 -20.25
CA THR C 460 11.98 5.61 -20.95
C THR C 460 11.67 5.63 -22.47
N GLU C 461 10.39 5.63 -22.83
CA GLU C 461 10.00 5.72 -24.23
C GLU C 461 10.47 7.02 -24.91
N LEU C 462 10.32 8.15 -24.23
CA LEU C 462 10.79 9.44 -24.75
C LEU C 462 12.29 9.40 -25.10
N ALA C 463 13.10 8.99 -24.13
CA ALA C 463 14.55 8.88 -24.29
C ALA C 463 14.94 7.95 -25.42
N ASN C 464 14.27 6.79 -25.48
CA ASN C 464 14.54 5.85 -26.54
C ASN C 464 14.12 6.41 -27.92
N ASN C 465 12.91 6.96 -28.01
CA ASN C 465 12.43 7.49 -29.28
C ASN C 465 13.33 8.59 -29.81
N ILE C 466 13.67 9.55 -28.93
CA ILE C 466 14.53 10.64 -29.34
C ILE C 466 15.89 10.08 -29.77
N SER C 467 16.41 9.12 -28.99
CA SER C 467 17.64 8.39 -29.35
C SER C 467 17.61 7.76 -30.76
N ALA C 468 16.56 6.97 -31.02
CA ALA C 468 16.35 6.35 -32.31
C ALA C 468 16.28 7.34 -33.47
N ILE C 469 15.48 8.39 -33.30
CA ILE C 469 15.36 9.39 -34.37
C ILE C 469 16.74 9.95 -34.68
N ILE C 470 17.47 10.31 -33.63
CA ILE C 470 18.81 10.89 -33.81
C ILE C 470 19.72 9.96 -34.62
N THR C 471 20.06 8.82 -34.04
CA THR C 471 20.80 7.79 -34.76
C THR C 471 20.27 7.57 -36.20
N LYS C 472 18.95 7.53 -36.38
CA LYS C 472 18.41 7.30 -37.72
C LYS C 472 18.75 8.44 -38.71
N PHE C 473 18.77 9.68 -38.21
CA PHE C 473 19.19 10.89 -38.94
C PHE C 473 20.68 10.84 -39.35
N SER C 474 21.53 10.46 -38.39
CA SER C 474 22.97 10.28 -38.58
C SER C 474 23.26 9.29 -39.70
N THR C 475 22.64 8.12 -39.59
CA THR C 475 22.92 7.02 -40.50
C THR C 475 22.55 7.32 -41.97
N ASP C 476 21.45 8.04 -42.20
CA ASP C 476 21.06 8.42 -43.57
C ASP C 476 20.45 9.82 -43.64
N PRO C 477 21.31 10.86 -43.74
CA PRO C 477 20.94 12.28 -43.79
C PRO C 477 20.23 12.68 -45.07
N THR C 478 20.28 11.83 -46.09
CA THR C 478 19.65 12.18 -47.36
C THR C 478 18.27 11.51 -47.52
N ALA C 479 17.91 10.68 -46.56
CA ALA C 479 16.61 10.02 -46.59
C ALA C 479 15.51 11.06 -46.73
N ARG C 480 14.40 10.67 -47.34
CA ARG C 480 13.23 11.54 -47.34
C ARG C 480 12.52 11.37 -46.02
N LEU C 481 11.69 12.35 -45.66
CA LEU C 481 10.91 12.24 -44.44
C LEU C 481 9.76 11.25 -44.63
N LEU C 482 10.15 10.00 -44.89
CA LEU C 482 9.26 8.84 -44.90
C LEU C 482 9.86 7.84 -43.91
N ASP C 483 10.37 8.39 -42.81
CA ASP C 483 10.99 7.59 -41.75
C ASP C 483 9.98 6.74 -40.99
N ILE C 484 10.49 5.67 -40.40
CA ILE C 484 9.68 4.61 -39.82
C ILE C 484 9.51 4.84 -38.32
N THR C 485 10.58 4.61 -37.56
CA THR C 485 10.76 5.30 -36.27
C THR C 485 9.92 4.92 -35.02
N PHE C 486 8.60 5.10 -35.10
CA PHE C 486 7.75 5.01 -33.91
C PHE C 486 7.47 3.60 -33.40
N TRP D 18 43.76 -12.70 39.27
CA TRP D 18 43.61 -11.24 39.16
C TRP D 18 44.72 -10.63 38.30
N GLU D 19 45.65 -11.47 37.89
CA GLU D 19 46.63 -11.09 36.88
C GLU D 19 45.90 -10.82 35.58
N PRO D 20 46.47 -9.98 34.71
CA PRO D 20 45.87 -9.75 33.39
C PRO D 20 45.90 -11.01 32.51
N PHE D 21 44.90 -11.12 31.62
CA PHE D 21 44.73 -12.27 30.74
C PHE D 21 44.36 -13.55 31.48
N SER D 22 44.27 -13.49 32.80
CA SER D 22 43.92 -14.69 33.55
C SER D 22 42.52 -15.19 33.18
N LEU D 23 41.70 -14.30 32.61
CA LEU D 23 40.34 -14.65 32.23
C LEU D 23 40.10 -14.68 30.71
N SER D 24 41.13 -14.36 29.94
CA SER D 24 41.05 -14.46 28.47
C SER D 24 40.78 -15.88 27.98
N PRO D 25 39.75 -16.03 27.11
CA PRO D 25 39.33 -17.29 26.49
C PRO D 25 40.09 -17.57 25.19
N ILE D 26 41.11 -16.77 24.94
CA ILE D 26 42.02 -16.99 23.83
C ILE D 26 43.45 -16.95 24.36
N LYS D 27 44.39 -17.39 23.53
CA LYS D 27 45.70 -17.81 24.01
C LYS D 27 46.82 -16.87 23.57
N ASP D 28 46.68 -16.33 22.37
CA ASP D 28 47.53 -15.24 21.94
C ASP D 28 46.65 -14.00 21.84
N PRO D 29 46.65 -13.18 22.90
CA PRO D 29 45.90 -11.93 22.96
C PRO D 29 46.65 -10.82 22.23
N GLN D 30 47.97 -10.77 22.43
CA GLN D 30 48.80 -9.72 21.86
C GLN D 30 48.94 -9.80 20.33
N ALA D 31 48.14 -10.67 19.71
CA ALA D 31 48.21 -10.90 18.26
C ALA D 31 46.88 -10.62 17.57
N LEU D 32 45.80 -10.75 18.35
CA LEU D 32 44.50 -10.26 17.95
C LEU D 32 44.64 -8.75 17.92
N HIS D 33 45.31 -8.23 18.95
CA HIS D 33 45.64 -6.82 19.01
C HIS D 33 46.39 -6.34 17.76
N ALA D 34 47.46 -7.05 17.43
CA ALA D 34 48.32 -6.60 16.35
C ALA D 34 47.58 -6.75 15.04
N ALA D 35 46.56 -7.60 15.01
CA ALA D 35 45.79 -7.81 13.80
C ALA D 35 44.91 -6.58 13.56
N LEU D 36 44.25 -6.15 14.63
CA LEU D 36 43.36 -4.99 14.61
C LEU D 36 44.12 -3.75 14.17
N CYS D 37 45.36 -3.61 14.63
CA CYS D 37 46.20 -2.44 14.31
C CYS D 37 46.59 -2.33 12.83
N SER D 38 46.74 -3.49 12.19
CA SER D 38 47.12 -3.54 10.78
C SER D 38 45.92 -3.35 9.86
N LYS D 39 44.76 -3.81 10.32
CA LYS D 39 43.51 -3.55 9.61
C LYS D 39 43.11 -2.08 9.84
N ASN D 40 43.91 -1.39 10.66
CA ASN D 40 43.62 -0.02 11.09
C ASN D 40 42.30 0.10 11.81
N VAL D 41 41.98 -0.93 12.59
CA VAL D 41 40.76 -0.91 13.39
C VAL D 41 40.93 -0.12 14.69
N ILE D 42 42.12 -0.15 15.28
CA ILE D 42 42.47 0.67 16.46
C ILE D 42 43.80 1.39 16.25
N PRO D 43 44.10 2.38 17.12
CA PRO D 43 45.37 3.09 16.93
C PRO D 43 46.56 2.12 16.95
N VAL D 44 47.41 2.20 15.92
CA VAL D 44 48.59 1.35 15.81
C VAL D 44 49.58 1.50 16.98
N THR D 45 49.62 2.68 17.58
CA THR D 45 50.55 2.96 18.67
C THR D 45 49.94 2.59 20.02
N SER D 46 48.84 1.84 19.98
CA SER D 46 48.17 1.42 21.21
C SER D 46 48.78 0.14 21.77
N THR D 47 48.62 -0.07 23.07
CA THR D 47 49.11 -1.27 23.72
C THR D 47 47.94 -2.05 24.34
N LEU D 48 48.02 -3.37 24.31
CA LEU D 48 46.95 -4.21 24.86
C LEU D 48 47.23 -4.61 26.29
N GLU D 49 46.46 -4.07 27.23
CA GLU D 49 46.78 -4.24 28.63
C GLU D 49 46.03 -5.40 29.30
N ASP D 50 44.78 -5.61 28.91
CA ASP D 50 44.02 -6.74 29.42
C ASP D 50 43.09 -7.26 28.34
N LEU D 51 42.52 -8.43 28.59
CA LEU D 51 41.58 -9.01 27.64
C LEU D 51 40.67 -10.00 28.36
N LEU D 52 39.37 -9.72 28.33
CA LEU D 52 38.41 -10.44 29.15
C LEU D 52 37.17 -10.82 28.36
N PRO D 53 36.36 -11.75 28.90
CA PRO D 53 35.09 -12.04 28.25
C PRO D 53 34.17 -10.83 28.34
N ALA D 54 33.43 -10.56 27.27
CA ALA D 54 32.36 -9.58 27.36
C ALA D 54 31.22 -10.21 28.17
N THR D 55 30.70 -9.43 29.10
CA THR D 55 29.60 -9.85 29.95
C THR D 55 28.36 -10.15 29.10
N GLN D 56 27.47 -11.00 29.60
CA GLN D 56 26.26 -11.36 28.86
C GLN D 56 25.36 -10.16 28.64
N ALA D 57 25.19 -9.37 29.69
CA ALA D 57 24.40 -8.17 29.66
C ALA D 57 25.05 -7.10 28.75
N GLN D 58 26.37 -7.06 28.70
CA GLN D 58 27.06 -6.13 27.80
C GLN D 58 26.64 -6.47 26.39
N HIS D 59 26.54 -7.76 26.13
CA HIS D 59 26.23 -8.25 24.81
C HIS D 59 24.77 -7.99 24.48
N VAL D 60 23.95 -7.99 25.53
CA VAL D 60 22.55 -7.64 25.38
C VAL D 60 22.46 -6.30 24.69
N PHE D 61 23.26 -5.34 25.13
CA PHE D 61 23.17 -3.97 24.60
C PHE D 61 23.83 -3.86 23.24
N ILE D 62 24.97 -4.50 23.11
CA ILE D 62 25.68 -4.48 21.84
C ILE D 62 24.82 -5.08 20.75
N LYS D 63 24.13 -6.15 21.09
CA LYS D 63 23.26 -6.84 20.14
C LYS D 63 22.07 -5.98 19.75
N ARG D 64 21.73 -5.04 20.63
CA ARG D 64 20.59 -4.16 20.39
C ARG D 64 20.99 -2.77 19.85
N GLY D 65 22.27 -2.65 19.48
CA GLY D 65 22.80 -1.42 18.92
C GLY D 65 22.59 -0.26 19.87
N THR D 66 22.76 -0.49 21.19
CA THR D 66 22.51 0.58 22.17
C THR D 66 23.64 1.59 22.18
N PHE D 67 23.33 2.81 21.74
CA PHE D 67 24.36 3.79 21.46
C PHE D 67 23.87 5.17 21.80
N HIS D 68 24.64 5.86 22.64
CA HIS D 68 24.29 7.21 23.06
C HIS D 68 25.29 8.25 22.58
N SER D 69 24.76 9.43 22.27
CA SER D 69 25.55 10.64 22.15
C SER D 69 25.09 11.56 23.28
N TYR D 70 25.94 11.74 24.30
CA TYR D 70 25.62 12.64 25.40
C TYR D 70 26.13 14.03 25.06
N ASN D 71 25.21 14.97 24.97
CA ASN D 71 25.50 16.26 24.37
C ASN D 71 25.48 17.37 25.41
N TRP D 72 26.55 18.16 25.43
CA TRP D 72 26.64 19.31 26.35
C TRP D 72 26.78 20.60 25.59
N THR D 73 25.78 21.45 25.77
CA THR D 73 25.76 22.74 25.12
C THR D 73 26.37 23.74 26.08
N ILE D 74 27.49 24.30 25.65
CA ILE D 74 28.31 25.18 26.49
C ILE D 74 28.29 26.62 25.96
N LYS D 75 27.82 27.54 26.79
CA LYS D 75 27.75 28.94 26.39
C LYS D 75 28.43 29.85 27.41
N GLY D 76 29.32 30.70 26.94
CA GLY D 76 30.02 31.63 27.81
C GLY D 76 31.34 32.10 27.24
N ARG D 77 31.99 33.03 27.96
CA ARG D 77 33.24 33.62 27.50
C ARG D 77 34.48 32.93 28.09
N SER D 78 34.28 32.24 29.21
CA SER D 78 35.38 31.64 29.99
C SER D 78 35.94 30.29 29.49
N LEU D 79 35.48 29.81 28.33
CA LEU D 79 35.79 28.43 27.89
C LEU D 79 37.23 28.23 27.37
N ASN D 80 37.93 27.29 27.99
CA ASN D 80 39.28 26.87 27.57
C ASN D 80 39.21 25.64 26.66
N MSE D 81 39.33 25.85 25.34
CA MSE D 81 39.17 24.77 24.37
C MSE D 81 40.25 23.72 24.50
O MSE D 81 39.96 22.53 24.44
CB MSE D 81 39.17 25.33 22.95
CG MSE D 81 38.02 26.29 22.68
SE MSE D 81 36.32 25.37 22.50
CE MSE D 81 36.64 24.66 20.69
N ASP D 82 41.49 24.16 24.66
CA ASP D 82 42.58 23.21 24.85
C ASP D 82 42.41 22.41 26.14
N ARG D 83 41.69 22.97 27.10
CA ARG D 83 41.44 22.24 28.35
C ARG D 83 40.34 21.22 28.18
N LEU D 84 39.30 21.58 27.42
CA LEU D 84 38.24 20.66 27.07
C LEU D 84 38.85 19.45 26.38
N ARG D 85 39.74 19.71 25.43
CA ARG D 85 40.39 18.64 24.70
C ARG D 85 41.23 17.79 25.63
N GLU D 86 42.02 18.44 26.49
CA GLU D 86 42.86 17.74 27.44
C GLU D 86 42.01 16.84 28.35
N THR D 87 40.87 17.37 28.81
CA THR D 87 39.98 16.66 29.73
C THR D 87 39.43 15.34 29.14
N CYS D 88 39.08 15.38 27.86
CA CYS D 88 38.65 14.18 27.16
C CYS D 88 39.71 13.11 27.26
N GLN D 89 40.96 13.49 27.09
CA GLN D 89 42.05 12.54 27.16
C GLN D 89 42.21 12.03 28.58
N SER D 90 42.14 12.94 29.54
CA SER D 90 42.35 12.60 30.95
C SER D 90 41.31 11.58 31.41
N LEU D 91 40.09 11.80 30.96
CA LEU D 91 38.97 10.95 31.34
C LEU D 91 39.22 9.53 30.87
N VAL D 92 39.70 9.39 29.64
CA VAL D 92 40.00 8.07 29.10
C VAL D 92 41.17 7.37 29.79
N ASP D 93 42.20 8.12 30.20
CA ASP D 93 43.33 7.55 30.97
C ASP D 93 42.84 7.00 32.30
N ARG D 94 41.83 7.66 32.84
CA ARG D 94 41.27 7.31 34.13
C ARG D 94 40.40 6.06 34.07
N HIS D 95 39.50 5.99 33.09
CA HIS D 95 38.54 4.88 33.00
C HIS D 95 38.83 3.89 31.87
N SER D 96 39.26 2.69 32.25
CA SER D 96 39.67 1.71 31.25
C SER D 96 38.52 1.22 30.34
N ILE D 97 37.29 1.19 30.86
CA ILE D 97 36.12 0.79 30.07
C ILE D 97 35.97 1.72 28.85
N LEU D 98 36.45 2.97 28.98
CA LEU D 98 36.42 3.91 27.85
C LEU D 98 37.58 3.67 26.90
N ARG D 99 38.46 2.76 27.29
CA ARG D 99 39.65 2.43 26.50
C ARG D 99 39.47 1.01 25.92
N THR D 100 38.24 0.51 26.04
CA THR D 100 37.88 -0.86 25.62
C THR D 100 37.32 -0.95 24.20
N SER D 101 37.85 -1.89 23.42
CA SER D 101 37.33 -2.25 22.12
C SER D 101 36.58 -3.57 22.24
N PHE D 102 35.48 -3.72 21.52
CA PHE D 102 34.72 -4.96 21.59
C PHE D 102 34.79 -5.77 20.31
N VAL D 103 35.11 -7.05 20.45
CA VAL D 103 35.25 -7.90 19.28
C VAL D 103 34.72 -9.28 19.58
N GLU D 104 34.53 -10.08 18.53
CA GLU D 104 34.22 -11.49 18.70
C GLU D 104 35.36 -12.28 18.11
N HIS D 105 35.78 -13.32 18.80
CA HIS D 105 36.95 -14.05 18.35
C HIS D 105 36.95 -15.50 18.85
N GLU D 106 37.18 -16.43 17.92
CA GLU D 106 37.16 -17.86 18.23
C GLU D 106 35.86 -18.27 18.90
N GLY D 107 34.74 -17.76 18.37
CA GLY D 107 33.43 -18.04 18.93
C GLY D 107 33.12 -17.25 20.19
N HIS D 108 34.09 -16.44 20.62
CA HIS D 108 33.99 -15.74 21.89
C HIS D 108 33.77 -14.24 21.78
N PRO D 109 32.80 -13.71 22.55
CA PRO D 109 32.58 -12.28 22.78
C PRO D 109 33.57 -11.77 23.84
N ILE D 110 34.47 -10.88 23.43
CA ILE D 110 35.54 -10.42 24.31
C ILE D 110 35.72 -8.90 24.28
N GLN D 111 36.40 -8.38 25.31
CA GLN D 111 36.68 -6.96 25.38
C GLN D 111 38.16 -6.65 25.66
N LEU D 112 38.80 -5.99 24.71
CA LEU D 112 40.20 -5.61 24.80
C LEU D 112 40.36 -4.24 25.42
N VAL D 113 41.11 -4.19 26.51
CA VAL D 113 41.48 -2.95 27.17
C VAL D 113 42.80 -2.39 26.61
N LEU D 114 42.72 -1.19 26.04
CA LEU D 114 43.90 -0.56 25.47
C LEU D 114 44.52 0.47 26.43
N ALA D 115 45.82 0.69 26.31
CA ALA D 115 46.49 1.83 26.94
C ALA D 115 47.47 2.44 25.94
N ASN D 116 48.12 3.54 26.34
CA ASN D 116 48.84 4.39 25.40
C ASN D 116 47.92 4.83 24.27
N LEU D 117 46.69 5.16 24.67
CA LEU D 117 45.65 5.55 23.73
C LEU D 117 45.53 7.07 23.68
N ASP D 118 45.86 7.63 22.52
CA ASP D 118 45.73 9.06 22.28
C ASP D 118 44.29 9.36 21.92
N VAL D 119 43.63 10.18 22.72
CA VAL D 119 42.26 10.60 22.39
C VAL D 119 42.25 11.73 21.35
N LYS D 120 41.74 11.44 20.16
CA LYS D 120 41.57 12.49 19.17
C LYS D 120 40.10 12.92 19.09
N VAL D 121 39.89 14.24 19.21
CA VAL D 121 38.56 14.85 19.15
C VAL D 121 38.18 15.07 17.69
N ARG D 122 36.91 14.94 17.37
CA ARG D 122 36.42 15.39 16.06
C ARG D 122 35.97 16.83 16.26
N GLU D 123 36.50 17.73 15.43
CA GLU D 123 36.22 19.16 15.60
C GLU D 123 35.52 19.83 14.40
N VAL D 124 34.51 20.64 14.70
CA VAL D 124 33.82 21.40 13.68
C VAL D 124 33.83 22.87 14.00
N GLN D 125 34.37 23.67 13.08
CA GLN D 125 34.24 25.13 13.09
C GLN D 125 33.07 25.49 12.19
N CYS D 126 31.94 25.87 12.78
CA CYS D 126 30.72 26.14 12.01
C CYS D 126 30.76 27.47 11.24
N TRP D 127 29.92 27.58 10.20
CA TRP D 127 29.64 28.86 9.56
C TRP D 127 28.91 29.78 10.54
N PRO D 128 29.08 31.11 10.41
CA PRO D 128 28.23 32.03 11.17
C PRO D 128 26.73 31.73 10.98
N GLY D 129 25.97 31.78 12.07
CA GLY D 129 24.54 31.51 12.03
C GLY D 129 24.11 30.04 12.10
N GLU D 130 25.06 29.14 11.80
CA GLU D 130 24.82 27.70 11.80
C GLU D 130 24.81 27.11 13.21
N ASP D 131 23.75 26.38 13.56
CA ASP D 131 23.60 25.79 14.90
C ASP D 131 24.44 24.52 15.11
N PRO D 132 25.38 24.56 16.06
CA PRO D 132 26.21 23.36 16.29
C PRO D 132 25.38 22.11 16.58
N MSE D 133 24.35 22.20 17.43
CA MSE D 133 23.52 21.02 17.71
C MSE D 133 22.95 20.42 16.43
O MSE D 133 22.97 19.20 16.28
CB MSE D 133 22.41 21.33 18.71
CG MSE D 133 21.67 20.10 19.17
SE MSE D 133 22.82 18.79 20.17
CE MSE D 133 23.09 19.82 21.73
N GLU D 134 22.48 21.27 15.50
CA GLU D 134 21.99 20.81 14.20
C GLU D 134 23.09 20.10 13.44
N VAL D 135 24.30 20.64 13.50
CA VAL D 135 25.43 19.93 12.92
C VAL D 135 25.67 18.56 13.58
N CYS D 136 25.59 18.51 14.90
CA CYS D 136 25.75 17.24 15.59
C CYS D 136 24.74 16.23 15.09
N LYS D 137 23.48 16.66 15.02
CA LYS D 137 22.35 15.81 14.64
C LYS D 137 22.58 15.27 13.24
N ALA D 138 23.13 16.12 12.37
CA ALA D 138 23.41 15.70 11.00
C ALA D 138 24.50 14.63 10.92
N LEU D 139 25.47 14.68 11.83
CA LEU D 139 26.54 13.69 11.76
C LEU D 139 26.02 12.40 12.38
N TRP D 140 25.21 12.55 13.42
CA TRP D 140 24.59 11.41 14.08
C TRP D 140 23.73 10.61 13.12
N ASP D 141 22.68 11.23 12.58
CA ASP D 141 21.79 10.56 11.64
C ASP D 141 22.47 10.21 10.31
N GLY D 142 23.49 10.98 9.94
CA GLY D 142 24.15 10.81 8.65
C GLY D 142 25.14 9.65 8.57
N LYS D 143 25.95 9.46 9.60
CA LYS D 143 26.94 8.39 9.55
C LYS D 143 27.12 7.67 10.89
N ASP D 144 27.31 8.44 11.96
CA ASP D 144 27.65 7.89 13.27
C ASP D 144 26.89 6.63 13.71
N TRP D 145 25.56 6.68 13.73
CA TRP D 145 24.84 5.48 14.15
C TRP D 145 24.45 4.50 13.01
N PRO D 146 24.18 5.00 11.79
CA PRO D 146 23.96 4.03 10.70
C PRO D 146 25.16 3.13 10.41
N THR D 147 26.38 3.59 10.66
CA THR D 147 27.56 2.80 10.35
C THR D 147 28.15 2.13 11.60
N LEU D 148 27.42 2.29 12.70
CA LEU D 148 27.80 1.70 13.97
C LEU D 148 28.04 0.19 13.85
N ASN D 149 29.26 -0.25 14.19
CA ASN D 149 29.64 -1.66 14.14
C ASN D 149 30.61 -2.03 15.28
N VAL D 150 30.09 -1.92 16.50
CA VAL D 150 30.82 -2.24 17.73
C VAL D 150 31.74 -3.46 17.69
N LEU D 151 31.27 -4.57 17.12
CA LEU D 151 32.01 -5.84 17.15
C LEU D 151 33.15 -5.91 16.12
N GLY D 152 33.17 -4.95 15.20
CA GLY D 152 34.32 -4.78 14.32
C GLY D 152 35.57 -4.42 15.13
N GLY D 153 35.35 -3.82 16.30
CA GLY D 153 36.43 -3.57 17.24
C GLY D 153 36.96 -2.15 17.31
N SER D 154 36.29 -1.22 16.63
CA SER D 154 36.70 0.18 16.76
C SER D 154 36.07 0.75 18.02
N LEU D 155 36.80 1.62 18.70
CA LEU D 155 36.36 2.14 20.00
C LEU D 155 35.02 2.84 19.90
N PRO D 156 34.05 2.40 20.73
CA PRO D 156 32.76 3.09 20.80
C PRO D 156 32.85 4.51 21.36
N VAL D 157 33.79 4.76 22.28
CA VAL D 157 33.85 6.04 23.00
C VAL D 157 34.69 7.09 22.29
N ARG D 158 34.02 8.16 21.86
CA ARG D 158 34.66 9.20 21.08
C ARG D 158 34.04 10.55 21.36
N PHE D 159 34.83 11.61 21.21
CA PHE D 159 34.38 12.95 21.56
C PHE D 159 34.27 13.82 20.33
N THR D 160 33.28 14.71 20.34
CA THR D 160 33.12 15.69 19.28
C THR D 160 32.93 17.11 19.84
N LEU D 161 33.63 18.07 19.22
CA LEU D 161 33.55 19.48 19.61
C LEU D 161 33.09 20.36 18.45
N VAL D 162 31.89 20.92 18.57
CA VAL D 162 31.31 21.78 17.51
C VAL D 162 31.14 23.24 17.96
N SER D 163 31.82 24.17 17.28
CA SER D 163 31.94 25.56 17.76
C SER D 163 31.34 26.64 16.86
N CYS D 164 30.50 27.51 17.41
CA CYS D 164 30.25 28.79 16.75
C CYS D 164 31.57 29.56 16.76
N PRO D 165 31.83 30.33 15.70
CA PRO D 165 33.14 30.96 15.44
C PRO D 165 33.85 31.57 16.67
N GLY D 166 33.11 32.26 17.54
CA GLY D 166 33.72 32.84 18.74
C GLY D 166 34.09 31.88 19.86
N ASN D 167 33.74 30.60 19.72
CA ASN D 167 33.92 29.62 20.79
C ASN D 167 33.18 29.97 22.08
N GLU D 168 32.11 30.75 21.95
CA GLU D 168 31.25 31.10 23.09
C GLU D 168 29.95 30.30 23.08
N HIS D 169 29.75 29.52 22.03
CA HIS D 169 28.62 28.60 21.94
C HIS D 169 29.22 27.36 21.32
N VAL D 170 29.31 26.31 22.12
CA VAL D 170 30.01 25.12 21.72
C VAL D 170 29.23 23.91 22.23
N VAL D 171 29.04 22.92 21.36
CA VAL D 171 28.45 21.66 21.80
C VAL D 171 29.54 20.59 21.91
N LEU D 172 29.63 19.98 23.10
CA LEU D 172 30.57 18.91 23.36
C LEU D 172 29.80 17.61 23.37
N THR D 173 30.37 16.59 22.74
CA THR D 173 29.64 15.37 22.52
C THR D 173 30.44 14.12 22.88
N ILE D 174 29.83 13.23 23.65
CA ILE D 174 30.48 11.98 24.01
C ILE D 174 29.65 10.78 23.58
N GLN D 175 30.25 9.94 22.73
CA GLN D 175 29.58 8.75 22.22
C GLN D 175 30.00 7.52 23.05
N ILE D 176 29.10 6.54 23.17
CA ILE D 176 29.36 5.40 24.05
C ILE D 176 28.33 4.28 23.93
N SER D 177 28.82 3.04 23.86
CA SER D 177 27.96 1.86 23.88
C SER D 177 27.40 1.65 25.27
N HIS D 178 26.19 1.11 25.37
CA HIS D 178 25.60 0.94 26.70
C HIS D 178 26.35 -0.15 27.45
N SER D 179 27.19 -0.87 26.73
CA SER D 179 28.05 -1.88 27.34
C SER D 179 29.16 -1.25 28.19
N GLN D 180 29.24 0.08 28.23
CA GLN D 180 30.34 0.77 28.91
C GLN D 180 29.88 1.72 29.99
N TRP D 181 28.60 1.66 30.33
CA TRP D 181 28.05 2.48 31.40
C TRP D 181 26.70 1.91 31.81
N ASP D 182 26.21 2.35 32.97
CA ASP D 182 24.86 2.00 33.40
C ASP D 182 24.33 3.15 34.21
N GLY D 183 23.12 2.99 34.74
CA GLY D 183 22.40 4.10 35.33
C GLY D 183 23.05 4.74 36.54
N VAL D 184 23.77 3.93 37.33
CA VAL D 184 24.38 4.42 38.55
C VAL D 184 25.72 5.11 38.27
N SER D 185 26.48 4.61 37.30
CA SER D 185 27.82 5.15 37.06
C SER D 185 27.96 6.26 36.00
N ILE D 186 26.96 6.41 35.12
CA ILE D 186 27.03 7.48 34.11
C ILE D 186 27.23 8.89 34.72
N PRO D 187 26.52 9.23 35.81
CA PRO D 187 26.79 10.53 36.45
C PRO D 187 28.25 10.70 36.91
N LYS D 188 28.89 9.59 37.26
CA LYS D 188 30.29 9.56 37.67
C LYS D 188 31.16 10.03 36.54
N LEU D 189 30.80 9.63 35.33
CA LEU D 189 31.56 10.00 34.15
C LEU D 189 31.51 11.50 33.93
N PHE D 190 30.34 12.09 34.13
CA PHE D 190 30.18 13.53 33.95
C PHE D 190 30.91 14.29 35.06
N SER D 191 30.60 13.93 36.30
CA SER D 191 31.23 14.54 37.47
C SER D 191 32.76 14.49 37.40
N ASP D 192 33.33 13.31 37.07
CA ASP D 192 34.76 13.26 36.82
C ASP D 192 35.19 14.22 35.72
N PHE D 193 34.44 14.26 34.63
CA PHE D 193 34.80 15.16 33.53
C PHE D 193 34.88 16.59 34.04
N ALA D 194 33.87 17.01 34.80
CA ALA D 194 33.85 18.36 35.36
C ALA D 194 35.02 18.60 36.33
N ALA D 195 35.30 17.62 37.19
CA ALA D 195 36.44 17.70 38.12
C ALA D 195 37.76 17.88 37.37
N ILE D 196 38.04 16.99 36.41
CA ILE D 196 39.23 17.14 35.58
C ILE D 196 39.34 18.52 34.93
N TYR D 197 38.24 19.01 34.33
CA TYR D 197 38.29 20.31 33.64
C TYR D 197 38.52 21.43 34.64
N ASN D 198 37.88 21.29 35.80
CA ASN D 198 38.05 22.22 36.91
C ASN D 198 39.34 21.97 37.67
N GLN D 199 40.16 21.04 37.19
CA GLN D 199 41.46 20.78 37.82
C GLN D 199 41.30 20.39 39.29
N THR D 200 40.14 19.82 39.64
CA THR D 200 39.86 19.31 40.98
C THR D 200 40.34 17.86 41.12
N PRO D 201 41.24 17.59 42.09
CA PRO D 201 41.81 16.25 42.25
C PRO D 201 40.77 15.15 42.53
N LEU D 202 40.93 14.01 41.86
CA LEU D 202 40.03 12.87 42.05
C LEU D 202 40.74 11.72 42.76
N PRO D 203 39.98 10.93 43.55
CA PRO D 203 40.56 9.77 44.25
C PRO D 203 40.74 8.56 43.31
N PRO D 204 41.62 7.63 43.70
CA PRO D 204 41.80 6.47 42.81
C PRO D 204 40.48 5.72 42.60
N THR D 205 40.29 5.13 41.43
CA THR D 205 39.04 4.45 41.10
C THR D 205 39.37 3.06 40.57
N SER D 206 38.51 2.07 40.83
CA SER D 206 38.73 0.75 40.28
C SER D 206 38.14 0.64 38.87
N ASP D 207 38.64 -0.30 38.08
CA ASP D 207 38.23 -0.43 36.68
C ASP D 207 37.11 -1.47 36.56
N PHE D 208 36.37 -1.45 35.44
CA PHE D 208 35.31 -2.42 35.22
C PHE D 208 35.82 -3.86 35.19
N ALA D 209 36.90 -4.08 34.46
CA ALA D 209 37.64 -5.31 34.57
C ALA D 209 37.70 -5.76 36.05
N HIS D 210 38.34 -5.00 36.93
CA HIS D 210 38.43 -5.36 38.36
CA HIS D 210 38.44 -5.40 38.34
C HIS D 210 37.11 -5.97 38.85
N TYR D 211 35.99 -5.46 38.33
CA TYR D 211 34.67 -5.94 38.72
C TYR D 211 34.48 -7.40 38.34
N LEU D 212 34.93 -7.76 37.14
CA LEU D 212 34.83 -9.11 36.61
C LEU D 212 35.77 -10.09 37.34
N TYR D 213 36.99 -9.65 37.60
CA TYR D 213 37.95 -10.45 38.34
C TYR D 213 37.40 -10.78 39.71
N HIS D 214 36.61 -9.86 40.26
CA HIS D 214 36.01 -10.04 41.57
C HIS D 214 34.85 -11.05 41.59
N ARG D 215 34.16 -11.22 40.47
CA ARG D 215 33.08 -12.21 40.37
C ARG D 215 33.64 -13.63 40.38
N VAL D 216 34.76 -13.79 39.67
CA VAL D 216 35.45 -15.07 39.60
C VAL D 216 36.00 -15.49 40.96
N SER D 217 36.70 -14.58 41.62
CA SER D 217 37.28 -14.84 42.93
C SER D 217 36.18 -15.22 43.93
N SER D 218 35.02 -14.58 43.80
CA SER D 218 33.89 -14.79 44.70
C SER D 218 33.22 -16.16 44.53
N ALA D 219 33.54 -16.85 43.44
CA ALA D 219 32.92 -18.14 43.12
C ALA D 219 33.84 -19.34 43.34
N ARG D 220 33.24 -20.48 43.69
CA ARG D 220 33.96 -21.74 43.86
C ARG D 220 34.11 -22.47 42.53
N GLU D 221 35.19 -23.23 42.39
CA GLU D 221 35.47 -23.93 41.15
C GLU D 221 34.50 -25.07 40.89
N ASP D 222 33.89 -25.59 41.95
CA ASP D 222 32.78 -26.54 41.80
C ASP D 222 31.44 -25.85 41.95
N VAL D 223 30.51 -26.23 41.06
CA VAL D 223 29.30 -25.46 40.83
C VAL D 223 28.12 -25.79 41.75
N GLN D 224 27.83 -27.07 41.98
CA GLN D 224 26.83 -27.42 42.97
C GLN D 224 27.35 -26.98 44.34
N GLN D 225 28.67 -27.10 44.50
CA GLN D 225 29.36 -26.53 45.65
C GLN D 225 29.02 -25.06 45.83
N ASP D 226 28.99 -24.33 44.72
CA ASP D 226 28.78 -22.87 44.76
C ASP D 226 27.42 -22.49 45.36
N PRO D 227 27.45 -21.80 46.50
CA PRO D 227 26.26 -21.40 47.25
C PRO D 227 25.34 -20.47 46.46
N THR D 228 25.91 -19.68 45.54
CA THR D 228 25.09 -18.81 44.69
C THR D 228 24.19 -19.64 43.76
N PHE D 229 24.79 -20.66 43.15
CA PHE D 229 24.07 -21.58 42.30
C PHE D 229 23.29 -22.63 43.09
N GLN D 230 23.49 -22.65 44.40
CA GLN D 230 22.67 -23.47 45.28
C GLN D 230 21.44 -22.65 45.61
N PHE D 231 21.64 -21.37 45.89
CA PHE D 231 20.53 -20.49 46.21
C PHE D 231 19.55 -20.30 45.05
N TRP D 232 20.05 -20.31 43.81
CA TRP D 232 19.15 -20.14 42.68
C TRP D 232 18.38 -21.44 42.46
N ARG D 233 19.11 -22.55 42.44
CA ARG D 233 18.50 -23.87 42.32
C ARG D 233 17.29 -24.04 43.23
N HIS D 234 17.34 -23.44 44.43
CA HIS D 234 16.21 -23.50 45.35
C HIS D 234 15.23 -22.35 45.15
N TYR D 235 15.71 -21.29 44.51
CA TYR D 235 14.85 -20.15 44.22
C TYR D 235 13.93 -20.54 43.06
N LEU D 236 14.49 -21.29 42.10
CA LEU D 236 13.84 -21.60 40.85
C LEU D 236 13.31 -23.03 40.75
N ASP D 237 13.46 -23.81 41.82
CA ASP D 237 13.00 -25.21 41.82
C ASP D 237 11.49 -25.35 41.60
N GLY D 238 11.12 -26.19 40.64
CA GLY D 238 9.72 -26.42 40.34
C GLY D 238 9.05 -25.19 39.73
N ALA D 239 9.85 -24.24 39.27
CA ALA D 239 9.32 -23.04 38.63
C ALA D 239 9.20 -23.25 37.15
N LYS D 240 8.11 -22.74 36.57
CA LYS D 240 7.91 -22.74 35.13
C LYS D 240 7.76 -21.30 34.62
N MSE D 241 8.66 -20.90 33.72
CA MSE D 241 8.65 -19.55 33.15
C MSE D 241 7.95 -19.55 31.81
O MSE D 241 8.46 -20.14 30.84
CB MSE D 241 10.08 -19.00 33.00
CG MSE D 241 10.17 -17.63 32.33
SE MSE D 241 11.90 -16.67 32.44
CE MSE D 241 12.90 -17.71 31.12
N ALA D 242 6.80 -18.89 31.73
CA ALA D 242 6.02 -18.80 30.49
C ALA D 242 6.83 -18.34 29.26
N VAL D 243 6.52 -18.93 28.11
CA VAL D 243 7.19 -18.61 26.84
C VAL D 243 6.17 -18.12 25.81
N PRO D 244 6.37 -16.88 25.27
CA PRO D 244 5.48 -16.26 24.29
C PRO D 244 5.35 -17.08 23.02
N PHE D 245 4.24 -16.95 22.31
CA PHE D 245 4.07 -17.68 21.06
C PHE D 245 4.76 -16.93 19.91
N ALA D 246 4.91 -17.58 18.76
CA ALA D 246 5.74 -17.10 17.64
C ALA D 246 6.25 -15.65 17.68
N PRO D 247 7.55 -15.46 17.38
CA PRO D 247 8.30 -14.20 17.45
C PRO D 247 7.65 -13.07 16.66
N GLY D 263 10.12 -5.38 11.72
CA GLY D 263 9.19 -4.33 12.11
C GLY D 263 9.93 -3.10 12.60
N GLN D 264 9.35 -2.42 13.58
CA GLN D 264 9.97 -1.22 14.10
C GLN D 264 9.95 -1.16 15.62
N THR D 265 11.05 -0.69 16.21
CA THR D 265 11.05 -0.42 17.63
C THR D 265 9.97 0.62 17.93
N LEU D 266 9.05 0.26 18.82
CA LEU D 266 7.99 1.15 19.22
C LEU D 266 8.16 1.50 20.69
N TRP D 267 8.19 2.79 21.00
CA TRP D 267 8.17 3.25 22.40
C TRP D 267 6.76 3.71 22.77
N THR D 268 6.25 3.25 23.92
CA THR D 268 4.89 3.62 24.33
C THR D 268 4.85 4.06 25.79
N PHE D 269 4.14 5.15 26.05
CA PHE D 269 4.18 5.82 27.34
C PHE D 269 2.83 6.06 27.99
N LYS D 270 2.80 5.93 29.31
CA LYS D 270 1.69 6.45 30.11
C LYS D 270 2.18 6.89 31.50
N GLY D 271 1.89 8.13 31.85
CA GLY D 271 2.31 8.67 33.13
C GLY D 271 1.17 8.82 34.13
N ILE D 272 1.40 8.39 35.37
CA ILE D 272 0.38 8.55 36.41
C ILE D 272 0.81 9.48 37.54
N VAL D 273 -0.14 9.75 38.44
CA VAL D 273 0.23 10.49 39.61
C VAL D 273 1.09 9.56 40.49
N PRO D 274 2.24 10.07 40.95
CA PRO D 274 3.15 9.26 41.76
C PRO D 274 2.42 8.58 42.90
N PRO D 275 2.42 7.24 42.90
CA PRO D 275 1.68 6.48 43.91
C PRO D 275 2.32 6.66 45.27
N THR D 276 1.51 6.53 46.31
CA THR D 276 1.96 6.55 47.69
C THR D 276 2.52 5.18 48.07
N LEU D 277 3.68 5.17 48.73
CA LEU D 277 4.33 3.92 49.12
C LEU D 277 4.14 3.61 50.61
N PRO D 278 3.45 2.50 50.90
CA PRO D 278 3.35 1.98 52.27
C PRO D 278 4.73 1.77 52.86
N SER D 279 4.83 1.85 54.17
CA SER D 279 6.11 1.72 54.86
C SER D 279 6.76 0.38 54.59
N GLY D 280 7.99 0.43 54.09
CA GLY D 280 8.75 -0.78 53.82
C GLY D 280 8.84 -1.06 52.33
N ILE D 281 7.99 -0.40 51.54
CA ILE D 281 7.86 -0.72 50.13
C ILE D 281 8.54 0.26 49.18
N THR D 282 9.34 -0.29 48.28
CA THR D 282 9.98 0.47 47.21
C THR D 282 9.05 0.64 46.01
N MSE D 283 9.19 1.75 45.29
CA MSE D 283 8.46 1.93 44.04
C MSE D 283 8.71 0.74 43.12
O MSE D 283 7.82 0.30 42.37
CB MSE D 283 8.92 3.22 43.35
CG MSE D 283 8.07 3.62 42.14
SE MSE D 283 6.30 4.14 42.70
CE MSE D 283 6.74 5.85 43.54
N ALA D 284 9.94 0.22 43.16
CA ALA D 284 10.34 -0.88 42.30
C ALA D 284 9.51 -2.10 42.65
N THR D 285 9.20 -2.26 43.93
CA THR D 285 8.35 -3.37 44.36
C THR D 285 6.92 -3.21 43.85
N LEU D 286 6.39 -2.00 43.96
CA LEU D 286 5.04 -1.72 43.49
C LEU D 286 4.86 -2.07 42.01
N VAL D 287 5.89 -1.79 41.21
CA VAL D 287 5.87 -2.05 39.77
C VAL D 287 6.05 -3.53 39.46
N LYS D 288 6.97 -4.16 40.17
CA LYS D 288 7.22 -5.58 39.96
C LYS D 288 6.02 -6.44 40.35
N ALA D 289 5.35 -6.05 41.42
CA ALA D 289 4.15 -6.75 41.88
C ALA D 289 2.96 -6.52 40.94
N ALA D 290 2.78 -5.28 40.47
CA ALA D 290 1.76 -4.96 39.47
C ALA D 290 1.93 -5.80 38.20
N THR D 291 3.17 -6.00 37.76
CA THR D 291 3.43 -6.86 36.60
C THR D 291 3.08 -8.33 36.90
N ALA D 292 3.37 -8.77 38.12
CA ALA D 292 3.13 -10.17 38.48
C ALA D 292 1.64 -10.44 38.57
N LEU D 293 0.88 -9.51 39.11
CA LEU D 293 -0.57 -9.68 39.13
C LEU D 293 -1.06 -9.71 37.70
N PHE D 294 -0.52 -8.83 36.88
CA PHE D 294 -0.94 -8.76 35.48
C PHE D 294 -0.70 -10.10 34.79
N LEU D 295 0.50 -10.64 34.94
CA LEU D 295 0.86 -11.91 34.30
C LEU D 295 0.16 -13.09 34.93
N SER D 296 -0.31 -12.93 36.17
CA SER D 296 -1.02 -14.02 36.84
C SER D 296 -2.45 -14.16 36.29
N TYR D 297 -3.08 -13.04 35.96
CA TYR D 297 -4.38 -13.04 35.28
C TYR D 297 -4.25 -13.66 33.89
N HIS D 298 -3.32 -13.11 33.11
CA HIS D 298 -3.16 -13.54 31.72
C HIS D 298 -2.62 -14.96 31.53
N LEU D 299 -1.68 -15.39 32.37
CA LEU D 299 -1.20 -16.77 32.28
C LEU D 299 -2.05 -17.76 33.09
N GLY D 300 -2.95 -17.26 33.92
CA GLY D 300 -3.72 -18.12 34.79
C GLY D 300 -2.74 -18.93 35.64
N SER D 301 -1.76 -18.24 36.20
CA SER D 301 -0.68 -18.83 36.98
C SER D 301 -0.71 -18.25 38.38
N ARG D 302 -0.24 -19.04 39.34
CA ARG D 302 0.02 -18.52 40.67
C ARG D 302 1.52 -18.44 40.81
N ASP D 303 2.21 -19.00 39.81
CA ASP D 303 3.66 -19.11 39.84
C ASP D 303 4.31 -18.51 38.59
N VAL D 304 4.63 -17.22 38.68
CA VAL D 304 5.18 -16.47 37.54
C VAL D 304 6.68 -16.10 37.63
N VAL D 305 7.43 -16.48 36.61
CA VAL D 305 8.80 -16.00 36.44
C VAL D 305 8.82 -15.01 35.28
N PHE D 306 9.54 -13.91 35.47
CA PHE D 306 9.81 -12.98 34.38
C PHE D 306 11.11 -12.24 34.68
N GLY D 307 11.66 -11.55 33.68
CA GLY D 307 12.93 -10.89 33.84
C GLY D 307 12.83 -9.54 34.52
N HIS D 308 13.91 -9.10 35.15
CA HIS D 308 13.98 -7.78 35.75
C HIS D 308 15.43 -7.37 35.97
N THR D 309 15.67 -6.07 35.98
CA THR D 309 17.01 -5.53 35.99
C THR D 309 17.51 -5.22 37.38
N VAL D 310 18.66 -5.80 37.71
CA VAL D 310 19.31 -5.48 38.97
C VAL D 310 20.56 -4.61 38.71
N ASN D 311 20.94 -3.75 39.67
CA ASN D 311 22.15 -2.91 39.48
C ASN D 311 23.46 -3.69 39.56
N GLY D 312 23.39 -4.91 40.10
CA GLY D 312 24.54 -5.81 40.14
C GLY D 312 25.73 -5.23 40.88
N ARG D 313 25.45 -4.29 41.79
CA ARG D 313 26.52 -3.64 42.54
C ARG D 313 26.45 -3.93 44.04
N ASN D 314 26.14 -5.17 44.40
CA ASN D 314 26.10 -5.54 45.81
C ASN D 314 27.28 -6.40 46.22
N LEU D 315 28.10 -6.77 45.25
CA LEU D 315 29.41 -7.31 45.53
C LEU D 315 30.15 -6.35 46.46
N PRO D 316 30.95 -6.90 47.39
CA PRO D 316 31.78 -5.99 48.15
C PRO D 316 33.20 -5.92 47.60
N MSE D 317 33.46 -4.89 46.80
CA MSE D 317 34.84 -4.48 46.55
C MSE D 317 34.88 -3.01 46.92
O MSE D 317 33.85 -2.45 47.31
CB MSE D 317 35.24 -4.74 45.10
CG MSE D 317 34.56 -3.87 44.06
SE MSE D 317 34.75 -4.62 42.25
CE MSE D 317 33.36 -5.99 42.36
N ASP D 318 36.05 -2.39 46.86
CA ASP D 318 36.10 -0.96 47.08
C ASP D 318 35.58 -0.30 45.81
N ASN D 319 34.92 0.85 45.95
CA ASN D 319 34.47 1.59 44.77
C ASN D 319 33.37 0.90 43.96
N ILE D 320 32.87 -0.23 44.45
CA ILE D 320 31.80 -0.95 43.76
C ILE D 320 30.74 0.08 43.33
N GLU D 321 30.37 0.94 44.26
CA GLU D 321 29.33 1.92 44.05
C GLU D 321 29.67 2.98 42.99
N SER D 322 30.96 3.18 42.72
CA SER D 322 31.37 4.33 41.93
C SER D 322 32.12 4.03 40.62
N LEU D 323 32.43 2.77 40.36
CA LEU D 323 33.24 2.42 39.19
C LEU D 323 32.46 2.47 37.86
N LEU D 324 33.12 2.87 36.80
CA LEU D 324 32.41 3.09 35.55
C LEU D 324 32.31 1.83 34.70
N GLY D 325 31.09 1.47 34.34
CA GLY D 325 30.86 0.36 33.44
C GLY D 325 29.41 -0.05 33.49
N CYS D 326 29.14 -1.18 32.87
CA CYS D 326 27.81 -1.75 32.85
C CYS D 326 27.83 -3.01 33.71
N THR D 327 27.31 -2.89 34.92
CA THR D 327 27.19 -4.01 35.85
C THR D 327 25.72 -4.31 36.08
N LEU D 328 24.90 -3.90 35.12
CA LEU D 328 23.47 -4.21 35.14
C LEU D 328 23.35 -5.70 34.98
N ASN D 329 22.37 -6.31 35.64
CA ASN D 329 22.11 -7.71 35.27
C ASN D 329 20.62 -7.93 35.05
N PHE D 330 20.31 -8.83 34.13
CA PHE D 330 18.94 -9.22 33.89
C PHE D 330 18.75 -10.65 34.45
N VAL D 331 17.90 -10.78 35.47
CA VAL D 331 17.75 -12.05 36.18
C VAL D 331 16.29 -12.41 36.45
N PRO D 332 16.03 -13.71 36.72
CA PRO D 332 14.65 -14.15 36.94
C PRO D 332 14.12 -13.53 38.21
N LEU D 333 12.85 -13.15 38.21
CA LEU D 333 12.18 -12.74 39.44
C LEU D 333 10.95 -13.62 39.52
N ARG D 334 10.77 -14.26 40.67
CA ARG D 334 9.69 -15.24 40.85
C ARG D 334 8.68 -14.76 41.88
N VAL D 335 7.41 -14.75 41.49
CA VAL D 335 6.38 -14.35 42.41
C VAL D 335 5.37 -15.48 42.54
N THR D 336 5.09 -15.87 43.78
CA THR D 336 4.21 -17.01 44.02
C THR D 336 2.97 -16.58 44.79
N PHE D 337 1.81 -16.87 44.20
CA PHE D 337 0.53 -16.60 44.87
C PHE D 337 0.05 -17.86 45.58
N PRO D 338 -0.66 -17.69 46.69
CA PRO D 338 -1.24 -18.82 47.42
C PRO D 338 -2.61 -19.18 46.84
N GLU D 339 -3.26 -20.18 47.42
CA GLU D 339 -4.68 -20.43 47.16
C GLU D 339 -5.39 -19.23 47.75
N ASP D 340 -6.62 -18.96 47.33
CA ASP D 340 -7.29 -17.77 47.85
C ASP D 340 -8.10 -18.09 49.09
N SER D 341 -7.90 -19.31 49.58
CA SER D 341 -8.34 -19.71 50.90
C SER D 341 -7.45 -18.98 51.90
N THR D 342 -6.26 -18.59 51.43
CA THR D 342 -5.33 -17.76 52.20
C THR D 342 -5.80 -16.30 52.22
N ASP D 343 -6.36 -15.83 51.10
CA ASP D 343 -6.91 -14.47 50.99
C ASP D 343 -5.87 -13.36 51.17
N TRP D 344 -4.92 -13.30 50.25
CA TRP D 344 -3.87 -12.29 50.31
C TRP D 344 -4.43 -10.90 50.15
N THR D 345 -3.94 -10.01 50.99
CA THR D 345 -4.13 -8.59 50.75
C THR D 345 -3.15 -8.20 49.66
N VAL D 346 -3.29 -6.98 49.16
CA VAL D 346 -2.32 -6.47 48.21
C VAL D 346 -0.97 -6.41 48.91
N MSE D 347 -0.98 -5.96 50.15
CA MSE D 347 0.22 -5.82 50.96
C MSE D 347 0.99 -7.13 51.08
O MSE D 347 2.23 -7.15 51.00
CB MSE D 347 -0.16 -5.30 52.35
CG MSE D 347 1.03 -4.95 53.23
SE MSE D 347 1.78 -3.19 52.86
CE MSE D 347 0.25 -2.08 53.35
N ASP D 348 0.28 -8.23 51.27
CA ASP D 348 0.94 -9.52 51.41
C ASP D 348 1.78 -9.80 50.17
N LEU D 349 1.25 -9.39 49.02
CA LEU D 349 1.96 -9.54 47.76
C LEU D 349 3.17 -8.59 47.72
N LEU D 350 2.93 -7.32 47.96
CA LEU D 350 4.01 -6.36 47.97
C LEU D 350 5.19 -6.91 48.78
N HIS D 351 4.91 -7.36 50.00
CA HIS D 351 5.96 -7.87 50.86
C HIS D 351 6.61 -9.09 50.28
N HIS D 352 5.82 -9.96 49.67
CA HIS D 352 6.36 -11.14 49.03
C HIS D 352 7.24 -10.77 47.83
N THR D 353 6.79 -9.83 47.02
CA THR D 353 7.55 -9.41 45.86
C THR D 353 8.91 -8.91 46.32
N GLN D 354 8.89 -7.91 47.20
CA GLN D 354 10.12 -7.31 47.66
C GLN D 354 11.08 -8.37 48.14
N THR D 355 10.55 -9.34 48.87
CA THR D 355 11.36 -10.39 49.45
C THR D 355 11.93 -11.31 48.39
N GLN D 356 11.18 -11.50 47.30
CA GLN D 356 11.65 -12.33 46.19
C GLN D 356 12.76 -11.63 45.41
N TYR D 357 13.00 -10.36 45.77
CA TYR D 357 14.11 -9.60 45.22
C TYR D 357 15.29 -9.65 46.20
N THR D 358 15.10 -9.05 47.39
CA THR D 358 16.11 -9.02 48.45
C THR D 358 16.82 -10.37 48.71
N ARG D 359 16.14 -11.48 48.44
CA ARG D 359 16.75 -12.80 48.65
C ARG D 359 17.96 -13.01 47.75
N ALA D 360 17.95 -12.39 46.56
CA ALA D 360 18.93 -12.73 45.52
C ALA D 360 20.10 -11.75 45.45
N LEU D 361 20.10 -10.75 46.31
CA LEU D 361 21.14 -9.71 46.31
C LEU D 361 22.57 -10.23 46.17
N SER D 362 22.94 -11.15 47.05
CA SER D 362 24.30 -11.68 47.07
C SER D 362 24.55 -12.65 45.90
N HIS D 363 23.49 -13.04 45.21
CA HIS D 363 23.63 -13.96 44.08
C HIS D 363 23.24 -13.35 42.73
N GLU D 364 22.78 -12.10 42.75
CA GLU D 364 22.23 -11.46 41.55
C GLU D 364 23.24 -11.08 40.45
N HIS D 365 24.53 -11.28 40.72
CA HIS D 365 25.59 -10.74 39.87
C HIS D 365 26.17 -11.73 38.86
N VAL D 366 25.67 -12.96 38.86
CA VAL D 366 26.21 -13.99 37.96
C VAL D 366 25.54 -14.01 36.59
N GLU D 367 26.26 -14.51 35.59
CA GLU D 367 25.71 -14.68 34.24
C GLU D 367 24.40 -15.48 34.24
N LEU D 368 23.45 -15.05 33.41
CA LEU D 368 22.12 -15.65 33.37
C LEU D 368 22.15 -17.04 32.79
N ARG D 369 22.94 -17.20 31.74
CA ARG D 369 23.17 -18.50 31.14
C ARG D 369 23.89 -19.45 32.11
N ASP D 370 24.52 -18.91 33.15
CA ASP D 370 25.13 -19.74 34.19
C ASP D 370 24.04 -20.21 35.14
N ILE D 371 23.18 -19.28 35.55
CA ILE D 371 22.03 -19.60 36.38
C ILE D 371 21.19 -20.71 35.76
N PHE D 372 21.00 -20.63 34.45
CA PHE D 372 20.21 -21.63 33.74
C PHE D 372 20.92 -22.94 33.61
N GLN D 373 22.21 -22.89 33.32
CA GLN D 373 23.01 -24.10 33.16
C GLN D 373 23.10 -24.87 34.47
N HIS D 374 23.28 -24.13 35.56
CA HIS D 374 23.70 -24.69 36.83
C HIS D 374 22.60 -24.85 37.86
N SER D 375 21.49 -24.13 37.70
CA SER D 375 20.43 -24.22 38.70
C SER D 375 19.06 -24.66 38.17
N THR D 376 18.99 -25.02 36.89
CA THR D 376 17.69 -25.34 36.27
C THR D 376 17.79 -26.39 35.18
N ASN D 377 16.65 -27.01 34.86
CA ASN D 377 16.53 -27.81 33.66
C ASN D 377 16.76 -26.95 32.43
N TRP D 378 16.17 -25.77 32.49
CA TRP D 378 16.09 -24.83 31.38
C TRP D 378 17.34 -24.82 30.51
N PRO D 379 17.13 -24.74 29.18
CA PRO D 379 18.19 -24.42 28.23
C PRO D 379 18.95 -23.19 28.72
N ALA D 380 20.25 -23.18 28.55
CA ALA D 380 21.05 -22.11 29.14
C ALA D 380 20.97 -20.82 28.33
N GLU D 381 20.66 -20.94 27.04
CA GLU D 381 20.47 -19.78 26.17
C GLU D 381 19.02 -19.31 26.14
N THR D 382 18.27 -19.68 27.16
CA THR D 382 16.89 -19.25 27.30
C THR D 382 16.80 -17.75 27.49
N PRO D 383 16.12 -17.06 26.55
CA PRO D 383 15.99 -15.59 26.64
C PRO D 383 14.98 -15.17 27.71
N LEU D 384 15.25 -14.08 28.44
CA LEU D 384 14.16 -13.43 29.14
C LEU D 384 13.24 -12.89 28.04
N SER D 385 11.94 -12.94 28.24
CA SER D 385 11.03 -12.52 27.18
C SER D 385 10.28 -11.25 27.56
N LEU D 386 10.20 -11.01 28.86
CA LEU D 386 9.72 -9.78 29.43
C LEU D 386 10.78 -9.31 30.42
N ILE D 387 11.11 -8.02 30.41
CA ILE D 387 12.06 -7.45 31.36
C ILE D 387 11.54 -6.16 32.02
N VAL D 388 11.35 -6.18 33.33
CA VAL D 388 10.89 -4.99 34.06
C VAL D 388 12.07 -4.24 34.68
N GLN D 389 12.31 -3.00 34.25
CA GLN D 389 13.42 -2.20 34.76
C GLN D 389 12.94 -0.89 35.41
N HIS D 390 13.10 -0.78 36.73
CA HIS D 390 12.74 0.43 37.46
C HIS D 390 13.92 1.38 37.61
N GLN D 391 13.80 2.54 36.98
CA GLN D 391 14.89 3.48 36.96
C GLN D 391 15.04 4.29 38.25
N ASN D 392 15.50 3.61 39.31
CA ASN D 392 15.85 4.30 40.56
C ASN D 392 17.27 4.86 40.50
N ILE D 393 17.48 5.74 39.53
CA ILE D 393 18.79 6.29 39.21
C ILE D 393 18.61 7.76 38.94
N ASP D 394 19.72 8.46 38.69
CA ASP D 394 19.65 9.86 38.26
C ASP D 394 18.89 10.02 36.95
N LEU D 395 17.91 10.92 36.94
CA LEU D 395 17.12 11.15 35.74
C LEU D 395 17.44 12.51 35.10
N SER D 396 18.07 13.40 35.87
CA SER D 396 18.59 14.67 35.35
C SER D 396 20.12 14.69 35.47
N PHE D 397 20.79 15.48 34.62
CA PHE D 397 22.24 15.42 34.54
C PHE D 397 22.94 16.77 34.55
N SER D 398 24.16 16.80 35.10
CA SER D 398 24.87 18.03 35.33
C SER D 398 26.34 17.94 34.88
N LEU D 399 26.82 19.01 34.25
CA LEU D 399 28.24 19.17 33.96
C LEU D 399 28.69 20.60 34.40
N PRO D 400 29.05 20.75 35.68
CA PRO D 400 29.37 22.10 36.16
C PRO D 400 30.79 22.56 35.85
N LEU D 401 31.10 22.76 34.56
CA LEU D 401 32.36 23.34 34.16
C LEU D 401 32.44 24.79 34.67
N ARG D 402 33.63 25.24 35.07
CA ARG D 402 33.75 26.58 35.64
C ARG D 402 34.50 27.58 34.78
N GLY D 403 34.23 28.86 35.02
CA GLY D 403 34.97 29.94 34.40
C GLY D 403 36.01 30.53 35.33
N SER D 415 31.75 32.89 33.75
CA SER D 415 30.77 31.89 34.13
C SER D 415 30.23 31.16 32.90
N LEU D 416 29.87 29.89 33.05
CA LEU D 416 29.38 29.07 31.93
C LEU D 416 27.98 28.50 32.09
N ASP D 417 27.20 28.56 31.01
CA ASP D 417 25.93 27.85 30.90
C ASP D 417 26.14 26.53 30.17
N VAL D 418 25.71 25.45 30.79
CA VAL D 418 26.02 24.11 30.32
C VAL D 418 24.76 23.27 30.37
N GLN D 419 24.27 22.89 29.19
CA GLN D 419 22.99 22.21 29.07
C GLN D 419 23.16 20.83 28.51
N TYR D 420 22.45 19.88 29.13
CA TYR D 420 22.48 18.48 28.73
C TYR D 420 21.38 18.17 27.71
N SER D 421 21.68 17.25 26.79
CA SER D 421 20.69 16.66 25.90
C SER D 421 21.33 15.39 25.36
N LYS D 422 20.56 14.54 24.69
CA LYS D 422 21.15 13.30 24.17
C LYS D 422 20.56 12.76 22.87
N PHE D 423 21.36 11.97 22.17
CA PHE D 423 20.87 11.16 21.07
C PHE D 423 20.98 9.71 21.56
N ALA D 424 19.99 8.87 21.23
CA ALA D 424 20.06 7.47 21.63
C ALA D 424 19.43 6.52 20.61
N ARG D 425 20.12 5.40 20.38
CA ARG D 425 19.56 4.23 19.68
C ARG D 425 19.34 3.09 20.69
N PHE D 426 18.32 2.29 20.40
CA PHE D 426 18.09 1.05 21.13
C PHE D 426 17.06 0.22 20.38
N ASP D 427 17.41 -1.00 19.95
CA ASP D 427 16.48 -1.85 19.19
C ASP D 427 16.38 -3.23 19.78
N PRO D 428 15.38 -3.43 20.65
CA PRO D 428 15.15 -4.74 21.27
C PRO D 428 14.95 -5.83 20.23
N LEU D 429 15.09 -7.07 20.67
CA LEU D 429 14.78 -8.21 19.83
C LEU D 429 13.37 -8.66 20.16
N ASP D 430 13.22 -9.91 20.54
CA ASP D 430 11.91 -10.49 20.74
C ASP D 430 11.32 -10.12 22.11
N GLU D 431 12.11 -9.46 22.94
CA GLU D 431 11.66 -9.21 24.32
C GLU D 431 10.81 -7.96 24.39
N VAL D 432 10.08 -7.84 25.50
CA VAL D 432 9.36 -6.62 25.84
C VAL D 432 10.01 -6.03 27.07
N TRP D 433 10.41 -4.76 26.99
CA TRP D 433 10.92 -4.03 28.16
C TRP D 433 9.86 -3.12 28.73
N ILE D 434 9.68 -3.18 30.04
CA ILE D 434 8.86 -2.19 30.70
C ILE D 434 9.79 -1.36 31.57
N PHE D 435 9.88 -0.06 31.29
CA PHE D 435 10.68 0.87 32.07
C PHE D 435 9.76 1.74 32.92
N THR D 436 10.19 2.11 34.13
CA THR D 436 9.46 3.08 34.94
C THR D 436 10.36 4.20 35.46
N GLU D 437 9.91 5.44 35.24
CA GLU D 437 10.67 6.61 35.66
C GLU D 437 9.90 7.41 36.70
N PRO D 438 10.39 7.36 37.95
CA PRO D 438 9.79 8.04 39.10
C PRO D 438 10.24 9.49 39.19
N HIS D 439 9.64 10.35 38.36
CA HIS D 439 9.90 11.77 38.44
C HIS D 439 9.07 12.37 39.58
N ALA D 440 9.23 13.68 39.77
CA ALA D 440 8.57 14.39 40.85
C ALA D 440 7.05 14.46 40.63
N ASP D 441 6.66 14.65 39.37
CA ASP D 441 5.28 14.92 39.02
C ASP D 441 4.55 13.73 38.43
N ARG D 442 5.27 12.64 38.19
CA ARG D 442 4.64 11.47 37.58
C ARG D 442 5.50 10.22 37.68
N LEU D 443 4.83 9.11 37.91
CA LEU D 443 5.43 7.83 37.59
C LEU D 443 5.15 7.61 36.09
N GLU D 444 6.20 7.38 35.33
CA GLU D 444 6.03 7.18 33.90
C GLU D 444 6.34 5.75 33.51
N VAL D 445 5.32 5.02 33.07
CA VAL D 445 5.45 3.66 32.54
C VAL D 445 5.78 3.73 31.03
N GLN D 446 6.78 2.97 30.60
CA GLN D 446 7.25 3.03 29.22
C GLN D 446 7.51 1.60 28.74
N VAL D 447 6.90 1.25 27.62
CA VAL D 447 7.05 -0.06 27.03
C VAL D 447 7.90 0.08 25.77
N CYS D 448 8.86 -0.81 25.61
CA CYS D 448 9.64 -0.77 24.38
C CYS D 448 9.79 -2.17 23.81
N ALA D 449 9.26 -2.37 22.60
CA ALA D 449 9.34 -3.67 21.93
C ALA D 449 9.20 -3.49 20.44
N ASN D 450 9.76 -4.42 19.66
CA ASN D 450 9.52 -4.40 18.20
C ASN D 450 8.01 -4.54 17.93
N SER D 451 7.55 -3.89 16.87
CA SER D 451 6.12 -3.86 16.59
C SER D 451 5.56 -5.24 16.19
N ARG D 452 6.41 -6.13 15.68
CA ARG D 452 5.98 -7.47 15.33
C ARG D 452 5.76 -8.34 16.58
N VAL D 453 6.49 -8.03 17.65
CA VAL D 453 6.32 -8.68 18.94
C VAL D 453 5.10 -8.13 19.69
N LEU D 454 4.95 -6.82 19.67
CA LEU D 454 3.84 -6.16 20.35
C LEU D 454 3.40 -4.94 19.54
N GLY D 455 2.17 -4.95 19.05
CA GLY D 455 1.68 -3.88 18.20
C GLY D 455 1.18 -2.71 19.03
N GLN D 456 1.17 -1.53 18.40
CA GLN D 456 0.79 -0.28 19.08
C GLN D 456 -0.45 -0.38 19.96
N GLU D 457 -1.51 -0.99 19.44
CA GLU D 457 -2.73 -1.11 20.20
C GLU D 457 -2.46 -1.89 21.49
N GLN D 458 -1.68 -2.95 21.38
CA GLN D 458 -1.37 -3.81 22.51
C GLN D 458 -0.47 -3.09 23.51
N ALA D 459 0.62 -2.54 23.00
CA ALA D 459 1.59 -1.81 23.81
C ALA D 459 0.92 -0.74 24.67
N THR D 460 0.02 0.01 24.04
CA THR D 460 -0.79 1.04 24.69
C THR D 460 -1.66 0.48 25.81
N GLU D 461 -2.21 -0.73 25.60
CA GLU D 461 -3.02 -1.43 26.61
C GLU D 461 -2.15 -1.92 27.76
N LEU D 462 -1.06 -2.59 27.42
CA LEU D 462 -0.08 -2.96 28.42
C LEU D 462 0.30 -1.76 29.32
N ALA D 463 0.64 -0.62 28.73
CA ALA D 463 0.97 0.55 29.54
C ALA D 463 -0.16 0.97 30.50
N ASN D 464 -1.35 1.24 29.95
CA ASN D 464 -2.54 1.55 30.77
C ASN D 464 -2.84 0.52 31.86
N ASN D 465 -2.70 -0.76 31.52
CA ASN D 465 -3.03 -1.83 32.46
C ASN D 465 -2.10 -1.84 33.67
N ILE D 466 -0.80 -1.87 33.43
CA ILE D 466 0.20 -1.85 34.51
C ILE D 466 0.03 -0.61 35.38
N SER D 467 -0.14 0.55 34.74
CA SER D 467 -0.37 1.77 35.47
C SER D 467 -1.61 1.66 36.34
N ALA D 468 -2.65 1.03 35.80
CA ALA D 468 -3.92 0.91 36.49
C ALA D 468 -3.77 0.06 37.75
N ILE D 469 -2.99 -1.02 37.65
CA ILE D 469 -2.75 -1.89 38.79
C ILE D 469 -1.88 -1.20 39.85
N ILE D 470 -0.81 -0.54 39.41
CA ILE D 470 0.03 0.25 40.30
C ILE D 470 -0.85 1.19 41.11
N THR D 471 -1.62 2.03 40.41
CA THR D 471 -2.56 2.97 41.03
C THR D 471 -3.57 2.32 42.00
N LYS D 472 -4.08 1.15 41.65
CA LYS D 472 -4.98 0.43 42.55
C LYS D 472 -4.24 -0.07 43.78
N PHE D 473 -3.07 -0.67 43.58
CA PHE D 473 -2.23 -1.10 44.69
C PHE D 473 -2.01 0.07 45.69
N SER D 474 -1.92 1.30 45.16
CA SER D 474 -1.57 2.49 45.95
C SER D 474 -2.71 3.07 46.78
N THR D 475 -3.94 2.96 46.26
CA THR D 475 -5.10 3.59 46.89
C THR D 475 -5.81 2.66 47.88
N ASP D 476 -5.42 1.38 47.90
CA ASP D 476 -5.81 0.46 48.96
C ASP D 476 -4.94 -0.78 48.97
N PRO D 477 -3.75 -0.66 49.57
CA PRO D 477 -2.76 -1.72 49.79
C PRO D 477 -3.30 -2.84 50.67
N THR D 478 -4.38 -2.56 51.39
CA THR D 478 -4.95 -3.51 52.34
C THR D 478 -5.96 -4.44 51.69
N ALA D 479 -6.64 -3.95 50.67
CA ALA D 479 -7.64 -4.72 49.95
C ALA D 479 -7.12 -6.11 49.62
N ARG D 480 -8.00 -7.09 49.59
CA ARG D 480 -7.63 -8.45 49.19
C ARG D 480 -7.84 -8.61 47.69
N LEU D 481 -7.14 -9.58 47.09
CA LEU D 481 -7.06 -9.66 45.64
C LEU D 481 -8.39 -9.84 44.88
N LEU D 482 -8.92 -8.74 44.37
CA LEU D 482 -10.12 -8.72 43.55
C LEU D 482 -10.05 -7.55 42.56
N ASP D 483 -11.01 -7.50 41.63
CA ASP D 483 -11.33 -6.24 40.96
C ASP D 483 -10.55 -5.85 39.67
N ILE D 484 -9.28 -6.19 39.60
CA ILE D 484 -8.46 -5.82 38.44
C ILE D 484 -8.98 -6.48 37.16
N THR D 485 -8.80 -5.83 36.02
CA THR D 485 -8.27 -4.47 35.94
C THR D 485 -9.08 -3.65 34.92
C1 EDO E . -15.72 -18.73 5.21
O1 EDO E . -16.52 -17.80 5.94
C2 EDO E . -14.49 -19.12 6.03
O2 EDO E . -14.83 -19.93 7.17
C1 EDO F . -15.35 -23.58 6.20
O1 EDO F . -16.22 -23.92 7.29
C2 EDO F . -14.19 -24.58 6.10
O2 EDO F . -13.29 -24.20 5.05
C1 EDO G . -31.58 -17.26 5.54
O1 EDO G . -32.28 -16.81 6.72
C2 EDO G . -32.50 -18.12 4.66
O2 EDO G . -31.75 -19.03 3.85
C1 EDO H . -26.94 -12.78 11.90
O1 EDO H . -28.22 -12.44 12.48
C2 EDO H . -27.15 -13.77 10.76
O2 EDO H . -25.92 -13.83 10.01
C1 EDO I . -40.96 -34.93 15.18
O1 EDO I . -41.49 -34.81 16.53
C2 EDO I . -41.85 -35.81 14.29
O2 EDO I . -42.69 -35.00 13.45
C1 EDO J . -10.24 -44.81 18.94
O1 EDO J . -11.14 -45.07 20.03
C2 EDO J . -10.48 -43.40 18.38
O2 EDO J . -9.71 -43.23 17.20
C1 EDO K . -45.89 -31.74 30.68
O1 EDO K . -45.01 -32.36 31.63
C2 EDO K . -46.31 -32.77 29.63
O2 EDO K . -45.99 -32.28 28.32
C1 C8E L . 2.59 -14.17 23.88
C2 C8E L . 2.24 -14.66 22.47
C3 C8E L . 0.84 -15.27 22.39
C4 C8E L . 0.27 -15.25 20.96
C5 C8E L . -1.21 -14.84 20.90
C6 C8E L . -2.10 -15.99 20.42
C7 C8E L . -3.44 -15.46 19.93
C8 C8E L . -4.68 -16.09 20.57
O9 C8E L . -4.40 -17.01 21.60
C10 C8E L . -5.49 -17.25 22.48
C11 C8E L . -5.05 -18.11 23.67
O12 C8E L . -4.94 -17.27 24.81
C13 C8E L . -4.49 -17.90 25.98
C14 C8E L . -3.02 -17.52 26.21
O15 C8E L . -2.89 -16.37 27.02
C16 C8E L . -1.70 -15.64 26.73
C17 C8E L . -1.69 -14.32 27.48
O18 C8E L . -0.49 -13.62 27.23
C19 C8E L . -0.31 -12.50 28.08
C20 C8E L . 1.17 -12.20 28.28
O21 C8E L . 1.47 -10.92 27.77
C1 EDO M . -21.35 1.77 -22.75
O1 EDO M . -22.24 0.98 -21.95
C2 EDO M . -21.81 1.85 -24.20
O2 EDO M . -20.75 2.38 -25.01
C1 EDO N . -1.59 12.84 -25.41
O1 EDO N . -2.99 12.64 -25.68
C2 EDO N . -1.05 11.63 -24.66
O2 EDO N . 0.37 11.72 -24.57
C1 EDO O . -12.07 1.28 -35.33
O1 EDO O . -11.42 0.12 -34.76
C2 EDO O . -12.27 2.39 -34.30
O2 EDO O . -11.03 2.75 -33.67
C1 EDO P . -18.28 -0.14 -17.05
O1 EDO P . -18.43 0.48 -18.35
C2 EDO P . -18.54 -1.66 -17.06
O2 EDO P . -17.57 -2.37 -17.84
C1 EDO Q . -19.20 0.43 -39.30
O1 EDO Q . -20.58 0.03 -39.39
C2 EDO Q . -18.32 -0.73 -39.76
O2 EDO Q . -16.98 -0.58 -39.27
C1 EDO R . -12.44 8.87 -16.63
O1 EDO R . -13.79 9.10 -17.04
C2 EDO R . -11.63 8.31 -17.78
O2 EDO R . -10.25 8.26 -17.41
C1 EDO S . -22.37 -8.53 -6.63
O1 EDO S . -23.76 -8.43 -6.93
C2 EDO S . -21.95 -10.00 -6.48
O2 EDO S . -20.56 -10.17 -6.80
C1 EDO T . -7.98 11.86 -32.29
O1 EDO T . -7.97 10.59 -32.97
C2 EDO T . -6.59 12.48 -32.14
O2 EDO T . -6.61 13.91 -32.31
C1 EDO U . -29.96 -20.23 -26.24
O1 EDO U . -31.38 -20.08 -26.16
C2 EDO U . -29.61 -21.33 -27.24
O2 EDO U . -28.26 -21.77 -27.04
C1 EDO V . -0.64 8.74 -38.67
O1 EDO V . -1.50 9.02 -37.56
C2 EDO V . -0.48 10.00 -39.51
O2 EDO V . -1.64 10.83 -39.35
C1 C8E W . -2.50 14.19 -22.90
C2 C8E W . -2.60 13.07 -21.88
C3 C8E W . -3.24 11.84 -22.51
C4 C8E W . -4.73 12.00 -22.69
C5 C8E W . -5.31 10.66 -23.11
C6 C8E W . -4.97 10.38 -24.57
C7 C8E W . -5.59 11.42 -25.50
C8 C8E W . -5.26 11.13 -26.96
O9 C8E W . -5.13 12.31 -27.73
C10 C8E W . -3.98 12.18 -28.52
C11 C8E W . -3.52 13.54 -28.98
O12 C8E W . -2.43 13.87 -28.17
C13 C8E W . -1.22 13.77 -28.86
C14 C8E W . -0.22 14.69 -28.17
O15 C8E W . 0.56 13.95 -27.26
C16 C8E W . 1.65 14.71 -26.78
C17 C8E W . 2.95 14.08 -27.24
O18 C8E W . 4.10 14.82 -26.85
C19 C8E W . 4.20 15.04 -25.46
C20 C8E W . 5.63 14.72 -25.04
O21 C8E W . 5.69 13.34 -24.74
C1 EDO X . 0.46 16.22 -21.50
O1 EDO X . -0.87 15.87 -21.12
C2 EDO X . 0.67 15.95 -22.98
O2 EDO X . 1.98 16.34 -23.38
C1 EDO Y . 7.33 23.83 -25.37
O1 EDO Y . 6.61 24.61 -24.42
C2 EDO Y . 6.52 22.59 -25.74
O2 EDO Y . 5.24 22.95 -26.27
C1 EDO Z . 25.26 39.82 -9.74
O1 EDO Z . 24.56 39.59 -8.51
C2 EDO Z . 26.75 40.03 -9.46
O2 EDO Z . 27.49 40.07 -10.68
C1 EDO AA . 11.45 30.02 -18.30
O1 EDO AA . 10.88 28.70 -18.42
C2 EDO AA . 12.61 30.19 -19.30
O2 EDO AA . 12.93 31.58 -19.56
C1 EDO BA . -0.04 22.21 -38.65
O1 EDO BA . -0.74 23.02 -37.71
C2 EDO BA . -0.88 20.97 -38.96
O2 EDO BA . -0.29 20.25 -40.05
C1 EDO CA . 15.92 14.47 3.03
O1 EDO CA . 15.09 15.62 3.21
C2 EDO CA . 17.33 14.75 3.55
O2 EDO CA . 18.25 13.81 2.99
C1 EDO DA . 17.89 15.83 -6.96
O1 EDO DA . 17.01 16.88 -6.60
C2 EDO DA . 17.44 15.20 -8.28
O2 EDO DA . 17.73 16.06 -9.40
C1 EDO EA . 24.79 26.16 -22.70
O1 EDO EA . 24.91 25.10 -21.75
C2 EDO EA . 24.04 25.64 -23.94
O2 EDO EA . 24.47 26.36 -25.10
C1 C8E FA . -7.93 14.58 -23.92
C2 C8E FA . -6.61 14.57 -24.67
C3 C8E FA . -5.74 15.76 -24.28
C4 C8E FA . -5.45 16.56 -25.54
C5 C8E FA . -4.04 16.25 -26.01
C6 C8E FA . -3.06 16.95 -25.08
C7 C8E FA . -1.63 16.64 -25.51
C8 C8E FA . -0.77 17.79 -25.04
O9 C8E FA . 0.09 18.25 -26.07
C10 C8E FA . 1.44 17.93 -25.74
C11 C8E FA . 2.34 19.15 -25.70
O12 C8E FA . 2.98 19.19 -24.42
C13 C8E FA . 4.34 18.82 -24.43
C14 C8E FA . 4.86 18.62 -23.00
O15 C8E FA . 4.08 17.67 -22.30
C16 C8E FA . 4.78 16.72 -21.53
C17 C8E FA . 3.76 15.79 -20.86
O18 C8E FA . 3.75 14.49 -21.41
C19 C8E FA . 2.70 13.76 -20.84
C20 C8E FA . 1.75 13.04 -21.82
O21 C8E FA . 2.04 13.31 -23.17
C1 EDO GA . -6.90 2.08 20.89
O1 EDO GA . -7.83 2.07 21.99
C2 EDO GA . -5.50 1.81 21.42
O2 EDO GA . -4.52 2.46 20.57
C1 EDO HA . 7.57 -14.46 30.66
O1 EDO HA . 6.63 -14.59 31.73
C2 EDO HA . 8.92 -14.01 31.22
O2 EDO HA . 10.00 -14.46 30.38
C1 EDO IA . 17.78 10.50 19.17
O1 EDO IA . 17.19 9.63 20.14
C2 EDO IA . 18.89 9.78 18.40
O2 EDO IA . 18.37 8.72 17.57
C1 EDO JA . 17.73 3.61 25.29
O1 EDO JA . 17.25 2.80 26.37
C2 EDO JA . 16.81 4.79 25.02
O2 EDO JA . 16.74 5.09 23.62
C1 EDO KA . 17.98 -26.83 47.56
O1 EDO KA . 16.82 -26.93 46.72
C2 EDO KA . 19.11 -26.12 46.81
O2 EDO KA . 19.83 -25.26 47.71
C1 EDO LA . 14.84 -21.29 24.92
O1 EDO LA . 14.04 -22.16 25.73
C2 EDO LA . 15.65 -22.11 23.91
O2 EDO LA . 16.97 -21.57 23.80
C1 EDO MA . 14.75 4.05 19.75
O1 EDO MA . 14.95 3.01 20.71
C2 EDO MA . 16.01 4.37 18.94
O2 EDO MA . 16.41 3.22 18.17
C1 EDO NA . 19.08 -11.97 27.96
O1 EDO NA . 18.85 -11.32 29.20
C2 EDO NA . 17.75 -12.34 27.31
O2 EDO NA . 17.03 -11.15 26.96
C1 EDO OA . 9.53 13.35 50.20
O1 EDO OA . 9.73 12.32 51.18
C2 EDO OA . 10.86 13.74 49.58
O2 EDO OA . 10.65 14.29 48.27
C1 EDO PA . 19.80 0.36 37.51
O1 EDO PA . 18.84 -0.60 37.97
C2 EDO PA . 19.46 0.77 36.07
O2 EDO PA . 18.03 0.70 35.94
C1 C8E QA . 0.14 -11.98 23.69
C2 C8E QA . 0.77 -10.81 22.93
C3 C8E QA . 2.25 -11.03 22.65
C4 C8E QA . 3.14 -10.35 23.68
C5 C8E QA . 4.62 -10.57 23.38
C6 C8E QA . 5.23 -11.66 24.26
C7 C8E QA . 5.05 -11.34 25.75
C8 C8E QA . 5.90 -12.21 26.68
O9 C8E QA . 5.10 -12.88 27.64
C10 C8E QA . 5.16 -14.28 27.48
C11 C8E QA . 3.94 -15.02 28.03
O12 C8E QA . 2.99 -15.25 27.01
C13 C8E QA . 2.41 -16.54 26.97
C14 C8E QA . 2.38 -17.08 25.53
O15 C8E QA . 1.06 -17.42 25.15
C16 C8E QA . 0.99 -18.58 24.35
C17 C8E QA . -0.36 -19.29 24.54
O18 C8E QA . -1.25 -18.98 23.48
C19 C8E QA . -0.68 -19.26 22.21
C20 C8E QA . -1.65 -19.94 21.25
O21 C8E QA . -2.91 -20.17 21.84
#